data_6JL6
#
_entry.id   6JL6
#
_cell.length_a   88.420
_cell.length_b   158.607
_cell.length_c   89.200
_cell.angle_alpha   90.00
_cell.angle_beta   119.69
_cell.angle_gamma   90.00
#
_symmetry.space_group_name_H-M   'P 1 21 1'
#
loop_
_entity.id
_entity.type
_entity.pdbx_description
1 polymer 'Aspartate carbamoyltransferase'
2 non-polymer 'ASPARTIC ACID'
3 non-polymer 'PHOSPHATE ION'
4 water water
#
_entity_poly.entity_id   1
_entity_poly.type   'polypeptide(L)'
_entity_poly.pdbx_seq_one_letter_code
;SMLELPPVASLKGKSITSAEQFSRADIYALIHLASAMQRKIDAGEVLNLLQGRIMTPLFFEDSSRTFSSFCAAMIRLGGS
VVNFKVEASSINKGETLADTIRTLDSYSDVLVMRHPRQDAIEEALSVAQHPILNAGNGAGEHPTQALLDTLTIHSELGSV
DGITIALIGDLKMGRTVHSLLKLLVRNFSIKCVFLVAPDALQMPQDVLEPLQHEIATKGVIIHRTHALTDEVMQKSDVLY
TTRLQKERFMASTSDDAAALQSFAAKADITIDAARMRLAKEKMIVMHPLPRNDELSTTVDADPRAAYFRQMRYGMFMRMA
ILWSVLA
;
_entity_poly.pdbx_strand_id   A,B,C,D,E,F
#
# COMPACT_ATOMS: atom_id res chain seq x y z
N SER A 1 -32.63 33.53 -20.14
CA SER A 1 -34.00 33.91 -20.63
C SER A 1 -34.93 32.70 -20.85
N MET A 2 -36.11 32.81 -20.25
CA MET A 2 -37.15 31.81 -20.34
C MET A 2 -37.83 31.77 -21.71
N LEU A 3 -37.68 32.80 -22.54
CA LEU A 3 -38.16 32.74 -23.92
C LEU A 3 -37.19 31.94 -24.78
N GLU A 4 -35.92 32.32 -24.74
CA GLU A 4 -34.93 31.81 -25.70
C GLU A 4 -34.39 30.45 -25.27
N LEU A 5 -34.17 30.26 -23.96
CA LEU A 5 -33.50 29.09 -23.42
C LEU A 5 -34.24 28.58 -22.20
N PRO A 6 -35.53 28.24 -22.37
CA PRO A 6 -36.24 27.72 -21.22
C PRO A 6 -35.67 26.35 -20.85
N PRO A 7 -35.32 26.13 -19.57
CA PRO A 7 -34.85 24.78 -19.15
C PRO A 7 -35.96 23.74 -19.17
N VAL A 8 -35.62 22.47 -19.35
CA VAL A 8 -36.61 21.40 -19.38
C VAL A 8 -36.94 21.05 -17.93
N ALA A 9 -38.09 21.56 -17.48
CA ALA A 9 -38.49 21.59 -16.07
C ALA A 9 -38.49 20.21 -15.43
N SER A 10 -38.97 19.21 -16.17
CA SER A 10 -38.94 17.80 -15.73
C SER A 10 -37.55 17.30 -15.26
N LEU A 11 -36.45 17.89 -15.74
CA LEU A 11 -35.09 17.45 -15.38
C LEU A 11 -34.54 18.16 -14.14
N LYS A 12 -35.25 19.15 -13.59
CA LYS A 12 -34.71 19.97 -12.49
C LYS A 12 -34.30 19.08 -11.30
N GLY A 13 -33.02 19.13 -10.93
CA GLY A 13 -32.53 18.46 -9.73
C GLY A 13 -32.41 16.95 -9.85
N LYS A 14 -32.60 16.39 -11.06
CA LYS A 14 -32.69 14.94 -11.24
C LYS A 14 -31.39 14.37 -11.80
N SER A 15 -31.03 13.22 -11.26
CA SER A 15 -29.94 12.40 -11.79
C SER A 15 -30.41 11.76 -13.10
N ILE A 16 -29.46 11.56 -14.03
CA ILE A 16 -29.75 10.96 -15.32
C ILE A 16 -28.98 9.66 -15.41
N THR A 17 -29.71 8.56 -15.30
CA THR A 17 -29.08 7.26 -15.25
C THR A 17 -29.44 6.35 -16.43
N SER A 18 -30.64 6.53 -16.99
CA SER A 18 -31.14 5.64 -18.05
C SER A 18 -31.94 6.40 -19.11
N ALA A 19 -31.87 5.91 -20.33
CA ALA A 19 -32.73 6.38 -21.43
C ALA A 19 -34.20 6.25 -21.12
N GLU A 20 -34.55 5.29 -20.24
CA GLU A 20 -35.91 5.01 -19.83
C GLU A 20 -36.58 6.13 -19.06
N GLN A 21 -35.81 7.00 -18.43
CA GLN A 21 -36.43 8.07 -17.65
C GLN A 21 -37.08 9.21 -18.44
N PHE A 22 -36.83 9.29 -19.76
CA PHE A 22 -37.32 10.39 -20.60
C PHE A 22 -38.62 10.06 -21.33
N SER A 23 -39.50 11.06 -21.41
CA SER A 23 -40.68 10.98 -22.23
C SER A 23 -40.32 11.56 -23.62
N ARG A 24 -41.22 11.34 -24.58
CA ARG A 24 -41.08 11.94 -25.90
C ARG A 24 -41.01 13.47 -25.78
N ALA A 25 -41.91 14.05 -25.00
CA ALA A 25 -41.90 15.50 -24.74
C ALA A 25 -40.59 15.99 -24.15
N ASP A 26 -40.02 15.26 -23.19
CA ASP A 26 -38.70 15.63 -22.62
C ASP A 26 -37.65 15.72 -23.73
N ILE A 27 -37.65 14.74 -24.61
CA ILE A 27 -36.63 14.62 -25.66
C ILE A 27 -36.72 15.78 -26.66
N TYR A 28 -37.93 16.08 -27.12
CA TYR A 28 -38.14 17.24 -28.01
C TYR A 28 -37.85 18.58 -27.34
N ALA A 29 -38.20 18.70 -26.06
CA ALA A 29 -37.83 19.89 -25.29
C ALA A 29 -36.28 20.02 -25.20
N LEU A 30 -35.58 18.93 -24.93
CA LEU A 30 -34.11 18.97 -24.96
C LEU A 30 -33.57 19.30 -26.34
N ILE A 31 -34.18 18.74 -27.39
CA ILE A 31 -33.73 18.96 -28.76
C ILE A 31 -33.87 20.45 -29.11
N HIS A 32 -35.02 21.04 -28.81
CA HIS A 32 -35.28 22.45 -29.14
C HIS A 32 -34.37 23.36 -28.31
N LEU A 33 -34.13 23.02 -27.06
CA LEU A 33 -33.20 23.76 -26.22
C LEU A 33 -31.76 23.68 -26.78
N ALA A 34 -31.35 22.47 -27.18
CA ALA A 34 -30.02 22.27 -27.73
C ALA A 34 -29.81 23.10 -29.00
N SER A 35 -30.83 23.19 -29.85
CA SER A 35 -30.73 23.96 -31.10
C SER A 35 -30.64 25.43 -30.82
N ALA A 36 -31.39 25.91 -29.83
CA ALA A 36 -31.29 27.32 -29.43
C ALA A 36 -29.92 27.64 -28.82
N MET A 37 -29.38 26.72 -28.00
CA MET A 37 -28.01 26.86 -27.47
C MET A 37 -27.02 26.97 -28.63
N GLN A 38 -27.15 26.08 -29.60
CA GLN A 38 -26.30 26.08 -30.79
C GLN A 38 -26.37 27.42 -31.52
N ARG A 39 -27.58 27.92 -31.76
CA ARG A 39 -27.73 29.22 -32.47
C ARG A 39 -26.99 30.35 -31.74
N LYS A 40 -27.11 30.43 -30.42
CA LYS A 40 -26.44 31.50 -29.66
C LYS A 40 -24.92 31.35 -29.63
N ILE A 41 -24.42 30.13 -29.34
CA ILE A 41 -22.97 29.90 -29.33
C ILE A 41 -22.35 30.17 -30.70
N ASP A 42 -22.98 29.69 -31.76
CA ASP A 42 -22.48 29.93 -33.13
C ASP A 42 -22.51 31.40 -33.55
N ALA A 43 -23.41 32.19 -32.98
CA ALA A 43 -23.42 33.66 -33.18
C ALA A 43 -22.46 34.42 -32.26
N GLY A 44 -21.69 33.71 -31.44
CA GLY A 44 -20.71 34.32 -30.57
C GLY A 44 -21.23 34.85 -29.26
N GLU A 45 -22.49 34.58 -28.92
CA GLU A 45 -23.03 35.04 -27.64
C GLU A 45 -22.42 34.25 -26.47
N VAL A 46 -22.23 34.94 -25.36
CA VAL A 46 -21.64 34.37 -24.15
C VAL A 46 -22.79 34.15 -23.17
N LEU A 47 -22.89 32.93 -22.64
CA LEU A 47 -23.93 32.59 -21.68
C LEU A 47 -23.37 32.61 -20.26
N ASN A 48 -24.18 33.13 -19.34
CA ASN A 48 -23.83 33.20 -17.92
C ASN A 48 -24.82 32.49 -17.02
N LEU A 49 -25.42 31.44 -17.57
CA LEU A 49 -26.51 30.78 -16.90
C LEU A 49 -26.11 30.05 -15.63
N LEU A 50 -24.92 29.46 -15.58
CA LEU A 50 -24.50 28.63 -14.45
C LEU A 50 -23.25 29.17 -13.75
N GLN A 51 -23.09 30.49 -13.75
CA GLN A 51 -22.02 31.16 -13.03
C GLN A 51 -22.03 30.73 -11.56
N GLY A 52 -20.87 30.30 -11.07
CA GLY A 52 -20.72 29.87 -9.69
C GLY A 52 -21.11 28.44 -9.39
N ARG A 53 -21.57 27.69 -10.38
CA ARG A 53 -21.94 26.29 -10.21
C ARG A 53 -20.80 25.39 -10.69
N ILE A 54 -20.67 24.25 -10.03
CA ILE A 54 -19.52 23.34 -10.24
C ILE A 54 -19.97 21.96 -10.70
N MET A 55 -19.37 21.54 -11.81
CA MET A 55 -19.43 20.18 -12.29
C MET A 55 -18.11 19.51 -11.97
N THR A 56 -18.21 18.34 -11.35
CA THR A 56 -17.02 17.55 -11.09
C THR A 56 -17.16 16.20 -11.79
N PRO A 57 -16.25 15.90 -12.74
CA PRO A 57 -16.11 14.59 -13.34
C PRO A 57 -15.56 13.55 -12.36
N LEU A 58 -16.08 12.33 -12.45
CA LEU A 58 -15.62 11.22 -11.67
C LEU A 58 -15.49 10.05 -12.61
N PHE A 59 -14.36 9.98 -13.28
CA PHE A 59 -14.14 9.02 -14.36
C PHE A 59 -13.23 7.90 -13.88
N PHE A 60 -13.83 6.75 -13.55
CA PHE A 60 -13.06 5.55 -13.18
C PHE A 60 -12.50 4.78 -14.37
N GLU A 61 -12.97 5.11 -15.57
CA GLU A 61 -12.24 4.75 -16.78
C GLU A 61 -12.18 6.01 -17.62
N ASP A 62 -11.20 6.06 -18.51
CA ASP A 62 -10.96 7.25 -19.27
C ASP A 62 -11.92 7.36 -20.43
N SER A 63 -12.14 8.60 -20.83
CA SER A 63 -12.70 8.95 -22.12
C SER A 63 -12.52 10.43 -22.25
N SER A 64 -11.44 10.82 -22.91
CA SER A 64 -11.17 12.23 -23.14
C SER A 64 -12.33 12.88 -23.90
N ARG A 65 -12.90 12.18 -24.90
CA ARG A 65 -14.05 12.72 -25.65
C ARG A 65 -15.33 12.99 -24.83
N THR A 66 -15.76 12.05 -23.99
CA THR A 66 -16.96 12.24 -23.18
C THR A 66 -16.70 13.29 -22.08
N PHE A 67 -15.54 13.17 -21.43
CA PHE A 67 -15.10 14.13 -20.41
C PHE A 67 -15.03 15.57 -20.96
N SER A 68 -14.31 15.77 -22.06
CA SER A 68 -14.14 17.12 -22.61
C SER A 68 -15.45 17.73 -23.13
N SER A 69 -16.33 16.89 -23.67
CA SER A 69 -17.66 17.29 -24.13
C SER A 69 -18.47 17.89 -22.98
N PHE A 70 -18.54 17.18 -21.85
CA PHE A 70 -19.24 17.71 -20.67
C PHE A 70 -18.60 18.98 -20.12
N CYS A 71 -17.26 19.02 -20.10
CA CYS A 71 -16.54 20.19 -19.55
C CYS A 71 -16.83 21.40 -20.41
N ALA A 72 -16.70 21.23 -21.72
CA ALA A 72 -16.98 22.31 -22.67
C ALA A 72 -18.40 22.83 -22.50
N ALA A 73 -19.34 21.90 -22.31
CA ALA A 73 -20.73 22.26 -22.16
C ALA A 73 -20.96 23.06 -20.89
N MET A 74 -20.36 22.64 -19.79
CA MET A 74 -20.47 23.38 -18.55
C MET A 74 -19.89 24.80 -18.68
N ILE A 75 -18.69 24.91 -19.26
CA ILE A 75 -18.00 26.17 -19.43
C ILE A 75 -18.80 27.15 -20.32
N ARG A 76 -19.40 26.64 -21.39
CA ARG A 76 -20.18 27.47 -22.30
C ARG A 76 -21.54 27.93 -21.72
N LEU A 77 -21.98 27.33 -20.62
CA LEU A 77 -23.09 27.86 -19.82
C LEU A 77 -22.66 28.85 -18.72
N GLY A 78 -21.36 29.14 -18.65
CA GLY A 78 -20.79 30.01 -17.64
C GLY A 78 -20.40 29.29 -16.36
N GLY A 79 -20.58 27.97 -16.33
CA GLY A 79 -20.24 27.19 -15.14
C GLY A 79 -18.77 26.87 -15.05
N SER A 80 -18.42 26.13 -14.00
CA SER A 80 -17.02 25.79 -13.71
C SER A 80 -16.86 24.29 -13.48
N VAL A 81 -15.63 23.83 -13.62
CA VAL A 81 -15.29 22.41 -13.55
C VAL A 81 -14.17 22.25 -12.53
N VAL A 82 -14.31 21.28 -11.63
CA VAL A 82 -13.20 20.92 -10.76
C VAL A 82 -12.63 19.64 -11.31
N ASN A 83 -11.37 19.72 -11.70
CA ASN A 83 -10.68 18.65 -12.43
C ASN A 83 -10.23 17.48 -11.55
N PHE A 84 -11.18 16.76 -10.95
CA PHE A 84 -10.83 15.59 -10.12
C PHE A 84 -10.34 14.41 -10.98
N LYS A 85 -9.28 13.73 -10.51
CA LYS A 85 -8.73 12.53 -11.17
C LYS A 85 -8.72 11.38 -10.19
N VAL A 86 -9.09 10.20 -10.68
CA VAL A 86 -9.03 8.97 -9.87
C VAL A 86 -7.58 8.53 -9.72
N GLU A 87 -6.85 8.40 -10.83
CA GLU A 87 -5.43 8.03 -10.79
C GLU A 87 -4.77 8.33 -12.14
N LYS A 93 -4.80 4.93 -1.08
CA LYS A 93 -4.99 4.98 0.38
C LYS A 93 -6.26 4.23 0.85
N GLY A 94 -6.91 3.50 -0.06
CA GLY A 94 -8.02 2.62 0.26
C GLY A 94 -9.39 3.25 0.43
N GLU A 95 -9.63 4.43 -0.14
CA GLU A 95 -10.94 5.10 0.01
C GLU A 95 -12.00 4.42 -0.85
N THR A 96 -13.20 4.24 -0.31
CA THR A 96 -14.29 3.58 -1.03
C THR A 96 -14.94 4.50 -2.08
N LEU A 97 -15.73 3.87 -2.96
CA LEU A 97 -16.53 4.58 -3.95
C LEU A 97 -17.50 5.54 -3.27
N ALA A 98 -18.23 5.05 -2.27
CA ALA A 98 -19.20 5.88 -1.56
C ALA A 98 -18.56 7.12 -0.91
N ASP A 99 -17.41 6.94 -0.25
CA ASP A 99 -16.70 8.06 0.37
C ASP A 99 -16.16 9.08 -0.65
N THR A 100 -15.66 8.61 -1.80
CA THR A 100 -15.26 9.45 -2.93
C THR A 100 -16.44 10.29 -3.40
N ILE A 101 -17.60 9.67 -3.51
CA ILE A 101 -18.81 10.37 -3.90
C ILE A 101 -19.20 11.44 -2.87
N ARG A 102 -19.19 11.07 -1.60
CA ARG A 102 -19.46 12.05 -0.54
C ARG A 102 -18.48 13.24 -0.57
N THR A 103 -17.21 12.97 -0.83
CA THR A 103 -16.18 14.01 -0.96
C THR A 103 -16.51 15.02 -2.07
N LEU A 104 -16.72 14.52 -3.28
CA LEU A 104 -17.06 15.37 -4.43
C LEU A 104 -18.39 16.13 -4.18
N ASP A 105 -19.33 15.43 -3.55
CA ASP A 105 -20.62 15.97 -3.14
C ASP A 105 -20.56 17.15 -2.16
N SER A 106 -19.51 17.22 -1.35
CA SER A 106 -19.35 18.30 -0.38
C SER A 106 -19.10 19.67 -1.01
N TYR A 107 -18.61 19.71 -2.24
CA TYR A 107 -18.36 21.00 -2.92
C TYR A 107 -18.93 21.21 -4.32
N SER A 108 -19.59 20.18 -4.86
CA SER A 108 -20.07 20.18 -6.26
C SER A 108 -21.58 20.41 -6.36
N ASP A 109 -22.01 20.87 -7.54
CA ASP A 109 -23.43 20.98 -7.87
C ASP A 109 -23.89 19.79 -8.70
N VAL A 110 -22.98 19.19 -9.48
CA VAL A 110 -23.33 18.08 -10.31
C VAL A 110 -22.09 17.20 -10.51
N LEU A 111 -22.30 15.89 -10.45
CA LEU A 111 -21.25 14.91 -10.72
C LEU A 111 -21.52 14.25 -12.05
N VAL A 112 -20.46 14.03 -12.82
CA VAL A 112 -20.53 13.26 -14.05
C VAL A 112 -19.66 12.01 -13.88
N MET A 113 -20.32 10.86 -13.83
CA MET A 113 -19.66 9.62 -13.41
C MET A 113 -19.60 8.61 -14.56
N ARG A 114 -18.39 8.12 -14.82
CA ARG A 114 -18.19 7.00 -15.72
C ARG A 114 -17.46 5.90 -14.94
N HIS A 115 -17.89 4.65 -15.12
CA HIS A 115 -17.40 3.54 -14.29
C HIS A 115 -17.50 2.17 -15.01
N PRO A 116 -16.44 1.32 -14.92
CA PRO A 116 -16.49 -0.02 -15.58
C PRO A 116 -17.53 -1.02 -15.02
N ARG A 117 -17.85 -0.94 -13.74
CA ARG A 117 -18.98 -1.65 -13.15
C ARG A 117 -20.37 -1.05 -13.38
N GLN A 118 -21.29 -1.89 -13.84
CA GLN A 118 -22.66 -1.50 -14.15
C GLN A 118 -23.42 -0.97 -12.93
N ASP A 119 -23.19 -1.61 -11.78
CA ASP A 119 -23.91 -1.29 -10.55
C ASP A 119 -23.38 -0.05 -9.79
N ALA A 120 -22.21 0.45 -10.19
CA ALA A 120 -21.57 1.59 -9.51
C ALA A 120 -22.45 2.84 -9.46
N ILE A 121 -23.25 3.06 -10.51
CA ILE A 121 -24.17 4.19 -10.57
C ILE A 121 -25.20 4.14 -9.45
N GLU A 122 -25.79 2.98 -9.22
CA GLU A 122 -26.78 2.82 -8.14
C GLU A 122 -26.18 3.01 -6.75
N GLU A 123 -24.92 2.59 -6.57
CA GLU A 123 -24.22 2.75 -5.30
C GLU A 123 -23.92 4.23 -5.05
N ALA A 124 -23.44 4.92 -6.08
CA ALA A 124 -23.26 6.36 -6.03
C ALA A 124 -24.55 7.11 -5.68
N LEU A 125 -25.67 6.73 -6.31
CA LEU A 125 -26.96 7.40 -6.09
C LEU A 125 -27.51 7.26 -4.67
N SER A 126 -27.20 6.16 -4.00
CA SER A 126 -27.62 5.94 -2.61
C SER A 126 -26.95 6.89 -1.59
N VAL A 127 -25.81 7.50 -1.94
CA VAL A 127 -25.13 8.44 -1.05
C VAL A 127 -25.09 9.90 -1.54
N ALA A 128 -25.17 10.13 -2.86
CA ALA A 128 -25.07 11.50 -3.41
C ALA A 128 -26.26 12.35 -3.00
N GLN A 129 -26.01 13.60 -2.65
CA GLN A 129 -27.06 14.59 -2.44
C GLN A 129 -27.31 15.45 -3.69
N HIS A 130 -26.32 15.59 -4.55
CA HIS A 130 -26.47 16.33 -5.80
C HIS A 130 -26.68 15.38 -6.99
N PRO A 131 -27.23 15.89 -8.11
CA PRO A 131 -27.49 15.00 -9.24
C PRO A 131 -26.23 14.37 -9.83
N ILE A 132 -26.38 13.12 -10.27
CA ILE A 132 -25.30 12.38 -10.93
C ILE A 132 -25.75 12.14 -12.36
N LEU A 133 -24.87 12.45 -13.31
CA LEU A 133 -25.10 12.17 -14.72
C LEU A 133 -24.23 10.97 -15.09
N ASN A 134 -24.89 9.90 -15.53
CA ASN A 134 -24.22 8.68 -15.92
C ASN A 134 -23.57 8.90 -17.29
N ALA A 135 -22.25 9.02 -17.30
CA ALA A 135 -21.48 9.08 -18.55
C ALA A 135 -20.97 7.70 -19.04
N GLY A 136 -21.52 6.62 -18.49
CA GLY A 136 -21.25 5.23 -18.95
C GLY A 136 -21.03 4.30 -17.76
N ASN A 137 -21.81 3.23 -17.67
CA ASN A 137 -21.71 2.30 -16.53
C ASN A 137 -21.51 0.88 -17.01
N GLY A 138 -20.25 0.48 -17.13
CA GLY A 138 -19.90 -0.82 -17.72
C GLY A 138 -20.59 -1.01 -19.06
N ALA A 139 -21.27 -2.14 -19.21
CA ALA A 139 -21.99 -2.46 -20.44
C ALA A 139 -23.48 -2.13 -20.32
N GLY A 140 -23.86 -1.29 -19.36
CA GLY A 140 -25.25 -0.87 -19.14
C GLY A 140 -25.64 0.18 -20.16
N GLU A 141 -25.53 1.45 -19.76
CA GLU A 141 -26.12 2.54 -20.55
C GLU A 141 -25.20 3.73 -20.67
N HIS A 142 -25.58 4.62 -21.60
CA HIS A 142 -24.89 5.88 -21.86
C HIS A 142 -26.02 6.86 -22.28
N PRO A 143 -26.85 7.29 -21.30
CA PRO A 143 -28.10 7.97 -21.64
C PRO A 143 -27.93 9.31 -22.37
N THR A 144 -26.94 10.11 -21.99
CA THR A 144 -26.68 11.38 -22.70
C THR A 144 -26.18 11.17 -24.14
N GLN A 145 -25.48 10.07 -24.42
CA GLN A 145 -25.13 9.72 -25.80
C GLN A 145 -26.39 9.43 -26.62
N ALA A 146 -27.32 8.68 -26.04
CA ALA A 146 -28.57 8.38 -26.74
C ALA A 146 -29.32 9.67 -27.10
N LEU A 147 -29.34 10.62 -26.15
CA LEU A 147 -29.95 11.92 -26.36
C LEU A 147 -29.26 12.73 -27.47
N LEU A 148 -27.93 12.81 -27.45
CA LEU A 148 -27.22 13.54 -28.51
C LEU A 148 -27.30 12.85 -29.87
N ASP A 149 -27.31 11.52 -29.86
CA ASP A 149 -27.49 10.71 -31.07
C ASP A 149 -28.85 11.04 -31.74
N THR A 150 -29.89 11.13 -30.94
CA THR A 150 -31.24 11.45 -31.40
C THR A 150 -31.38 12.89 -31.88
N LEU A 151 -30.73 13.85 -31.20
CA LEU A 151 -30.60 15.20 -31.72
C LEU A 151 -29.92 15.20 -33.10
N THR A 152 -28.90 14.35 -33.26
CA THR A 152 -28.16 14.27 -34.50
C THR A 152 -29.09 13.78 -35.63
N ILE A 153 -29.85 12.72 -35.37
CA ILE A 153 -30.81 12.18 -36.34
C ILE A 153 -31.84 13.25 -36.71
N HIS A 154 -32.48 13.81 -35.69
CA HIS A 154 -33.49 14.86 -35.85
C HIS A 154 -32.93 15.96 -36.74
N SER A 155 -31.77 16.52 -36.35
CA SER A 155 -31.20 17.68 -37.06
C SER A 155 -30.76 17.37 -38.49
N GLU A 156 -30.17 16.20 -38.72
CA GLU A 156 -29.65 15.82 -40.04
C GLU A 156 -30.75 15.42 -41.02
N LEU A 157 -31.69 14.61 -40.56
CA LEU A 157 -32.73 14.04 -41.42
C LEU A 157 -34.06 14.76 -41.33
N GLY A 158 -34.32 15.52 -40.26
CA GLY A 158 -35.57 16.26 -40.10
C GLY A 158 -36.67 15.52 -39.33
N SER A 159 -36.53 14.21 -39.16
CA SER A 159 -37.52 13.40 -38.46
C SER A 159 -36.87 12.17 -37.83
N VAL A 160 -37.40 11.77 -36.68
CA VAL A 160 -37.01 10.52 -36.04
C VAL A 160 -38.09 9.47 -36.27
N ASP A 161 -39.35 9.84 -36.08
CA ASP A 161 -40.47 8.94 -36.45
C ASP A 161 -40.31 8.46 -37.88
N GLY A 162 -40.47 7.15 -38.11
CA GLY A 162 -40.53 6.57 -39.46
C GLY A 162 -39.21 6.15 -40.07
N ILE A 163 -38.10 6.34 -39.36
CA ILE A 163 -36.79 5.95 -39.85
C ILE A 163 -36.57 4.45 -39.79
N THR A 164 -35.67 4.01 -40.66
CA THR A 164 -35.06 2.69 -40.60
C THR A 164 -33.61 2.89 -40.13
N ILE A 165 -33.24 2.21 -39.04
CA ILE A 165 -31.94 2.39 -38.38
C ILE A 165 -31.26 1.04 -38.18
N ALA A 166 -29.99 0.96 -38.56
CA ALA A 166 -29.17 -0.19 -38.29
C ALA A 166 -28.26 0.16 -37.12
N LEU A 167 -28.24 -0.73 -36.14
CA LEU A 167 -27.29 -0.67 -35.05
C LEU A 167 -26.27 -1.76 -35.34
N ILE A 168 -25.00 -1.36 -35.51
CA ILE A 168 -23.94 -2.24 -36.05
C ILE A 168 -22.78 -2.36 -35.05
N GLY A 169 -22.22 -3.56 -34.91
CA GLY A 169 -21.00 -3.79 -34.10
C GLY A 169 -21.25 -4.64 -32.86
N ASP A 170 -20.54 -4.35 -31.77
CA ASP A 170 -20.67 -5.14 -30.54
C ASP A 170 -21.87 -4.65 -29.78
N LEU A 171 -23.03 -5.23 -30.11
CA LEU A 171 -24.30 -4.79 -29.53
C LEU A 171 -24.47 -5.34 -28.12
N LYS A 172 -23.79 -6.44 -27.80
CA LYS A 172 -23.88 -7.06 -26.47
C LYS A 172 -23.28 -6.16 -25.40
N MET A 173 -22.06 -5.71 -25.64
CA MET A 173 -21.33 -4.88 -24.68
C MET A 173 -21.49 -3.38 -24.90
N GLY A 174 -22.09 -2.98 -26.02
CA GLY A 174 -22.21 -1.57 -26.38
C GLY A 174 -23.24 -0.78 -25.59
N ARG A 175 -22.77 0.04 -24.65
CA ARG A 175 -23.71 0.83 -23.85
C ARG A 175 -24.44 1.90 -24.66
N THR A 176 -23.81 2.39 -25.72
CA THR A 176 -24.44 3.43 -26.51
C THR A 176 -25.64 2.86 -27.28
N VAL A 177 -25.49 1.67 -27.89
CA VAL A 177 -26.62 1.07 -28.60
C VAL A 177 -27.71 0.58 -27.66
N HIS A 178 -27.38 0.20 -26.43
CA HIS A 178 -28.42 -0.16 -25.45
C HIS A 178 -29.33 1.05 -25.18
N SER A 179 -28.72 2.18 -24.85
CA SER A 179 -29.49 3.38 -24.54
C SER A 179 -30.20 3.92 -25.77
N LEU A 180 -29.56 3.84 -26.93
CA LEU A 180 -30.16 4.43 -28.14
C LEU A 180 -31.40 3.64 -28.52
N LEU A 181 -31.29 2.32 -28.53
CA LEU A 181 -32.45 1.47 -28.85
C LEU A 181 -33.61 1.71 -27.91
N LYS A 182 -33.34 1.85 -26.63
CA LYS A 182 -34.40 2.13 -25.65
C LYS A 182 -35.05 3.50 -25.93
N LEU A 183 -34.22 4.50 -26.14
CA LEU A 183 -34.73 5.87 -26.27
C LEU A 183 -35.58 6.02 -27.53
N LEU A 184 -35.10 5.43 -28.62
CA LEU A 184 -35.82 5.47 -29.90
C LEU A 184 -37.12 4.68 -29.91
N VAL A 185 -37.06 3.41 -29.52
CA VAL A 185 -38.27 2.57 -29.55
C VAL A 185 -39.35 3.00 -28.55
N ARG A 186 -38.94 3.47 -27.37
CA ARG A 186 -39.92 3.86 -26.35
C ARG A 186 -40.66 5.10 -26.74
N ASN A 187 -40.00 6.00 -27.45
CA ASN A 187 -40.51 7.39 -27.61
C ASN A 187 -40.83 7.85 -29.04
N PHE A 188 -40.54 7.00 -30.02
CA PHE A 188 -40.76 7.31 -31.43
C PHE A 188 -41.37 6.10 -32.14
N SER A 189 -42.01 6.38 -33.26
CA SER A 189 -42.58 5.36 -34.12
C SER A 189 -41.51 4.95 -35.12
N ILE A 190 -40.57 4.14 -34.66
CA ILE A 190 -39.47 3.67 -35.50
C ILE A 190 -40.00 2.64 -36.50
N LYS A 191 -39.69 2.82 -37.77
CA LYS A 191 -40.22 1.92 -38.79
C LYS A 191 -39.55 0.55 -38.71
N CYS A 192 -38.22 0.53 -38.71
CA CYS A 192 -37.47 -0.72 -38.75
C CYS A 192 -36.10 -0.58 -38.08
N VAL A 193 -35.72 -1.57 -37.30
CA VAL A 193 -34.40 -1.63 -36.67
C VAL A 193 -33.70 -2.86 -37.20
N PHE A 194 -32.49 -2.68 -37.74
CA PHE A 194 -31.59 -3.77 -38.09
C PHE A 194 -30.52 -3.91 -37.00
N LEU A 195 -30.36 -5.12 -36.46
CA LEU A 195 -29.36 -5.38 -35.44
C LEU A 195 -28.29 -6.24 -36.12
N VAL A 196 -27.21 -5.58 -36.53
CA VAL A 196 -26.16 -6.18 -37.37
C VAL A 196 -25.00 -6.58 -36.48
N ALA A 197 -24.92 -7.88 -36.19
CA ALA A 197 -23.95 -8.42 -35.28
C ALA A 197 -24.03 -9.93 -35.35
N PRO A 198 -22.90 -10.62 -35.15
CA PRO A 198 -22.98 -12.05 -34.88
C PRO A 198 -23.75 -12.35 -33.59
N ASP A 199 -24.34 -13.54 -33.52
CA ASP A 199 -25.15 -13.94 -32.36
C ASP A 199 -24.46 -13.77 -31.01
N ALA A 200 -23.17 -14.06 -30.97
CA ALA A 200 -22.39 -13.93 -29.74
C ALA A 200 -22.29 -12.47 -29.22
N LEU A 201 -22.42 -11.49 -30.11
CA LEU A 201 -22.37 -10.07 -29.74
C LEU A 201 -23.69 -9.33 -30.02
N GLN A 202 -24.80 -10.08 -30.04
CA GLN A 202 -26.09 -9.49 -30.41
C GLN A 202 -26.69 -8.61 -29.30
N MET A 203 -27.72 -7.84 -29.64
CA MET A 203 -28.42 -6.98 -28.66
C MET A 203 -28.95 -7.83 -27.50
N PRO A 204 -28.71 -7.43 -26.25
CA PRO A 204 -29.13 -8.36 -25.20
C PRO A 204 -30.63 -8.52 -25.08
N GLN A 205 -31.03 -9.72 -24.69
CA GLN A 205 -32.43 -10.02 -24.42
C GLN A 205 -33.03 -9.08 -23.35
N ASP A 206 -32.23 -8.71 -22.34
CA ASP A 206 -32.70 -7.77 -21.29
C ASP A 206 -32.86 -6.32 -21.78
N VAL A 207 -32.37 -5.99 -22.98
CA VAL A 207 -32.77 -4.76 -23.69
C VAL A 207 -34.03 -4.96 -24.54
N LEU A 208 -34.13 -6.09 -25.25
CA LEU A 208 -35.28 -6.30 -26.16
C LEU A 208 -36.59 -6.59 -25.42
N GLU A 209 -36.53 -7.47 -24.43
CA GLU A 209 -37.74 -7.94 -23.76
C GLU A 209 -38.59 -6.81 -23.13
N PRO A 210 -37.96 -5.86 -22.42
CA PRO A 210 -38.76 -4.75 -21.88
C PRO A 210 -39.36 -3.81 -22.92
N LEU A 211 -38.83 -3.82 -24.14
CA LEU A 211 -39.39 -3.02 -25.24
C LEU A 211 -40.54 -3.72 -25.97
N GLN A 212 -40.92 -4.91 -25.51
CA GLN A 212 -41.96 -5.74 -26.15
C GLN A 212 -43.25 -4.99 -26.44
N HIS A 213 -43.79 -4.35 -25.41
CA HIS A 213 -45.01 -3.55 -25.53
C HIS A 213 -44.91 -2.42 -26.58
N GLU A 214 -43.77 -1.70 -26.59
CA GLU A 214 -43.58 -0.59 -27.54
C GLU A 214 -43.47 -1.11 -28.99
N ILE A 215 -42.75 -2.22 -29.17
CA ILE A 215 -42.59 -2.90 -30.46
C ILE A 215 -43.95 -3.32 -31.04
N ALA A 216 -44.79 -4.00 -30.24
CA ALA A 216 -46.12 -4.42 -30.65
C ALA A 216 -47.04 -3.24 -30.94
N THR A 217 -47.10 -2.30 -30.01
CA THR A 217 -48.04 -1.16 -30.08
C THR A 217 -47.76 -0.23 -31.29
N LYS A 218 -46.49 -0.04 -31.63
CA LYS A 218 -46.12 0.82 -32.77
C LYS A 218 -45.79 0.02 -34.03
N GLY A 219 -45.80 -1.30 -33.93
CA GLY A 219 -45.57 -2.17 -35.09
C GLY A 219 -44.17 -2.03 -35.64
N VAL A 220 -43.18 -1.96 -34.74
CA VAL A 220 -41.80 -1.74 -35.15
C VAL A 220 -41.26 -3.05 -35.73
N ILE A 221 -40.60 -2.97 -36.88
CA ILE A 221 -39.97 -4.14 -37.48
C ILE A 221 -38.57 -4.26 -36.90
N ILE A 222 -38.19 -5.44 -36.43
CA ILE A 222 -36.80 -5.73 -36.02
C ILE A 222 -36.28 -7.01 -36.67
N HIS A 223 -35.14 -6.90 -37.35
CA HIS A 223 -34.43 -8.03 -37.94
C HIS A 223 -32.98 -8.06 -37.51
N ARG A 224 -32.47 -9.27 -37.21
CA ARG A 224 -31.05 -9.52 -36.98
C ARG A 224 -30.38 -9.86 -38.30
N THR A 225 -29.16 -9.38 -38.52
CA THR A 225 -28.28 -9.89 -39.59
C THR A 225 -26.91 -10.13 -39.00
N HIS A 226 -26.16 -11.05 -39.60
CA HIS A 226 -24.76 -11.32 -39.22
C HIS A 226 -23.85 -10.33 -39.90
N ALA A 227 -24.27 -9.80 -41.05
CA ALA A 227 -23.44 -8.95 -41.88
C ALA A 227 -24.22 -7.73 -42.34
N LEU A 228 -23.49 -6.76 -42.87
CA LEU A 228 -24.09 -5.54 -43.43
C LEU A 228 -24.55 -5.83 -44.84
N THR A 229 -25.70 -6.46 -44.96
CA THR A 229 -26.20 -6.92 -46.27
C THR A 229 -26.59 -5.72 -47.13
N ASP A 230 -26.76 -5.97 -48.42
CA ASP A 230 -27.25 -4.96 -49.36
C ASP A 230 -28.59 -4.39 -48.94
N GLU A 231 -29.47 -5.25 -48.45
CA GLU A 231 -30.78 -4.82 -47.96
C GLU A 231 -30.65 -3.77 -46.85
N VAL A 232 -29.75 -4.00 -45.90
CA VAL A 232 -29.54 -3.06 -44.78
C VAL A 232 -29.05 -1.71 -45.34
N MET A 233 -28.02 -1.77 -46.17
CA MET A 233 -27.49 -0.59 -46.86
C MET A 233 -28.54 0.19 -47.64
N GLN A 234 -29.43 -0.52 -48.35
CA GLN A 234 -30.41 0.13 -49.22
C GLN A 234 -31.58 0.74 -48.47
N LYS A 235 -32.01 0.10 -47.38
CA LYS A 235 -33.20 0.56 -46.64
C LYS A 235 -32.92 1.49 -45.46
N SER A 236 -31.69 1.51 -44.95
CA SER A 236 -31.39 2.30 -43.75
C SER A 236 -31.30 3.81 -44.00
N ASP A 237 -32.06 4.56 -43.22
CA ASP A 237 -31.91 6.03 -43.12
C ASP A 237 -30.74 6.42 -42.21
N VAL A 238 -30.43 5.58 -41.23
CA VAL A 238 -29.29 5.76 -40.32
C VAL A 238 -28.49 4.48 -40.22
N LEU A 239 -27.19 4.58 -40.37
CA LEU A 239 -26.25 3.49 -40.12
C LEU A 239 -25.43 3.87 -38.92
N TYR A 240 -25.68 3.20 -37.80
CA TYR A 240 -25.09 3.59 -36.52
C TYR A 240 -24.19 2.47 -36.15
N THR A 241 -22.90 2.72 -36.25
CA THR A 241 -21.92 1.67 -36.09
C THR A 241 -21.01 1.93 -34.91
N THR A 242 -20.38 0.84 -34.47
CA THR A 242 -19.58 0.80 -33.28
C THR A 242 -18.48 -0.23 -33.45
N ARG A 243 -17.47 -0.16 -32.60
CA ARG A 243 -16.40 -1.15 -32.61
C ARG A 243 -16.95 -2.55 -32.30
N LEU A 244 -16.59 -3.52 -33.14
CA LEU A 244 -16.96 -4.92 -32.93
C LEU A 244 -16.14 -5.50 -31.78
N GLN A 245 -14.87 -5.10 -31.66
CA GLN A 245 -14.04 -5.43 -30.51
C GLN A 245 -13.16 -4.24 -30.10
N LYS A 246 -12.63 -4.35 -28.88
CA LYS A 246 -11.58 -3.50 -28.24
C LYS A 246 -12.16 -2.68 -27.10
N LYS A 266 -13.49 -8.49 -37.71
CA LYS A 266 -14.41 -7.49 -38.26
C LYS A 266 -15.06 -7.98 -39.57
N ALA A 267 -15.63 -9.20 -39.52
CA ALA A 267 -16.15 -9.90 -40.71
C ALA A 267 -17.48 -9.34 -41.27
N ASP A 268 -17.36 -8.61 -42.38
CA ASP A 268 -18.48 -8.21 -43.26
C ASP A 268 -19.42 -7.14 -42.65
N ILE A 269 -18.92 -6.35 -41.71
CA ILE A 269 -19.62 -5.18 -41.18
C ILE A 269 -18.99 -3.83 -41.54
N THR A 270 -17.87 -3.82 -42.27
CA THR A 270 -17.14 -2.58 -42.57
C THR A 270 -17.94 -1.67 -43.49
N ILE A 271 -18.00 -0.38 -43.13
CA ILE A 271 -18.57 0.65 -43.99
C ILE A 271 -17.37 1.37 -44.59
N ASP A 272 -17.29 1.33 -45.93
CA ASP A 272 -16.30 2.10 -46.69
C ASP A 272 -16.93 2.79 -47.90
N ALA A 273 -16.14 3.52 -48.68
CA ALA A 273 -16.64 4.19 -49.86
C ALA A 273 -17.34 3.20 -50.80
N ALA A 274 -16.81 1.99 -50.91
CA ALA A 274 -17.39 0.95 -51.77
C ALA A 274 -18.78 0.55 -51.26
N ARG A 275 -18.90 0.19 -49.98
CA ARG A 275 -20.23 -0.14 -49.43
C ARG A 275 -21.23 1.03 -49.58
N MET A 276 -20.75 2.25 -49.41
CA MET A 276 -21.60 3.43 -49.45
C MET A 276 -22.25 3.66 -50.81
N ARG A 277 -21.69 3.08 -51.88
CA ARG A 277 -22.37 3.11 -53.19
C ARG A 277 -23.76 2.47 -53.17
N LEU A 278 -24.02 1.57 -52.20
CA LEU A 278 -25.34 0.97 -52.00
C LEU A 278 -26.32 1.80 -51.18
N ALA A 279 -25.83 2.79 -50.44
CA ALA A 279 -26.66 3.58 -49.54
C ALA A 279 -27.65 4.49 -50.26
N LYS A 280 -28.70 4.88 -49.56
CA LYS A 280 -29.59 5.95 -50.03
C LYS A 280 -28.78 7.22 -50.21
N GLU A 281 -29.28 8.08 -51.10
CA GLU A 281 -28.72 9.40 -51.30
C GLU A 281 -28.86 10.23 -50.02
N LYS A 282 -30.02 10.14 -49.36
CA LYS A 282 -30.26 10.90 -48.15
C LYS A 282 -30.42 10.00 -46.93
N MET A 283 -29.32 9.95 -46.18
CA MET A 283 -29.19 9.15 -44.96
C MET A 283 -27.93 9.66 -44.25
N ILE A 284 -27.66 9.15 -43.05
CA ILE A 284 -26.42 9.46 -42.34
C ILE A 284 -25.77 8.22 -41.77
N VAL A 285 -24.43 8.27 -41.67
CA VAL A 285 -23.63 7.29 -40.99
C VAL A 285 -23.21 7.96 -39.68
N MET A 286 -23.37 7.23 -38.58
CA MET A 286 -23.06 7.73 -37.24
C MET A 286 -22.15 6.72 -36.56
N HIS A 287 -21.37 7.21 -35.59
CA HIS A 287 -20.47 6.39 -34.80
C HIS A 287 -20.16 7.19 -33.54
N PRO A 288 -20.42 6.64 -32.33
CA PRO A 288 -20.10 7.38 -31.08
C PRO A 288 -18.61 7.59 -30.79
N LEU A 289 -17.75 6.77 -31.40
CA LEU A 289 -16.29 6.91 -31.44
C LEU A 289 -15.76 6.43 -30.07
N PRO A 290 -14.50 6.00 -29.97
CA PRO A 290 -13.56 5.85 -31.09
C PRO A 290 -13.86 4.70 -32.06
N ARG A 291 -13.33 4.82 -33.28
CA ARG A 291 -13.56 3.84 -34.34
C ARG A 291 -12.30 3.00 -34.59
N ASN A 292 -12.47 1.74 -34.99
CA ASN A 292 -11.40 0.97 -35.65
C ASN A 292 -11.72 0.88 -37.16
N ASP A 293 -11.44 -0.26 -37.80
CA ASP A 293 -11.60 -0.41 -39.25
C ASP A 293 -13.03 -0.68 -39.71
N GLU A 294 -13.98 -0.86 -38.79
CA GLU A 294 -15.41 -0.93 -39.16
C GLU A 294 -15.94 0.33 -39.90
N LEU A 295 -15.25 1.46 -39.76
CA LEU A 295 -15.65 2.69 -40.44
C LEU A 295 -14.42 3.31 -41.07
N SER A 296 -14.28 3.08 -42.37
CA SER A 296 -13.12 3.52 -43.15
C SER A 296 -13.04 5.04 -43.24
N THR A 297 -11.81 5.57 -43.22
CA THR A 297 -11.59 7.01 -43.46
C THR A 297 -11.98 7.42 -44.86
N THR A 298 -12.10 6.48 -45.78
CA THR A 298 -12.64 6.77 -47.12
C THR A 298 -14.07 7.30 -47.11
N VAL A 299 -14.81 7.07 -46.03
CA VAL A 299 -16.19 7.61 -45.89
C VAL A 299 -16.20 9.06 -45.39
N ASP A 300 -15.10 9.52 -44.78
CA ASP A 300 -15.08 10.79 -44.03
C ASP A 300 -15.48 12.02 -44.82
N ALA A 301 -15.18 12.03 -46.11
CA ALA A 301 -15.46 13.19 -46.97
C ALA A 301 -16.91 13.19 -47.49
N ASP A 302 -17.63 12.09 -47.29
CA ASP A 302 -19.01 11.98 -47.76
C ASP A 302 -19.93 12.97 -46.96
N PRO A 303 -20.84 13.67 -47.66
CA PRO A 303 -21.84 14.48 -46.92
C PRO A 303 -22.70 13.67 -45.89
N ARG A 304 -22.82 12.37 -46.12
CA ARG A 304 -23.59 11.48 -45.28
C ARG A 304 -22.86 11.06 -44.01
N ALA A 305 -21.55 11.29 -43.96
CA ALA A 305 -20.74 11.05 -42.78
C ALA A 305 -21.06 12.12 -41.74
N ALA A 306 -21.87 11.76 -40.74
CA ALA A 306 -22.33 12.67 -39.71
C ALA A 306 -21.64 12.47 -38.36
N TYR A 307 -20.62 11.61 -38.31
CA TYR A 307 -20.01 11.22 -37.02
C TYR A 307 -19.06 12.25 -36.39
N PHE A 308 -18.62 13.24 -37.14
CA PHE A 308 -17.92 14.38 -36.56
C PHE A 308 -18.91 15.44 -36.10
N ARG A 309 -19.90 15.76 -36.92
CA ARG A 309 -21.00 16.66 -36.54
C ARG A 309 -21.71 16.18 -35.26
N GLN A 310 -21.87 14.86 -35.16
CA GLN A 310 -22.45 14.21 -34.00
C GLN A 310 -21.79 14.69 -32.68
N MET A 311 -20.47 14.83 -32.66
CA MET A 311 -19.77 15.31 -31.47
C MET A 311 -20.15 16.73 -31.12
N ARG A 312 -20.35 17.57 -32.12
CA ARG A 312 -20.73 18.94 -31.84
C ARG A 312 -22.16 19.03 -31.35
N TYR A 313 -23.06 18.23 -31.95
CA TYR A 313 -24.41 18.08 -31.40
C TYR A 313 -24.36 17.61 -29.93
N GLY A 314 -23.41 16.72 -29.62
CA GLY A 314 -23.13 16.31 -28.25
C GLY A 314 -22.92 17.44 -27.27
N MET A 315 -22.00 18.35 -27.57
CA MET A 315 -21.81 19.53 -26.73
C MET A 315 -23.11 20.27 -26.44
N PHE A 316 -23.88 20.58 -27.48
CA PHE A 316 -25.11 21.37 -27.31
C PHE A 316 -26.20 20.60 -26.59
N MET A 317 -26.29 19.28 -26.81
CA MET A 317 -27.24 18.48 -26.03
C MET A 317 -26.81 18.45 -24.55
N ARG A 318 -25.53 18.33 -24.29
CA ARG A 318 -25.04 18.38 -22.90
C ARG A 318 -25.25 19.73 -22.23
N MET A 319 -25.12 20.83 -22.98
CA MET A 319 -25.55 22.17 -22.51
C MET A 319 -27.05 22.21 -22.09
N ALA A 320 -27.92 21.67 -22.93
CA ALA A 320 -29.36 21.64 -22.62
C ALA A 320 -29.63 20.77 -21.39
N ILE A 321 -28.91 19.65 -21.27
CA ILE A 321 -29.06 18.78 -20.09
C ILE A 321 -28.61 19.45 -18.79
N LEU A 322 -27.40 19.99 -18.78
CA LEU A 322 -26.82 20.67 -17.60
C LEU A 322 -27.66 21.83 -17.12
N TRP A 323 -28.10 22.64 -18.08
CA TRP A 323 -28.93 23.82 -17.77
C TRP A 323 -30.24 23.37 -17.17
N SER A 324 -30.85 22.33 -17.76
CA SER A 324 -32.13 21.81 -17.28
C SER A 324 -31.99 21.17 -15.90
N VAL A 325 -30.88 20.47 -15.66
CA VAL A 325 -30.67 19.86 -14.35
C VAL A 325 -30.47 20.90 -13.23
N LEU A 326 -29.71 21.94 -13.53
CA LEU A 326 -29.26 22.90 -12.53
C LEU A 326 -30.00 24.24 -12.48
N ALA A 327 -30.95 24.49 -13.37
CA ALA A 327 -31.70 25.76 -13.37
C ALA A 327 -32.55 25.95 -12.10
N SER B 1 -6.58 51.12 -16.70
CA SER B 1 -5.57 52.04 -17.25
C SER B 1 -6.17 52.65 -18.52
N MET B 2 -5.52 53.70 -18.98
CA MET B 2 -5.92 54.34 -20.24
C MET B 2 -5.27 53.70 -21.48
N LEU B 3 -4.52 52.61 -21.29
CA LEU B 3 -3.97 51.86 -22.42
C LEU B 3 -5.08 51.02 -23.00
N GLU B 4 -5.06 50.87 -24.31
CA GLU B 4 -6.00 49.96 -24.96
C GLU B 4 -5.23 48.75 -25.43
N LEU B 5 -5.98 47.73 -25.84
CA LEU B 5 -5.40 46.45 -26.21
C LEU B 5 -5.85 46.09 -27.62
N PRO B 6 -5.35 46.84 -28.64
CA PRO B 6 -5.75 46.49 -29.99
C PRO B 6 -5.13 45.13 -30.38
N PRO B 7 -5.96 44.18 -30.83
CA PRO B 7 -5.38 42.92 -31.29
C PRO B 7 -4.54 43.13 -32.55
N VAL B 8 -3.51 42.31 -32.73
CA VAL B 8 -2.71 42.39 -33.97
C VAL B 8 -3.54 41.75 -35.08
N ALA B 9 -4.05 42.61 -35.97
CA ALA B 9 -5.03 42.21 -37.00
C ALA B 9 -4.57 41.11 -37.94
N SER B 10 -3.29 41.14 -38.33
CA SER B 10 -2.73 40.11 -39.21
C SER B 10 -2.76 38.67 -38.66
N LEU B 11 -2.91 38.51 -37.33
CA LEU B 11 -2.96 37.19 -36.69
C LEU B 11 -4.36 36.60 -36.53
N LYS B 12 -5.40 37.38 -36.86
CA LYS B 12 -6.80 36.99 -36.64
C LYS B 12 -7.14 35.68 -37.34
N GLY B 13 -7.64 34.71 -36.57
CA GLY B 13 -8.02 33.42 -37.14
C GLY B 13 -6.88 32.56 -37.68
N LYS B 14 -5.62 32.97 -37.50
CA LYS B 14 -4.48 32.27 -38.12
C LYS B 14 -3.87 31.25 -37.16
N SER B 15 -3.47 30.11 -37.69
CA SER B 15 -2.63 29.19 -36.96
C SER B 15 -1.20 29.72 -36.89
N ILE B 16 -0.55 29.51 -35.76
CA ILE B 16 0.82 29.95 -35.54
C ILE B 16 1.66 28.68 -35.55
N THR B 17 2.40 28.48 -36.62
CA THR B 17 3.24 27.28 -36.78
C THR B 17 4.72 27.55 -36.93
N SER B 18 5.09 28.70 -37.50
CA SER B 18 6.49 29.01 -37.75
C SER B 18 6.83 30.46 -37.42
N ALA B 19 8.05 30.65 -36.96
CA ALA B 19 8.64 31.99 -36.83
C ALA B 19 8.65 32.75 -38.15
N GLU B 20 8.70 32.02 -39.27
CA GLU B 20 8.71 32.62 -40.61
C GLU B 20 7.46 33.42 -41.00
N GLN B 21 6.33 33.13 -40.37
CA GLN B 21 5.08 33.81 -40.74
C GLN B 21 4.91 35.26 -40.22
N PHE B 22 5.84 35.76 -39.40
CA PHE B 22 5.72 37.08 -38.77
C PHE B 22 6.60 38.11 -39.48
N SER B 23 6.06 39.30 -39.66
CA SER B 23 6.83 40.45 -40.11
C SER B 23 7.42 41.18 -38.90
N ARG B 24 8.36 42.09 -39.17
CA ARG B 24 8.88 42.99 -38.14
C ARG B 24 7.74 43.77 -37.47
N ALA B 25 6.79 44.25 -38.25
CA ALA B 25 5.66 45.01 -37.72
C ALA B 25 4.72 44.17 -36.81
N ASP B 26 4.48 42.91 -37.19
CA ASP B 26 3.73 41.95 -36.34
C ASP B 26 4.40 41.77 -34.97
N ILE B 27 5.72 41.58 -34.99
CA ILE B 27 6.50 41.35 -33.78
C ILE B 27 6.43 42.53 -32.83
N TYR B 28 6.58 43.74 -33.36
CA TYR B 28 6.53 44.96 -32.51
C TYR B 28 5.13 45.23 -32.01
N ALA B 29 4.15 44.99 -32.87
CA ALA B 29 2.77 45.08 -32.46
C ALA B 29 2.48 44.11 -31.30
N LEU B 30 2.97 42.88 -31.40
CA LEU B 30 2.82 41.89 -30.32
C LEU B 30 3.58 42.29 -29.05
N ILE B 31 4.77 42.87 -29.20
CA ILE B 31 5.55 43.34 -28.04
C ILE B 31 4.82 44.44 -27.27
N HIS B 32 4.29 45.42 -28.01
CA HIS B 32 3.59 46.53 -27.39
C HIS B 32 2.25 46.11 -26.77
N LEU B 33 1.56 45.16 -27.39
CA LEU B 33 0.36 44.58 -26.80
C LEU B 33 0.70 43.81 -25.52
N ALA B 34 1.70 42.94 -25.58
CA ALA B 34 2.16 42.20 -24.38
C ALA B 34 2.54 43.15 -23.22
N SER B 35 3.22 44.25 -23.55
CA SER B 35 3.63 45.22 -22.53
C SER B 35 2.44 45.90 -21.88
N ALA B 36 1.43 46.24 -22.68
CA ALA B 36 0.22 46.87 -22.15
C ALA B 36 -0.58 45.88 -21.27
N MET B 37 -0.70 44.62 -21.72
CA MET B 37 -1.29 43.58 -20.87
C MET B 37 -0.56 43.40 -19.55
N GLN B 38 0.78 43.45 -19.58
CA GLN B 38 1.60 43.36 -18.39
C GLN B 38 1.27 44.46 -17.37
N ARG B 39 1.13 45.67 -17.88
CA ARG B 39 0.81 46.84 -17.03
C ARG B 39 -0.57 46.72 -16.39
N LYS B 40 -1.58 46.34 -17.17
CA LYS B 40 -2.93 46.14 -16.64
C LYS B 40 -2.98 45.01 -15.60
N ILE B 41 -2.43 43.85 -15.94
CA ILE B 41 -2.41 42.69 -15.03
C ILE B 41 -1.65 43.03 -13.75
N ASP B 42 -0.47 43.64 -13.87
CA ASP B 42 0.28 44.04 -12.68
C ASP B 42 -0.40 45.10 -11.79
N ALA B 43 -1.27 45.92 -12.37
CA ALA B 43 -2.11 46.85 -11.61
C ALA B 43 -3.37 46.21 -11.01
N GLY B 44 -3.63 44.94 -11.30
CA GLY B 44 -4.77 44.20 -10.77
C GLY B 44 -6.03 44.24 -11.61
N GLU B 45 -5.93 44.75 -12.83
CA GLU B 45 -7.09 44.78 -13.75
C GLU B 45 -7.46 43.40 -14.22
N VAL B 46 -8.76 43.18 -14.37
CA VAL B 46 -9.32 41.93 -14.79
C VAL B 46 -9.77 42.09 -16.23
N LEU B 47 -9.16 41.32 -17.13
CA LEU B 47 -9.52 41.35 -18.55
C LEU B 47 -10.57 40.28 -18.82
N ASN B 48 -11.60 40.66 -19.57
CA ASN B 48 -12.65 39.75 -19.96
C ASN B 48 -12.83 39.74 -21.47
N LEU B 49 -11.71 39.65 -22.18
CA LEU B 49 -11.69 39.71 -23.63
C LEU B 49 -12.15 38.42 -24.28
N LEU B 50 -11.81 37.28 -23.68
CA LEU B 50 -12.14 35.99 -24.29
C LEU B 50 -13.11 35.18 -23.45
N GLN B 51 -14.01 35.86 -22.74
CA GLN B 51 -15.08 35.15 -22.03
C GLN B 51 -15.83 34.22 -22.98
N GLY B 52 -16.05 32.99 -22.53
CA GLY B 52 -16.77 32.00 -23.33
C GLY B 52 -15.98 31.33 -24.44
N ARG B 53 -14.69 31.62 -24.56
CA ARG B 53 -13.82 30.96 -25.53
C ARG B 53 -13.01 29.88 -24.81
N ILE B 54 -12.79 28.76 -25.51
CA ILE B 54 -12.11 27.58 -24.94
C ILE B 54 -10.80 27.29 -25.68
N MET B 55 -9.74 27.11 -24.88
CA MET B 55 -8.46 26.58 -25.31
C MET B 55 -8.36 25.11 -24.90
N THR B 56 -7.87 24.25 -25.80
CA THR B 56 -7.64 22.85 -25.48
C THR B 56 -6.24 22.38 -25.90
N PRO B 57 -5.56 21.58 -25.02
CA PRO B 57 -4.23 21.12 -25.34
C PRO B 57 -4.28 19.85 -26.14
N LEU B 58 -3.23 19.65 -26.92
CA LEU B 58 -3.06 18.44 -27.65
C LEU B 58 -1.59 18.10 -27.50
N PHE B 59 -1.26 17.68 -26.27
CA PHE B 59 0.12 17.42 -25.83
C PHE B 59 0.45 15.92 -25.86
N PHE B 60 0.93 15.47 -27.03
CA PHE B 60 1.45 14.12 -27.23
C PHE B 60 2.82 13.89 -26.59
N GLU B 61 3.45 14.95 -26.08
CA GLU B 61 4.57 14.84 -25.15
C GLU B 61 4.42 15.95 -24.11
N ASP B 62 4.85 15.66 -22.88
CA ASP B 62 4.52 16.49 -21.73
C ASP B 62 5.41 17.71 -21.58
N SER B 63 4.80 18.83 -21.22
CA SER B 63 5.54 20.00 -20.79
C SER B 63 4.68 20.90 -19.92
N SER B 64 4.78 20.69 -18.61
CA SER B 64 4.02 21.44 -17.63
C SER B 64 4.29 22.94 -17.72
N ARG B 65 5.55 23.34 -17.91
CA ARG B 65 5.86 24.77 -18.06
C ARG B 65 5.13 25.35 -19.27
N THR B 66 5.19 24.65 -20.40
CA THR B 66 4.51 25.10 -21.63
C THR B 66 3.00 25.12 -21.48
N PHE B 67 2.44 23.97 -21.13
CA PHE B 67 1.01 23.82 -20.97
C PHE B 67 0.44 24.91 -20.04
N SER B 68 1.12 25.11 -18.91
CA SER B 68 0.65 25.97 -17.82
C SER B 68 0.76 27.43 -18.21
N SER B 69 1.84 27.78 -18.92
CA SER B 69 2.00 29.12 -19.51
C SER B 69 0.83 29.50 -20.40
N PHE B 70 0.42 28.59 -21.30
CA PHE B 70 -0.73 28.84 -22.17
C PHE B 70 -2.07 28.95 -21.42
N CYS B 71 -2.32 28.03 -20.48
CA CYS B 71 -3.54 28.06 -19.68
C CYS B 71 -3.65 29.38 -18.90
N ALA B 72 -2.56 29.78 -18.26
CA ALA B 72 -2.53 31.01 -17.48
C ALA B 72 -2.84 32.22 -18.37
N ALA B 73 -2.21 32.29 -19.54
CA ALA B 73 -2.51 33.35 -20.54
C ALA B 73 -3.97 33.36 -20.96
N MET B 74 -4.54 32.21 -21.31
CA MET B 74 -5.96 32.15 -21.65
C MET B 74 -6.85 32.65 -20.50
N ILE B 75 -6.58 32.15 -19.30
CA ILE B 75 -7.38 32.50 -18.11
C ILE B 75 -7.32 33.99 -17.77
N ARG B 76 -6.13 34.59 -17.85
CA ARG B 76 -5.98 36.03 -17.62
C ARG B 76 -6.60 36.93 -18.68
N LEU B 77 -6.97 36.37 -19.83
CA LEU B 77 -7.85 37.03 -20.80
C LEU B 77 -9.34 36.77 -20.57
N GLY B 78 -9.69 36.07 -19.49
CA GLY B 78 -11.09 35.68 -19.26
C GLY B 78 -11.54 34.45 -20.01
N GLY B 79 -10.63 33.80 -20.74
CA GLY B 79 -10.96 32.55 -21.44
C GLY B 79 -10.93 31.33 -20.53
N SER B 80 -11.30 30.19 -21.08
CA SER B 80 -11.38 28.95 -20.32
C SER B 80 -10.57 27.86 -21.01
N VAL B 81 -10.33 26.79 -20.26
CA VAL B 81 -9.46 25.70 -20.67
C VAL B 81 -10.21 24.38 -20.48
N VAL B 82 -10.18 23.52 -21.49
CA VAL B 82 -10.68 22.15 -21.33
C VAL B 82 -9.53 21.19 -21.51
N ASN B 83 -9.34 20.29 -20.56
CA ASN B 83 -8.28 19.28 -20.71
C ASN B 83 -8.64 18.18 -21.71
N PHE B 84 -7.63 17.71 -22.43
CA PHE B 84 -7.73 16.52 -23.32
C PHE B 84 -6.40 15.79 -23.34
N LYS B 85 -6.25 14.80 -22.47
CA LYS B 85 -5.01 14.02 -22.46
C LYS B 85 -5.09 12.88 -23.45
N VAL B 86 -3.96 12.58 -24.07
CA VAL B 86 -3.88 11.57 -25.11
C VAL B 86 -3.80 10.17 -24.47
N GLU B 87 -2.88 10.00 -23.51
CA GLU B 87 -2.81 8.76 -22.69
C GLU B 87 -2.99 9.13 -21.22
N GLU B 95 -5.88 5.79 -31.41
CA GLU B 95 -6.76 6.66 -32.19
C GLU B 95 -5.93 7.62 -33.04
N THR B 96 -6.35 7.82 -34.28
CA THR B 96 -5.57 8.63 -35.21
C THR B 96 -5.49 10.11 -34.78
N LEU B 97 -4.43 10.77 -35.21
CA LEU B 97 -4.24 12.20 -34.96
C LEU B 97 -5.39 12.99 -35.58
N ALA B 98 -5.82 12.57 -36.76
CA ALA B 98 -6.90 13.23 -37.45
C ALA B 98 -8.23 13.19 -36.64
N ASP B 99 -8.55 12.03 -36.07
CA ASP B 99 -9.78 11.86 -35.28
C ASP B 99 -9.73 12.63 -33.96
N THR B 100 -8.55 12.63 -33.35
CA THR B 100 -8.30 13.41 -32.17
C THR B 100 -8.51 14.90 -32.44
N ILE B 101 -7.92 15.42 -33.51
CA ILE B 101 -8.09 16.82 -33.93
C ILE B 101 -9.57 17.15 -34.19
N ARG B 102 -10.27 16.32 -34.96
CA ARG B 102 -11.70 16.58 -35.24
C ARG B 102 -12.53 16.61 -33.94
N THR B 103 -12.15 15.78 -32.97
CA THR B 103 -12.82 15.74 -31.66
C THR B 103 -12.60 17.06 -30.90
N LEU B 104 -11.35 17.48 -30.83
CA LEU B 104 -11.01 18.76 -30.22
C LEU B 104 -11.73 19.93 -30.91
N ASP B 105 -11.77 19.90 -32.23
CA ASP B 105 -12.47 20.93 -33.01
C ASP B 105 -13.97 21.03 -32.76
N SER B 106 -14.60 19.92 -32.35
CA SER B 106 -16.04 19.90 -32.08
C SER B 106 -16.47 20.87 -30.94
N TYR B 107 -15.56 21.17 -30.00
CA TYR B 107 -15.91 22.04 -28.88
C TYR B 107 -15.00 23.21 -28.57
N SER B 108 -13.86 23.34 -29.27
CA SER B 108 -12.81 24.30 -28.91
C SER B 108 -12.82 25.53 -29.80
N ASP B 109 -12.19 26.60 -29.31
CA ASP B 109 -11.89 27.79 -30.12
C ASP B 109 -10.43 27.86 -30.60
N VAL B 110 -9.51 27.25 -29.84
CA VAL B 110 -8.11 27.21 -30.21
C VAL B 110 -7.46 25.94 -29.64
N LEU B 111 -6.60 25.32 -30.46
CA LEU B 111 -5.82 24.17 -30.07
C LEU B 111 -4.35 24.53 -29.87
N VAL B 112 -3.78 24.03 -28.78
CA VAL B 112 -2.36 24.20 -28.50
C VAL B 112 -1.71 22.83 -28.59
N MET B 113 -0.91 22.64 -29.63
CA MET B 113 -0.41 21.31 -29.98
C MET B 113 1.09 21.20 -29.69
N ARG B 114 1.48 20.13 -29.00
CA ARG B 114 2.88 19.76 -28.89
C ARG B 114 2.98 18.27 -29.22
N HIS B 115 3.97 17.93 -30.05
CA HIS B 115 4.07 16.61 -30.64
C HIS B 115 5.55 16.30 -30.88
N PRO B 116 5.99 15.04 -30.61
CA PRO B 116 7.40 14.67 -30.83
C PRO B 116 7.79 14.52 -32.30
N ARG B 117 6.83 14.24 -33.19
CA ARG B 117 7.02 14.32 -34.67
C ARG B 117 6.89 15.71 -35.30
N GLN B 118 7.93 16.11 -36.04
CA GLN B 118 8.01 17.40 -36.71
C GLN B 118 6.90 17.63 -37.74
N ASP B 119 6.44 16.56 -38.41
CA ASP B 119 5.43 16.71 -39.46
C ASP B 119 3.97 16.66 -38.97
N ALA B 120 3.76 16.32 -37.69
CA ALA B 120 2.40 16.29 -37.11
C ALA B 120 1.60 17.60 -37.28
N ILE B 121 2.29 18.74 -37.20
CA ILE B 121 1.68 20.06 -37.43
C ILE B 121 1.01 20.16 -38.80
N GLU B 122 1.70 19.73 -39.86
CA GLU B 122 1.14 19.81 -41.22
C GLU B 122 -0.12 18.96 -41.35
N GLU B 123 -0.10 17.74 -40.80
CA GLU B 123 -1.26 16.85 -40.81
C GLU B 123 -2.41 17.46 -40.02
N ALA B 124 -2.07 17.97 -38.82
CA ALA B 124 -3.06 18.61 -37.96
C ALA B 124 -3.72 19.78 -38.71
N LEU B 125 -2.92 20.61 -39.36
CA LEU B 125 -3.44 21.77 -40.11
C LEU B 125 -4.44 21.40 -41.22
N SER B 126 -4.24 20.26 -41.88
CA SER B 126 -5.08 19.86 -43.00
C SER B 126 -6.49 19.42 -42.57
N VAL B 127 -6.67 19.00 -41.32
CA VAL B 127 -8.01 18.64 -40.84
C VAL B 127 -8.63 19.65 -39.85
N ALA B 128 -7.84 20.52 -39.24
CA ALA B 128 -8.39 21.38 -38.17
C ALA B 128 -9.21 22.56 -38.72
N GLN B 129 -10.31 22.85 -38.05
CA GLN B 129 -11.20 23.95 -38.40
C GLN B 129 -10.90 25.21 -37.60
N HIS B 130 -10.25 25.07 -36.44
CA HIS B 130 -9.93 26.22 -35.60
C HIS B 130 -8.42 26.41 -35.61
N PRO B 131 -7.94 27.62 -35.27
CA PRO B 131 -6.49 27.81 -35.22
C PRO B 131 -5.76 26.83 -34.30
N ILE B 132 -4.61 26.38 -34.77
CA ILE B 132 -3.68 25.61 -33.97
C ILE B 132 -2.50 26.51 -33.67
N LEU B 133 -2.08 26.49 -32.40
CA LEU B 133 -0.83 27.14 -31.97
C LEU B 133 0.17 26.03 -31.74
N ASN B 134 1.27 26.08 -32.47
CA ASN B 134 2.36 25.13 -32.34
C ASN B 134 3.20 25.39 -31.10
N ALA B 135 3.09 24.51 -30.10
CA ALA B 135 3.91 24.59 -28.87
C ALA B 135 5.12 23.63 -28.89
N GLY B 136 5.47 23.10 -30.05
CA GLY B 136 6.66 22.28 -30.22
C GLY B 136 6.38 21.10 -31.14
N ASN B 137 7.05 21.06 -32.29
CA ASN B 137 6.89 19.94 -33.21
C ASN B 137 8.26 19.30 -33.44
N GLY B 138 8.54 18.25 -32.64
CA GLY B 138 9.81 17.51 -32.67
C GLY B 138 11.00 18.42 -32.57
N ALA B 139 11.97 18.25 -33.48
CA ALA B 139 13.12 19.15 -33.59
C ALA B 139 12.85 20.34 -34.52
N GLY B 140 11.59 20.64 -34.82
CA GLY B 140 11.24 21.70 -35.78
C GLY B 140 11.30 23.09 -35.16
N GLU B 141 10.16 23.57 -34.70
CA GLU B 141 10.00 24.94 -34.23
C GLU B 141 9.18 25.06 -32.95
N HIS B 142 9.28 26.25 -32.39
CA HIS B 142 8.58 26.65 -31.16
C HIS B 142 8.37 28.14 -31.34
N PRO B 143 7.44 28.51 -32.24
CA PRO B 143 7.34 29.91 -32.64
C PRO B 143 6.91 30.91 -31.54
N THR B 144 6.04 30.51 -30.60
CA THR B 144 5.67 31.44 -29.52
C THR B 144 6.81 31.66 -28.55
N GLN B 145 7.72 30.68 -28.45
CA GLN B 145 8.92 30.81 -27.61
C GLN B 145 9.84 31.86 -28.22
N ALA B 146 10.05 31.81 -29.55
CA ALA B 146 10.85 32.84 -30.22
C ALA B 146 10.32 34.26 -30.00
N LEU B 147 9.00 34.43 -30.11
CA LEU B 147 8.34 35.69 -29.84
C LEU B 147 8.50 36.16 -28.38
N LEU B 148 8.35 35.26 -27.42
CA LEU B 148 8.54 35.66 -26.01
C LEU B 148 10.01 35.92 -25.70
N ASP B 149 10.90 35.14 -26.32
CA ASP B 149 12.35 35.39 -26.22
C ASP B 149 12.74 36.78 -26.71
N THR B 150 12.13 37.22 -27.82
CA THR B 150 12.38 38.52 -28.41
C THR B 150 11.77 39.64 -27.58
N LEU B 151 10.58 39.41 -27.00
CA LEU B 151 10.02 40.34 -25.99
C LEU B 151 10.99 40.55 -24.84
N THR B 152 11.57 39.45 -24.37
CA THR B 152 12.52 39.49 -23.27
C THR B 152 13.75 40.34 -23.62
N ILE B 153 14.32 40.14 -24.80
CA ILE B 153 15.49 40.91 -25.24
C ILE B 153 15.15 42.41 -25.29
N HIS B 154 14.08 42.74 -25.99
CA HIS B 154 13.58 44.11 -26.09
C HIS B 154 13.36 44.79 -24.71
N SER B 155 12.66 44.10 -23.81
CA SER B 155 12.29 44.65 -22.51
C SER B 155 13.51 44.81 -21.61
N GLU B 156 14.48 43.90 -21.74
CA GLU B 156 15.66 43.89 -20.87
C GLU B 156 16.78 44.80 -21.35
N LEU B 157 17.01 44.82 -22.67
CA LEU B 157 18.12 45.59 -23.24
C LEU B 157 17.70 46.87 -23.97
N GLY B 158 16.42 47.00 -24.35
CA GLY B 158 15.90 48.19 -25.05
C GLY B 158 15.93 48.14 -26.57
N SER B 159 16.65 47.18 -27.13
CA SER B 159 16.84 47.13 -28.58
C SER B 159 17.11 45.70 -29.00
N VAL B 160 16.59 45.31 -30.15
CA VAL B 160 16.93 44.02 -30.77
C VAL B 160 17.94 44.19 -31.90
N ASP B 161 17.72 45.18 -32.76
CA ASP B 161 18.77 45.57 -33.75
C ASP B 161 20.12 45.80 -33.06
N GLY B 162 21.22 45.46 -33.74
CA GLY B 162 22.57 45.72 -33.21
C GLY B 162 23.11 44.72 -32.21
N ILE B 163 22.28 43.80 -31.70
CA ILE B 163 22.77 42.86 -30.69
C ILE B 163 23.70 41.80 -31.26
N THR B 164 24.54 41.28 -30.39
CA THR B 164 25.32 40.09 -30.59
C THR B 164 24.76 39.02 -29.63
N ILE B 165 24.33 37.90 -30.19
CA ILE B 165 23.65 36.84 -29.43
C ILE B 165 24.38 35.52 -29.63
N ALA B 166 24.62 34.82 -28.52
CA ALA B 166 25.13 33.46 -28.56
C ALA B 166 23.95 32.48 -28.39
N LEU B 167 23.83 31.55 -29.35
CA LEU B 167 22.90 30.44 -29.25
C LEU B 167 23.75 29.25 -28.88
N ILE B 168 23.47 28.65 -27.72
CA ILE B 168 24.36 27.68 -27.04
C ILE B 168 23.62 26.40 -26.68
N GLY B 169 24.24 25.25 -26.95
CA GLY B 169 23.76 23.96 -26.49
C GLY B 169 23.45 23.03 -27.64
N ASP B 170 22.32 22.31 -27.54
CA ASP B 170 21.91 21.40 -28.60
C ASP B 170 21.16 22.19 -29.66
N LEU B 171 21.94 22.75 -30.57
CA LEU B 171 21.39 23.57 -31.64
C LEU B 171 20.75 22.75 -32.76
N LYS B 172 21.21 21.50 -32.92
CA LYS B 172 20.66 20.60 -33.91
C LYS B 172 19.24 20.22 -33.57
N MET B 173 19.01 19.76 -32.35
CA MET B 173 17.68 19.30 -31.95
C MET B 173 16.85 20.35 -31.20
N GLY B 174 17.42 21.52 -30.91
CA GLY B 174 16.71 22.60 -30.19
C GLY B 174 15.72 23.41 -31.01
N ARG B 175 14.45 23.03 -30.96
CA ARG B 175 13.40 23.77 -31.69
C ARG B 175 13.29 25.28 -31.29
N THR B 176 13.69 25.62 -30.06
CA THR B 176 13.68 27.03 -29.63
C THR B 176 14.72 27.86 -30.40
N VAL B 177 15.94 27.37 -30.47
CA VAL B 177 17.00 28.09 -31.20
C VAL B 177 16.74 28.17 -32.70
N HIS B 178 16.04 27.19 -33.25
CA HIS B 178 15.62 27.22 -34.65
C HIS B 178 14.70 28.37 -34.91
N SER B 179 13.63 28.46 -34.11
CA SER B 179 12.64 29.54 -34.27
C SER B 179 13.27 30.90 -34.01
N LEU B 180 14.11 31.00 -32.95
CA LEU B 180 14.70 32.28 -32.57
C LEU B 180 15.66 32.82 -33.66
N LEU B 181 16.55 31.97 -34.17
CA LEU B 181 17.45 32.39 -35.25
C LEU B 181 16.66 32.91 -36.45
N LYS B 182 15.64 32.14 -36.84
CA LYS B 182 14.77 32.57 -37.92
C LYS B 182 14.12 33.91 -37.67
N LEU B 183 13.50 34.04 -36.49
CA LEU B 183 12.77 35.28 -36.18
C LEU B 183 13.71 36.51 -36.14
N LEU B 184 14.87 36.35 -35.51
CA LEU B 184 15.85 37.45 -35.36
C LEU B 184 16.48 37.88 -36.71
N VAL B 185 17.02 36.92 -37.46
CA VAL B 185 17.69 37.21 -38.74
C VAL B 185 16.74 37.76 -39.80
N ARG B 186 15.49 37.26 -39.86
CA ARG B 186 14.51 37.71 -40.86
C ARG B 186 14.02 39.13 -40.63
N ASN B 187 13.93 39.54 -39.37
CA ASN B 187 13.20 40.74 -39.02
C ASN B 187 14.01 41.85 -38.36
N PHE B 188 15.27 41.58 -38.02
CA PHE B 188 16.10 42.56 -37.33
C PHE B 188 17.49 42.65 -37.95
N SER B 189 18.19 43.73 -37.62
CA SER B 189 19.58 43.93 -38.04
C SER B 189 20.50 43.44 -36.94
N ILE B 190 20.59 42.12 -36.85
CA ILE B 190 21.41 41.45 -35.87
C ILE B 190 22.88 41.67 -36.29
N LYS B 191 23.74 42.03 -35.33
CA LYS B 191 25.15 42.26 -35.62
C LYS B 191 25.87 40.93 -35.81
N CYS B 192 25.65 40.02 -34.87
CA CYS B 192 26.44 38.80 -34.81
C CYS B 192 25.70 37.73 -34.05
N VAL B 193 25.82 36.49 -34.54
CA VAL B 193 25.29 35.32 -33.89
C VAL B 193 26.44 34.34 -33.73
N PHE B 194 26.77 34.06 -32.47
CA PHE B 194 27.67 32.97 -32.12
C PHE B 194 26.81 31.71 -32.00
N LEU B 195 27.20 30.68 -32.74
CA LEU B 195 26.55 29.38 -32.70
C LEU B 195 27.50 28.45 -31.98
N VAL B 196 27.20 28.19 -30.70
CA VAL B 196 28.09 27.48 -29.78
C VAL B 196 27.57 26.08 -29.45
N ALA B 197 28.26 25.06 -29.97
CA ALA B 197 27.87 23.67 -29.74
C ALA B 197 29.00 22.70 -30.12
N PRO B 198 28.98 21.46 -29.56
CA PRO B 198 29.84 20.44 -30.17
C PRO B 198 29.44 20.26 -31.64
N ASP B 199 30.41 19.92 -32.48
CA ASP B 199 30.21 19.76 -33.93
C ASP B 199 28.98 18.90 -34.29
N ALA B 200 28.79 17.81 -33.53
CA ALA B 200 27.64 16.91 -33.74
C ALA B 200 26.25 17.55 -33.53
N LEU B 201 26.19 18.59 -32.69
CA LEU B 201 24.94 19.25 -32.36
C LEU B 201 24.90 20.68 -32.88
N GLN B 202 25.57 20.96 -34.00
CA GLN B 202 25.56 22.31 -34.57
C GLN B 202 24.22 22.65 -35.20
N MET B 203 24.03 23.94 -35.48
CA MET B 203 22.79 24.45 -36.07
C MET B 203 22.63 23.83 -37.46
N PRO B 204 21.44 23.21 -37.76
CA PRO B 204 21.29 22.50 -39.04
C PRO B 204 21.32 23.39 -40.29
N GLN B 205 21.71 22.81 -41.43
CA GLN B 205 21.69 23.54 -42.72
C GLN B 205 20.30 23.94 -43.19
N ASP B 206 19.28 23.13 -42.90
CA ASP B 206 17.90 23.47 -43.28
C ASP B 206 17.31 24.69 -42.54
N VAL B 207 18.02 25.18 -41.52
CA VAL B 207 17.74 26.47 -40.88
C VAL B 207 18.64 27.58 -41.45
N LEU B 208 19.94 27.31 -41.56
CA LEU B 208 20.89 28.30 -42.06
C LEU B 208 20.73 28.66 -43.54
N GLU B 209 20.48 27.68 -44.42
CA GLU B 209 20.34 27.98 -45.87
C GLU B 209 19.24 28.94 -46.28
N PRO B 210 17.99 28.72 -45.83
CA PRO B 210 16.95 29.69 -46.19
C PRO B 210 17.27 31.11 -45.73
N LEU B 211 18.10 31.24 -44.70
CA LEU B 211 18.54 32.54 -44.19
C LEU B 211 19.74 33.19 -44.91
N GLN B 212 20.40 32.45 -45.80
CA GLN B 212 21.67 32.90 -46.38
C GLN B 212 21.57 34.26 -47.05
N HIS B 213 20.49 34.47 -47.80
CA HIS B 213 20.28 35.72 -48.51
C HIS B 213 20.19 36.91 -47.55
N GLU B 214 19.37 36.75 -46.50
CA GLU B 214 19.16 37.80 -45.47
C GLU B 214 20.44 38.10 -44.69
N ILE B 215 21.16 37.05 -44.31
CA ILE B 215 22.46 37.16 -43.64
C ILE B 215 23.47 37.97 -44.47
N ALA B 216 23.58 37.64 -45.75
CA ALA B 216 24.47 38.36 -46.65
C ALA B 216 23.99 39.82 -46.86
N THR B 217 22.71 40.02 -47.17
CA THR B 217 22.19 41.37 -47.45
C THR B 217 22.33 42.33 -46.27
N LYS B 218 21.95 41.86 -45.08
CA LYS B 218 22.03 42.65 -43.84
C LYS B 218 23.41 42.63 -43.18
N GLY B 219 24.35 41.83 -43.68
CA GLY B 219 25.70 41.78 -43.12
C GLY B 219 25.79 41.13 -41.73
N VAL B 220 24.90 40.18 -41.44
CA VAL B 220 24.86 39.49 -40.15
C VAL B 220 26.08 38.57 -40.11
N ILE B 221 26.82 38.61 -39.00
CA ILE B 221 28.02 37.78 -38.86
C ILE B 221 27.68 36.50 -38.09
N ILE B 222 27.98 35.35 -38.69
CA ILE B 222 27.73 34.06 -38.05
C ILE B 222 29.09 33.42 -37.76
N HIS B 223 29.40 33.19 -36.48
CA HIS B 223 30.63 32.49 -36.05
C HIS B 223 30.24 31.21 -35.33
N ARG B 224 30.77 30.07 -35.78
CA ARG B 224 30.57 28.80 -35.08
C ARG B 224 31.71 28.63 -34.09
N THR B 225 31.40 28.19 -32.86
CA THR B 225 32.44 27.73 -31.91
C THR B 225 31.99 26.43 -31.28
N HIS B 226 32.91 25.76 -30.61
CA HIS B 226 32.53 24.61 -29.78
C HIS B 226 32.69 24.89 -28.30
N ALA B 227 32.91 26.16 -27.96
CA ALA B 227 33.11 26.53 -26.58
C ALA B 227 32.69 27.98 -26.34
N LEU B 228 32.37 28.26 -25.08
CA LEU B 228 32.16 29.62 -24.62
C LEU B 228 33.53 30.29 -24.43
N THR B 229 34.09 30.77 -25.54
CA THR B 229 35.38 31.42 -25.52
C THR B 229 35.26 32.75 -24.80
N ASP B 230 36.41 33.36 -24.50
CA ASP B 230 36.41 34.67 -23.85
C ASP B 230 35.83 35.73 -24.81
N GLU B 231 36.06 35.56 -26.11
CA GLU B 231 35.44 36.38 -27.16
C GLU B 231 33.90 36.34 -27.09
N VAL B 232 33.33 35.14 -27.05
CA VAL B 232 31.87 34.96 -26.99
C VAL B 232 31.33 35.64 -25.72
N MET B 233 32.04 35.42 -24.61
CA MET B 233 31.69 36.01 -23.32
C MET B 233 31.86 37.53 -23.30
N GLN B 234 32.90 38.05 -23.92
CA GLN B 234 33.13 39.49 -23.92
C GLN B 234 32.26 40.28 -24.90
N LYS B 235 31.86 39.67 -26.02
CA LYS B 235 31.09 40.38 -27.05
C LYS B 235 29.55 40.20 -27.03
N SER B 236 29.04 39.18 -26.37
CA SER B 236 27.61 38.86 -26.43
C SER B 236 26.79 39.80 -25.55
N ASP B 237 25.72 40.34 -26.13
CA ASP B 237 24.70 41.07 -25.37
C ASP B 237 23.69 40.09 -24.77
N VAL B 238 23.55 38.91 -25.38
CA VAL B 238 22.61 37.89 -24.97
C VAL B 238 23.33 36.55 -25.05
N LEU B 239 23.33 35.82 -23.94
CA LEU B 239 23.74 34.43 -23.93
C LEU B 239 22.49 33.56 -23.77
N TYR B 240 22.07 32.92 -24.86
CA TYR B 240 20.85 32.11 -24.88
C TYR B 240 21.28 30.66 -24.91
N THR B 241 21.07 29.98 -23.80
CA THR B 241 21.57 28.62 -23.64
C THR B 241 20.45 27.60 -23.43
N THR B 242 20.75 26.33 -23.70
CA THR B 242 19.78 25.25 -23.76
C THR B 242 20.42 23.95 -23.27
N ARG B 243 19.61 22.92 -23.00
CA ARG B 243 20.18 21.59 -22.68
C ARG B 243 20.89 20.93 -23.86
N LEU B 244 21.89 20.10 -23.58
CA LEU B 244 22.55 19.27 -24.59
C LEU B 244 21.80 17.95 -24.77
N LYS B 266 31.64 19.95 -22.49
CA LYS B 266 30.65 20.11 -21.41
C LYS B 266 30.98 21.27 -20.49
N ALA B 267 32.18 21.23 -19.91
CA ALA B 267 32.72 22.34 -19.10
C ALA B 267 33.01 23.60 -19.92
N ASP B 268 33.21 23.44 -21.23
CA ASP B 268 33.47 24.57 -22.12
C ASP B 268 32.21 25.30 -22.62
N ILE B 269 31.00 24.74 -22.42
CA ILE B 269 29.77 25.53 -22.66
C ILE B 269 28.96 25.94 -21.41
N THR B 270 29.38 25.51 -20.22
CA THR B 270 28.69 25.81 -18.96
C THR B 270 28.84 27.28 -18.61
N ILE B 271 27.71 27.88 -18.23
CA ILE B 271 27.68 29.25 -17.68
C ILE B 271 27.52 29.13 -16.16
N ASP B 272 28.57 29.54 -15.44
CA ASP B 272 28.54 29.64 -13.98
C ASP B 272 29.03 31.01 -13.57
N ALA B 273 29.06 31.30 -12.27
CA ALA B 273 29.42 32.64 -11.78
C ALA B 273 30.85 33.00 -12.17
N ALA B 274 31.73 32.00 -12.17
CA ALA B 274 33.11 32.19 -12.60
C ALA B 274 33.18 32.68 -14.05
N ARG B 275 32.52 31.98 -14.98
CA ARG B 275 32.49 32.43 -16.40
C ARG B 275 31.88 33.83 -16.55
N MET B 276 30.84 34.14 -15.77
CA MET B 276 30.17 35.44 -15.86
C MET B 276 31.07 36.65 -15.54
N ARG B 277 32.19 36.43 -14.86
CA ARG B 277 33.18 37.52 -14.67
C ARG B 277 33.71 38.10 -15.99
N LEU B 278 33.61 37.36 -17.08
CA LEU B 278 34.00 37.86 -18.41
C LEU B 278 32.89 38.63 -19.15
N ALA B 279 31.64 38.50 -18.69
CA ALA B 279 30.51 39.08 -19.39
C ALA B 279 30.52 40.60 -19.34
N LYS B 280 29.90 41.23 -20.32
CA LYS B 280 29.58 42.67 -20.25
C LYS B 280 28.71 42.97 -19.03
N GLU B 281 28.73 44.23 -18.61
CA GLU B 281 27.87 44.68 -17.52
C GLU B 281 26.44 44.70 -17.99
N LYS B 282 26.23 45.24 -19.20
CA LYS B 282 24.93 45.26 -19.83
C LYS B 282 24.73 44.08 -20.82
N MET B 283 24.21 42.98 -20.29
CA MET B 283 23.84 41.80 -21.09
C MET B 283 22.86 40.94 -20.30
N ILE B 284 22.24 39.96 -20.97
CA ILE B 284 21.38 38.98 -20.28
C ILE B 284 21.70 37.55 -20.65
N VAL B 285 21.49 36.67 -19.67
CA VAL B 285 21.55 35.22 -19.80
C VAL B 285 20.09 34.77 -19.88
N MET B 286 19.78 34.02 -20.95
CA MET B 286 18.45 33.46 -21.19
C MET B 286 18.53 31.94 -21.34
N HIS B 287 17.41 31.28 -21.08
CA HIS B 287 17.32 29.82 -21.14
C HIS B 287 15.82 29.51 -21.19
N PRO B 288 15.33 28.79 -22.24
CA PRO B 288 13.88 28.50 -22.30
C PRO B 288 13.39 27.55 -21.22
N LEU B 289 14.28 26.74 -20.67
CA LEU B 289 14.08 25.87 -19.51
C LEU B 289 13.32 24.61 -19.98
N PRO B 290 13.41 23.47 -19.27
CA PRO B 290 14.25 23.26 -18.08
C PRO B 290 15.74 23.21 -18.37
N ARG B 291 16.53 23.41 -17.33
CA ARG B 291 17.97 23.41 -17.42
C ARG B 291 18.55 22.19 -16.71
N ASN B 292 19.75 21.80 -17.12
CA ASN B 292 20.67 20.99 -16.34
C ASN B 292 21.87 21.89 -15.96
N ASP B 293 23.07 21.33 -15.86
CA ASP B 293 24.22 22.09 -15.32
C ASP B 293 25.00 22.93 -16.35
N GLU B 294 24.48 23.02 -17.58
CA GLU B 294 24.94 24.08 -18.50
C GLU B 294 24.66 25.51 -17.98
N LEU B 295 23.72 25.64 -17.03
CA LEU B 295 23.40 26.91 -16.41
C LEU B 295 23.39 26.71 -14.91
N SER B 296 24.52 27.01 -14.26
CA SER B 296 24.68 26.84 -12.83
C SER B 296 23.74 27.73 -12.02
N THR B 297 23.32 27.23 -10.86
CA THR B 297 22.54 28.01 -9.89
C THR B 297 23.32 29.17 -9.27
N THR B 298 24.66 29.14 -9.37
CA THR B 298 25.49 30.28 -8.98
C THR B 298 25.19 31.57 -9.78
N VAL B 299 24.56 31.45 -10.96
CA VAL B 299 24.18 32.60 -11.77
C VAL B 299 22.83 33.23 -11.38
N ASP B 300 22.00 32.48 -10.63
CA ASP B 300 20.58 32.85 -10.42
C ASP B 300 20.37 34.20 -9.76
N ALA B 301 21.28 34.59 -8.86
CA ALA B 301 21.18 35.88 -8.15
C ALA B 301 21.77 37.05 -8.93
N ASP B 302 22.48 36.78 -10.02
CA ASP B 302 23.04 37.85 -10.88
C ASP B 302 21.89 38.63 -11.52
N PRO B 303 21.92 39.97 -11.46
CA PRO B 303 20.91 40.78 -12.19
C PRO B 303 20.72 40.40 -13.66
N ARG B 304 21.79 39.93 -14.28
CA ARG B 304 21.81 39.61 -15.70
C ARG B 304 21.12 38.28 -16.01
N ALA B 305 20.85 37.45 -14.99
CA ALA B 305 20.07 36.23 -15.14
C ALA B 305 18.63 36.56 -15.44
N ALA B 306 18.26 36.50 -16.71
CA ALA B 306 16.93 36.88 -17.16
C ALA B 306 15.96 35.71 -17.34
N TYR B 307 16.39 34.50 -17.01
CA TYR B 307 15.69 33.28 -17.48
C TYR B 307 14.44 32.95 -16.64
N PHE B 308 14.33 33.54 -15.46
CA PHE B 308 13.06 33.48 -14.71
C PHE B 308 12.10 34.55 -15.18
N ARG B 309 12.60 35.78 -15.36
CA ARG B 309 11.74 36.87 -15.86
C ARG B 309 11.18 36.57 -17.25
N GLN B 310 11.98 35.83 -18.03
CA GLN B 310 11.63 35.33 -19.36
C GLN B 310 10.26 34.63 -19.39
N MET B 311 10.02 33.73 -18.43
CA MET B 311 8.76 33.00 -18.30
C MET B 311 7.57 33.95 -18.09
N ARG B 312 7.74 35.00 -17.29
CA ARG B 312 6.67 36.00 -17.09
C ARG B 312 6.42 36.78 -18.37
N TYR B 313 7.48 37.22 -19.05
CA TYR B 313 7.31 37.79 -20.40
C TYR B 313 6.58 36.79 -21.28
N GLY B 314 6.91 35.50 -21.15
CA GLY B 314 6.18 34.41 -21.79
C GLY B 314 4.67 34.49 -21.59
N MET B 315 4.21 34.59 -20.35
CA MET B 315 2.76 34.68 -20.11
C MET B 315 2.13 35.84 -20.90
N PHE B 316 2.74 37.01 -20.83
CA PHE B 316 2.20 38.21 -21.51
C PHE B 316 2.22 38.15 -23.04
N MET B 317 3.30 37.61 -23.62
CA MET B 317 3.32 37.40 -25.08
C MET B 317 2.23 36.42 -25.50
N ARG B 318 2.09 35.32 -24.76
CA ARG B 318 1.01 34.38 -25.04
C ARG B 318 -0.39 34.96 -24.92
N MET B 319 -0.60 35.84 -23.95
CA MET B 319 -1.84 36.62 -23.89
C MET B 319 -2.05 37.45 -25.15
N ALA B 320 -0.99 38.13 -25.59
CA ALA B 320 -1.05 38.97 -26.80
C ALA B 320 -1.37 38.15 -28.05
N ILE B 321 -0.74 36.98 -28.15
CA ILE B 321 -0.96 36.06 -29.27
C ILE B 321 -2.40 35.54 -29.32
N LEU B 322 -2.85 34.97 -28.20
CA LEU B 322 -4.21 34.42 -28.09
C LEU B 322 -5.31 35.43 -28.40
N TRP B 323 -5.20 36.62 -27.81
CA TRP B 323 -6.15 37.70 -28.06
C TRP B 323 -6.13 38.08 -29.56
N SER B 324 -4.94 38.24 -30.11
CA SER B 324 -4.79 38.53 -31.55
C SER B 324 -5.40 37.43 -32.43
N VAL B 325 -5.12 36.17 -32.11
CA VAL B 325 -5.69 35.06 -32.90
C VAL B 325 -7.23 35.01 -32.77
N LEU B 326 -7.75 35.17 -31.55
CA LEU B 326 -9.19 34.97 -31.30
C LEU B 326 -10.09 36.21 -31.30
N ALA B 327 -9.52 37.42 -31.43
CA ALA B 327 -10.32 38.66 -31.44
C ALA B 327 -11.39 38.61 -32.52
N LEU C 3 -17.74 45.15 3.33
CA LEU C 3 -18.80 44.22 2.83
C LEU C 3 -19.32 43.30 3.96
N GLU C 4 -20.23 42.41 3.60
CA GLU C 4 -20.56 41.25 4.42
C GLU C 4 -19.35 40.33 4.68
N LEU C 5 -18.32 40.41 3.81
CA LEU C 5 -17.20 39.49 3.83
C LEU C 5 -15.85 40.19 3.99
N PRO C 6 -15.60 40.80 5.16
CA PRO C 6 -14.31 41.46 5.35
C PRO C 6 -13.18 40.45 5.49
N PRO C 7 -12.09 40.60 4.72
CA PRO C 7 -11.01 39.63 4.83
C PRO C 7 -10.29 39.70 6.19
N VAL C 8 -9.69 38.61 6.65
CA VAL C 8 -8.98 38.61 7.92
C VAL C 8 -7.64 39.26 7.65
N ALA C 9 -7.47 40.47 8.18
CA ALA C 9 -6.39 41.38 7.78
C ALA C 9 -4.99 40.82 8.03
N SER C 10 -4.83 40.12 9.15
CA SER C 10 -3.52 39.56 9.51
C SER C 10 -2.99 38.50 8.52
N LEU C 11 -3.85 37.87 7.72
CA LEU C 11 -3.39 36.87 6.72
C LEU C 11 -2.97 37.47 5.37
N LYS C 12 -3.20 38.76 5.14
CA LYS C 12 -2.89 39.40 3.84
C LYS C 12 -1.48 39.05 3.35
N GLY C 13 -1.40 38.36 2.22
CA GLY C 13 -0.15 38.12 1.53
C GLY C 13 0.77 37.11 2.19
N LYS C 14 0.29 36.41 3.21
CA LYS C 14 1.14 35.53 4.00
C LYS C 14 0.97 34.09 3.56
N SER C 15 2.07 33.36 3.58
CA SER C 15 2.03 31.92 3.42
C SER C 15 1.47 31.27 4.68
N ILE C 16 0.75 30.16 4.50
CA ILE C 16 0.14 29.42 5.61
C ILE C 16 0.89 28.10 5.71
N THR C 17 1.76 27.99 6.70
CA THR C 17 2.61 26.80 6.81
C THR C 17 2.45 25.99 8.11
N SER C 18 2.02 26.62 9.21
CA SER C 18 1.92 25.95 10.50
C SER C 18 0.76 26.51 11.30
N ALA C 19 0.08 25.63 12.05
CA ALA C 19 -0.92 26.06 13.04
C ALA C 19 -0.38 27.12 14.04
N GLU C 20 0.94 27.12 14.28
CA GLU C 20 1.59 28.07 15.20
C GLU C 20 1.49 29.54 14.82
N GLN C 21 1.23 29.85 13.54
CA GLN C 21 1.20 31.25 13.10
C GLN C 21 -0.11 31.99 13.43
N PHE C 22 -1.12 31.29 13.94
CA PHE C 22 -2.42 31.89 14.15
C PHE C 22 -2.66 32.24 15.61
N SER C 23 -3.32 33.36 15.82
CA SER C 23 -3.81 33.75 17.13
C SER C 23 -5.27 33.30 17.28
N ARG C 24 -5.76 33.34 18.52
CA ARG C 24 -7.16 33.07 18.81
C ARG C 24 -8.09 33.99 18.01
N ALA C 25 -7.72 35.26 17.94
CA ALA C 25 -8.51 36.24 17.19
C ALA C 25 -8.54 35.91 15.70
N ASP C 26 -7.40 35.51 15.14
CA ASP C 26 -7.35 35.09 13.73
C ASP C 26 -8.32 33.95 13.50
N ILE C 27 -8.31 32.98 14.41
CA ILE C 27 -9.13 31.78 14.24
C ILE C 27 -10.60 32.13 14.27
N TYR C 28 -11.03 32.94 15.24
CA TYR C 28 -12.42 33.39 15.26
C TYR C 28 -12.81 34.29 14.08
N ALA C 29 -11.90 35.13 13.59
CA ALA C 29 -12.24 35.96 12.44
C ALA C 29 -12.50 35.06 11.23
N LEU C 30 -11.65 34.03 11.06
CA LEU C 30 -11.80 33.08 9.94
C LEU C 30 -13.07 32.24 10.05
N ILE C 31 -13.39 31.84 11.28
CA ILE C 31 -14.62 31.11 11.53
C ILE C 31 -15.85 31.92 11.10
N HIS C 32 -15.92 33.19 11.51
CA HIS C 32 -17.09 34.02 11.21
C HIS C 32 -17.12 34.41 9.72
N LEU C 33 -15.98 34.58 9.09
CA LEU C 33 -15.96 34.80 7.63
C LEU C 33 -16.43 33.54 6.86
N ALA C 34 -15.91 32.37 7.24
CA ALA C 34 -16.34 31.09 6.67
C ALA C 34 -17.86 30.90 6.80
N SER C 35 -18.42 31.19 7.97
CA SER C 35 -19.86 31.06 8.18
C SER C 35 -20.67 32.03 7.31
N ALA C 36 -20.21 33.28 7.21
CA ALA C 36 -20.82 34.29 6.33
C ALA C 36 -20.80 33.85 4.87
N MET C 37 -19.68 33.27 4.44
CA MET C 37 -19.58 32.74 3.07
C MET C 37 -20.54 31.57 2.85
N GLN C 38 -20.63 30.68 3.83
CA GLN C 38 -21.59 29.59 3.81
C GLN C 38 -23.03 30.09 3.63
N ARG C 39 -23.44 31.09 4.40
CA ARG C 39 -24.80 31.66 4.25
C ARG C 39 -25.03 32.20 2.84
N LYS C 40 -24.06 32.93 2.31
CA LYS C 40 -24.20 33.47 0.96
C LYS C 40 -24.19 32.35 -0.12
N ILE C 41 -23.25 31.41 -0.04
CA ILE C 41 -23.20 30.29 -1.01
C ILE C 41 -24.47 29.42 -0.95
N ASP C 42 -24.91 29.04 0.25
CA ASP C 42 -26.13 28.24 0.38
C ASP C 42 -27.41 28.97 -0.05
N ALA C 43 -27.41 30.29 -0.02
CA ALA C 43 -28.51 31.09 -0.55
C ALA C 43 -28.44 31.21 -2.08
N GLY C 44 -27.35 30.71 -2.68
CA GLY C 44 -27.18 30.72 -4.12
C GLY C 44 -26.50 31.94 -4.66
N GLU C 45 -25.90 32.77 -3.80
CA GLU C 45 -25.16 33.95 -4.28
C GLU C 45 -23.83 33.55 -4.90
N VAL C 46 -23.46 34.28 -5.94
CA VAL C 46 -22.21 34.11 -6.66
C VAL C 46 -21.28 35.17 -6.10
N LEU C 47 -20.08 34.78 -5.72
CA LEU C 47 -19.09 35.71 -5.23
C LEU C 47 -18.07 35.97 -6.34
N ASN C 48 -17.61 37.21 -6.48
CA ASN C 48 -16.59 37.55 -7.48
C ASN C 48 -15.32 38.19 -6.95
N LEU C 49 -14.99 37.83 -5.73
CA LEU C 49 -13.90 38.43 -4.99
C LEU C 49 -12.51 38.18 -5.60
N LEU C 50 -12.28 37.04 -6.24
CA LEU C 50 -10.93 36.74 -6.73
C LEU C 50 -10.89 36.53 -8.24
N GLN C 51 -11.76 37.23 -8.95
CA GLN C 51 -11.75 37.18 -10.40
C GLN C 51 -10.37 37.58 -10.90
N GLY C 52 -9.86 36.82 -11.86
CA GLY C 52 -8.57 37.08 -12.46
C GLY C 52 -7.37 36.58 -11.67
N ARG C 53 -7.59 35.90 -10.53
CA ARG C 53 -6.50 35.38 -9.70
C ARG C 53 -6.39 33.88 -9.95
N ILE C 54 -5.16 33.37 -9.92
CA ILE C 54 -4.86 31.99 -10.27
C ILE C 54 -4.23 31.24 -9.10
N MET C 55 -4.81 30.08 -8.81
CA MET C 55 -4.25 29.08 -7.90
C MET C 55 -3.62 27.96 -8.74
N THR C 56 -2.47 27.49 -8.32
CA THR C 56 -1.76 26.39 -9.00
C THR C 56 -1.18 25.40 -7.98
N PRO C 57 -1.13 24.08 -8.32
CA PRO C 57 -0.58 23.12 -7.37
C PRO C 57 0.90 22.92 -7.49
N LEU C 58 1.45 22.42 -6.41
CA LEU C 58 2.81 22.00 -6.34
C LEU C 58 2.74 20.73 -5.49
N PHE C 59 2.18 19.69 -6.09
CA PHE C 59 1.89 18.43 -5.41
C PHE C 59 2.96 17.37 -5.77
N PHE C 60 3.94 17.15 -4.88
CA PHE C 60 5.03 16.18 -5.13
C PHE C 60 4.74 14.77 -4.62
N GLU C 61 3.75 14.64 -3.75
CA GLU C 61 2.98 13.41 -3.62
C GLU C 61 1.63 13.90 -4.05
N ASP C 62 0.88 13.08 -4.75
CA ASP C 62 -0.40 13.55 -5.25
C ASP C 62 -1.57 13.16 -4.37
N SER C 63 -2.61 13.95 -4.51
CA SER C 63 -3.89 13.73 -3.88
C SER C 63 -4.78 14.70 -4.64
N SER C 64 -5.31 14.22 -5.77
CA SER C 64 -6.33 14.99 -6.52
C SER C 64 -7.50 15.32 -5.58
N ARG C 65 -7.74 14.46 -4.58
CA ARG C 65 -8.69 14.70 -3.51
C ARG C 65 -8.53 16.07 -2.80
N THR C 66 -7.32 16.36 -2.30
CA THR C 66 -7.11 17.58 -1.51
C THR C 66 -7.04 18.81 -2.41
N PHE C 67 -6.37 18.69 -3.56
CA PHE C 67 -6.26 19.78 -4.50
C PHE C 67 -7.63 20.20 -5.02
N SER C 68 -8.55 19.25 -5.17
CA SER C 68 -9.90 19.54 -5.66
C SER C 68 -10.76 20.32 -4.66
N SER C 69 -10.60 20.05 -3.37
CA SER C 69 -11.23 20.87 -2.34
C SER C 69 -10.74 22.34 -2.35
N PHE C 70 -9.44 22.56 -2.59
CA PHE C 70 -8.88 23.92 -2.72
C PHE C 70 -9.36 24.60 -4.01
N CYS C 71 -9.36 23.86 -5.11
CA CYS C 71 -9.95 24.29 -6.40
C CYS C 71 -11.39 24.78 -6.27
N ALA C 72 -12.24 24.01 -5.59
CA ALA C 72 -13.63 24.38 -5.43
C ALA C 72 -13.76 25.68 -4.64
N ALA C 73 -12.97 25.83 -3.60
CA ALA C 73 -12.99 27.07 -2.81
C ALA C 73 -12.63 28.26 -3.66
N MET C 74 -11.57 28.11 -4.45
CA MET C 74 -11.08 29.19 -5.31
C MET C 74 -12.12 29.60 -6.33
N ILE C 75 -12.75 28.60 -6.95
CA ILE C 75 -13.81 28.82 -7.94
C ILE C 75 -15.03 29.51 -7.34
N ARG C 76 -15.41 29.12 -6.12
CA ARG C 76 -16.57 29.76 -5.50
C ARG C 76 -16.28 31.19 -5.01
N LEU C 77 -15.00 31.60 -4.99
CA LEU C 77 -14.64 33.00 -4.80
C LEU C 77 -14.51 33.78 -6.13
N GLY C 78 -14.79 33.11 -7.25
CA GLY C 78 -14.64 33.68 -8.57
C GLY C 78 -13.23 33.57 -9.13
N GLY C 79 -12.34 32.88 -8.41
CA GLY C 79 -10.96 32.70 -8.86
C GLY C 79 -10.84 31.61 -9.92
N SER C 80 -9.62 31.41 -10.40
CA SER C 80 -9.32 30.45 -11.44
C SER C 80 -8.19 29.52 -11.01
N VAL C 81 -8.07 28.41 -11.76
CA VAL C 81 -7.12 27.34 -11.48
C VAL C 81 -6.33 26.99 -12.75
N VAL C 82 -5.02 26.82 -12.59
CA VAL C 82 -4.15 26.30 -13.64
C VAL C 82 -3.50 25.04 -13.07
N ASN C 83 -3.66 23.89 -13.72
CA ASN C 83 -2.96 22.65 -13.27
C ASN C 83 -1.48 22.63 -13.66
N PHE C 84 -0.68 22.02 -12.80
CA PHE C 84 0.75 21.77 -13.06
C PHE C 84 1.06 20.35 -12.56
N LYS C 85 1.54 19.50 -13.45
CA LYS C 85 1.96 18.14 -13.10
C LYS C 85 3.46 18.14 -12.89
N VAL C 86 3.89 17.63 -11.74
CA VAL C 86 5.31 17.47 -11.44
C VAL C 86 5.92 16.39 -12.34
N GLU C 87 5.14 15.37 -12.72
CA GLU C 87 5.53 14.47 -13.82
C GLU C 87 5.45 15.20 -15.18
N GLU C 95 14.31 18.06 -12.53
CA GLU C 95 14.20 19.52 -12.34
C GLU C 95 14.07 19.88 -10.85
N THR C 96 14.84 20.87 -10.42
CA THR C 96 14.91 21.22 -9.00
C THR C 96 13.58 21.72 -8.44
N LEU C 97 13.45 21.63 -7.13
CA LEU C 97 12.27 22.14 -6.43
C LEU C 97 12.17 23.65 -6.64
N ALA C 98 13.29 24.36 -6.51
CA ALA C 98 13.35 25.81 -6.68
C ALA C 98 12.96 26.29 -8.08
N ASP C 99 13.44 25.60 -9.12
CA ASP C 99 13.05 25.98 -10.50
C ASP C 99 11.56 25.78 -10.73
N THR C 100 10.97 24.73 -10.16
CA THR C 100 9.53 24.49 -10.29
C THR C 100 8.70 25.62 -9.67
N ILE C 101 9.08 26.04 -8.46
CA ILE C 101 8.46 27.16 -7.75
C ILE C 101 8.52 28.41 -8.62
N ARG C 102 9.72 28.72 -9.13
CA ARG C 102 9.91 29.90 -9.95
C ARG C 102 9.02 29.87 -11.19
N THR C 103 8.83 28.67 -11.76
CA THR C 103 7.92 28.49 -12.88
C THR C 103 6.46 28.81 -12.50
N LEU C 104 5.94 28.22 -11.43
CA LEU C 104 4.60 28.57 -10.97
C LEU C 104 4.46 30.05 -10.61
N ASP C 105 5.49 30.62 -9.97
CA ASP C 105 5.52 32.06 -9.63
C ASP C 105 5.43 33.01 -10.80
N SER C 106 5.85 32.56 -11.97
CA SER C 106 5.80 33.39 -13.15
C SER C 106 4.39 33.73 -13.59
N TYR C 107 3.41 32.89 -13.26
CA TYR C 107 2.03 33.08 -13.73
C TYR C 107 0.91 32.99 -12.69
N SER C 108 1.22 32.61 -11.44
CA SER C 108 0.20 32.31 -10.40
C SER C 108 0.07 33.45 -9.40
N ASP C 109 -1.03 33.42 -8.63
CA ASP C 109 -1.22 34.28 -7.46
C ASP C 109 -1.06 33.54 -6.12
N VAL C 110 -1.35 32.25 -6.10
CA VAL C 110 -1.21 31.44 -4.91
C VAL C 110 -0.82 30.00 -5.29
N LEU C 111 0.12 29.44 -4.52
CA LEU C 111 0.56 28.05 -4.67
C LEU C 111 0.03 27.19 -3.53
N VAL C 112 -0.52 26.03 -3.85
CA VAL C 112 -1.02 25.09 -2.83
C VAL C 112 -0.09 23.91 -2.94
N MET C 113 0.71 23.68 -1.91
CA MET C 113 1.84 22.75 -1.98
C MET C 113 1.62 21.55 -1.06
N ARG C 114 1.81 20.35 -1.61
CA ARG C 114 1.82 19.09 -0.85
C ARG C 114 3.10 18.38 -1.25
N HIS C 115 3.82 17.87 -0.24
CA HIS C 115 5.16 17.28 -0.44
C HIS C 115 5.45 16.19 0.62
N PRO C 116 6.08 15.06 0.21
CA PRO C 116 6.39 13.95 1.16
C PRO C 116 7.47 14.28 2.21
N ARG C 117 8.40 15.14 1.85
CA ARG C 117 9.41 15.67 2.76
C ARG C 117 8.91 16.83 3.60
N GLN C 118 9.19 16.72 4.89
CA GLN C 118 8.76 17.67 5.87
C GLN C 118 9.44 19.04 5.71
N ASP C 119 10.72 19.06 5.29
CA ASP C 119 11.48 20.31 5.19
C ASP C 119 11.39 21.02 3.83
N ALA C 120 10.63 20.48 2.88
CA ALA C 120 10.47 21.10 1.55
C ALA C 120 9.73 22.45 1.56
N ILE C 121 8.88 22.66 2.56
CA ILE C 121 8.14 23.90 2.72
C ILE C 121 9.09 25.08 2.93
N GLU C 122 10.06 24.92 3.83
CA GLU C 122 11.04 25.98 4.10
C GLU C 122 11.92 26.30 2.89
N GLU C 123 12.28 25.28 2.11
CA GLU C 123 12.95 25.49 0.82
C GLU C 123 12.08 26.30 -0.14
N ALA C 124 10.82 25.91 -0.25
CA ALA C 124 9.87 26.60 -1.12
C ALA C 124 9.72 28.06 -0.73
N LEU C 125 9.55 28.31 0.58
CA LEU C 125 9.40 29.65 1.14
C LEU C 125 10.57 30.59 0.81
N SER C 126 11.79 30.06 0.81
CA SER C 126 12.96 30.87 0.52
C SER C 126 13.05 31.30 -0.95
N VAL C 127 12.38 30.62 -1.89
CA VAL C 127 12.37 31.09 -3.30
C VAL C 127 11.03 31.66 -3.75
N ALA C 128 9.92 31.31 -3.10
CA ALA C 128 8.59 31.69 -3.60
C ALA C 128 8.34 33.18 -3.47
N GLN C 129 7.72 33.76 -4.49
CA GLN C 129 7.34 35.18 -4.48
C GLN C 129 5.87 35.40 -4.10
N HIS C 130 5.01 34.42 -4.35
CA HIS C 130 3.61 34.51 -3.95
C HIS C 130 3.36 33.59 -2.74
N PRO C 131 2.25 33.78 -2.01
CA PRO C 131 1.95 32.93 -0.85
C PRO C 131 1.84 31.44 -1.18
N ILE C 132 2.41 30.62 -0.31
CA ILE C 132 2.25 29.18 -0.37
C ILE C 132 1.32 28.74 0.76
N LEU C 133 0.34 27.91 0.41
CA LEU C 133 -0.50 27.23 1.39
C LEU C 133 0.01 25.82 1.51
N ASN C 134 0.48 25.48 2.70
CA ASN C 134 0.95 24.13 2.99
C ASN C 134 -0.25 23.20 3.11
N ALA C 135 -0.45 22.36 2.09
CA ALA C 135 -1.52 21.35 2.13
C ALA C 135 -0.98 19.97 2.59
N GLY C 136 0.20 19.95 3.21
CA GLY C 136 0.76 18.76 3.84
C GLY C 136 2.22 18.58 3.51
N ASN C 137 3.07 18.59 4.53
CA ASN C 137 4.52 18.39 4.39
C ASN C 137 4.98 17.14 5.16
N GLY C 138 4.99 16.00 4.47
CA GLY C 138 5.36 14.72 5.10
C GLY C 138 4.45 14.42 6.30
N ALA C 139 5.06 13.99 7.41
CA ALA C 139 4.36 13.80 8.68
C ALA C 139 4.43 15.07 9.57
N GLY C 140 4.67 16.23 8.97
CA GLY C 140 4.76 17.49 9.69
C GLY C 140 3.42 18.07 10.08
N GLU C 141 2.88 18.92 9.22
CA GLU C 141 1.65 19.68 9.50
C GLU C 141 0.70 19.78 8.30
N HIS C 142 -0.53 20.21 8.63
CA HIS C 142 -1.65 20.35 7.72
C HIS C 142 -2.49 21.49 8.33
N PRO C 143 -1.98 22.73 8.25
CA PRO C 143 -2.52 23.86 9.00
C PRO C 143 -3.96 24.19 8.65
N THR C 144 -4.32 24.11 7.37
CA THR C 144 -5.69 24.46 6.99
C THR C 144 -6.68 23.41 7.47
N GLN C 145 -6.26 22.15 7.59
CA GLN C 145 -7.10 21.12 8.18
C GLN C 145 -7.44 21.49 9.63
N ALA C 146 -6.44 21.92 10.39
CA ALA C 146 -6.68 22.33 11.79
C ALA C 146 -7.68 23.49 11.89
N LEU C 147 -7.60 24.44 10.96
CA LEU C 147 -8.58 25.54 10.94
C LEU C 147 -9.99 25.04 10.67
N LEU C 148 -10.15 24.20 9.65
CA LEU C 148 -11.47 23.72 9.29
C LEU C 148 -12.03 22.77 10.38
N ASP C 149 -11.16 21.98 10.99
CA ASP C 149 -11.53 21.10 12.12
C ASP C 149 -12.09 21.93 13.30
N THR C 150 -11.45 23.05 13.59
CA THR C 150 -11.85 23.91 14.69
C THR C 150 -13.17 24.63 14.37
N LEU C 151 -13.33 25.04 13.11
CA LEU C 151 -14.63 25.51 12.59
C LEU C 151 -15.72 24.46 12.80
N THR C 152 -15.39 23.19 12.50
CA THR C 152 -16.34 22.09 12.68
C THR C 152 -16.78 21.96 14.16
N ILE C 153 -15.80 21.94 15.06
CA ILE C 153 -16.07 21.86 16.49
C ILE C 153 -16.97 23.02 16.94
N HIS C 154 -16.55 24.23 16.60
CA HIS C 154 -17.31 25.46 16.90
C HIS C 154 -18.77 25.37 16.40
N SER C 155 -18.95 25.02 15.14
CA SER C 155 -20.29 25.00 14.53
C SER C 155 -21.18 23.88 15.07
N GLU C 156 -20.58 22.74 15.37
CA GLU C 156 -21.34 21.57 15.80
C GLU C 156 -21.65 21.61 17.29
N LEU C 157 -20.66 21.97 18.11
CA LEU C 157 -20.82 21.95 19.57
C LEU C 157 -21.05 23.31 20.22
N GLY C 158 -20.65 24.39 19.55
CA GLY C 158 -20.91 25.75 20.06
C GLY C 158 -19.76 26.44 20.76
N SER C 159 -18.83 25.67 21.33
CA SER C 159 -17.69 26.22 22.09
C SER C 159 -16.50 25.29 21.95
N VAL C 160 -15.30 25.87 21.86
CA VAL C 160 -14.04 25.10 21.78
C VAL C 160 -13.40 25.03 23.15
N ASP C 161 -13.34 26.16 23.86
CA ASP C 161 -12.87 26.14 25.23
C ASP C 161 -13.70 25.12 26.00
N GLY C 162 -13.05 24.38 26.91
CA GLY C 162 -13.74 23.46 27.81
C GLY C 162 -13.88 22.04 27.30
N ILE C 163 -13.61 21.80 26.01
CA ILE C 163 -13.85 20.46 25.48
C ILE C 163 -12.85 19.43 25.98
N THR C 164 -13.30 18.18 25.95
CA THR C 164 -12.45 17.01 26.09
C THR C 164 -12.38 16.35 24.72
N ILE C 165 -11.17 16.20 24.18
CA ILE C 165 -11.00 15.71 22.81
C ILE C 165 -10.05 14.53 22.82
N ALA C 166 -10.46 13.46 22.12
CA ALA C 166 -9.59 12.31 21.91
C ALA C 166 -9.00 12.42 20.50
N LEU C 167 -7.68 12.37 20.42
CA LEU C 167 -6.95 12.25 19.15
C LEU C 167 -6.56 10.78 19.00
N ILE C 168 -7.04 10.13 17.93
CA ILE C 168 -7.03 8.68 17.85
C ILE C 168 -6.38 8.19 16.55
N GLY C 169 -5.53 7.17 16.67
CA GLY C 169 -5.02 6.40 15.55
C GLY C 169 -3.54 6.58 15.40
N ASP C 170 -3.12 7.03 14.22
CA ASP C 170 -1.70 7.16 13.88
C ASP C 170 -1.31 8.59 14.15
N LEU C 171 -0.94 8.82 15.40
CA LEU C 171 -0.60 10.14 15.87
C LEU C 171 0.85 10.46 15.51
N LYS C 172 1.69 9.45 15.33
CA LYS C 172 3.08 9.69 14.95
C LYS C 172 3.17 10.34 13.57
N MET C 173 2.49 9.75 12.59
CA MET C 173 2.54 10.24 11.22
C MET C 173 1.40 11.18 10.82
N GLY C 174 0.45 11.40 11.73
CA GLY C 174 -0.72 12.21 11.45
C GLY C 174 -0.49 13.71 11.51
N ARG C 175 -0.10 14.29 10.39
CA ARG C 175 0.04 15.73 10.27
C ARG C 175 -1.20 16.54 10.68
N THR C 176 -2.37 15.94 10.51
CA THR C 176 -3.64 16.53 10.93
C THR C 176 -3.71 16.77 12.43
N VAL C 177 -3.44 15.72 13.19
CA VAL C 177 -3.46 15.81 14.64
C VAL C 177 -2.27 16.62 15.18
N HIS C 178 -1.18 16.66 14.44
CA HIS C 178 -0.08 17.54 14.83
C HIS C 178 -0.52 19.01 14.80
N SER C 179 -1.14 19.42 13.70
CA SER C 179 -1.60 20.78 13.53
C SER C 179 -2.74 21.10 14.49
N LEU C 180 -3.67 20.16 14.63
CA LEU C 180 -4.85 20.39 15.46
C LEU C 180 -4.48 20.54 16.94
N LEU C 181 -3.62 19.65 17.45
CA LEU C 181 -3.17 19.76 18.85
C LEU C 181 -2.51 21.11 19.14
N LYS C 182 -1.64 21.55 18.23
CA LYS C 182 -0.99 22.86 18.38
C LYS C 182 -2.00 24.00 18.41
N LEU C 183 -2.94 23.98 17.47
CA LEU C 183 -3.91 25.05 17.34
C LEU C 183 -4.85 25.13 18.55
N LEU C 184 -5.25 23.98 19.09
CA LEU C 184 -6.15 23.93 20.23
C LEU C 184 -5.47 24.36 21.55
N VAL C 185 -4.29 23.82 21.83
CA VAL C 185 -3.57 24.10 23.09
C VAL C 185 -3.08 25.55 23.14
N ARG C 186 -2.58 26.08 22.02
CA ARG C 186 -2.05 27.44 21.99
C ARG C 186 -3.13 28.49 22.13
N ASN C 187 -4.32 28.24 21.59
CA ASN C 187 -5.30 29.31 21.41
C ASN C 187 -6.59 29.18 22.22
N PHE C 188 -6.79 28.02 22.87
CA PHE C 188 -8.00 27.71 23.60
C PHE C 188 -7.62 27.10 24.94
N SER C 189 -8.63 26.95 25.79
CA SER C 189 -8.47 26.31 27.08
C SER C 189 -9.16 24.97 27.04
N ILE C 190 -8.41 23.96 26.64
CA ILE C 190 -8.94 22.61 26.47
C ILE C 190 -8.93 21.95 27.85
N LYS C 191 -10.01 21.25 28.22
CA LYS C 191 -10.06 20.54 29.51
C LYS C 191 -9.12 19.33 29.53
N CYS C 192 -9.23 18.49 28.51
CA CYS C 192 -8.53 17.22 28.50
C CYS C 192 -8.29 16.75 27.07
N VAL C 193 -7.07 16.24 26.84
CA VAL C 193 -6.72 15.58 25.59
C VAL C 193 -6.40 14.12 25.87
N PHE C 194 -7.18 13.22 25.27
CA PHE C 194 -6.81 11.81 25.22
C PHE C 194 -5.98 11.56 23.95
N LEU C 195 -4.75 11.06 24.13
CA LEU C 195 -3.90 10.60 23.02
C LEU C 195 -3.99 9.09 22.92
N VAL C 196 -4.79 8.63 21.97
CA VAL C 196 -5.25 7.24 21.88
C VAL C 196 -4.58 6.57 20.69
N ALA C 197 -3.58 5.76 20.96
CA ALA C 197 -2.77 5.17 19.90
C ALA C 197 -1.94 4.02 20.46
N PRO C 198 -1.53 3.07 19.60
CA PRO C 198 -0.50 2.15 20.09
C PRO C 198 0.78 2.92 20.39
N ASP C 199 1.58 2.44 21.33
CA ASP C 199 2.84 3.10 21.70
C ASP C 199 3.68 3.49 20.49
N ALA C 200 3.75 2.59 19.51
CA ALA C 200 4.57 2.81 18.32
C ALA C 200 4.10 3.97 17.43
N LEU C 201 2.83 4.36 17.54
CA LEU C 201 2.27 5.47 16.77
C LEU C 201 1.81 6.67 17.64
N GLN C 202 2.39 6.81 18.83
CA GLN C 202 1.97 7.87 19.75
C GLN C 202 2.38 9.27 19.22
N MET C 203 1.74 10.29 19.78
CA MET C 203 2.03 11.68 19.43
C MET C 203 3.53 11.96 19.68
N PRO C 204 4.25 12.56 18.70
CA PRO C 204 5.71 12.68 18.90
C PRO C 204 6.13 13.72 19.94
N GLN C 205 7.31 13.53 20.52
CA GLN C 205 7.85 14.49 21.47
C GLN C 205 8.02 15.90 20.90
N ASP C 206 8.39 16.03 19.62
CA ASP C 206 8.59 17.34 19.01
C ASP C 206 7.28 18.15 18.82
N VAL C 207 6.12 17.51 19.03
CA VAL C 207 4.84 18.21 19.11
C VAL C 207 4.49 18.54 20.57
N LEU C 208 4.65 17.57 21.47
CA LEU C 208 4.28 17.76 22.87
C LEU C 208 5.18 18.73 23.65
N GLU C 209 6.50 18.68 23.41
CA GLU C 209 7.43 19.49 24.21
C GLU C 209 7.27 20.99 24.00
N PRO C 210 7.14 21.47 22.74
CA PRO C 210 6.89 22.91 22.57
C PRO C 210 5.57 23.40 23.22
N LEU C 211 4.61 22.49 23.44
CA LEU C 211 3.35 22.82 24.06
C LEU C 211 3.33 22.64 25.58
N GLN C 212 4.40 22.10 26.15
CA GLN C 212 4.43 21.76 27.57
C GLN C 212 4.16 22.96 28.50
N HIS C 213 4.72 24.12 28.18
CA HIS C 213 4.47 25.32 28.99
C HIS C 213 2.98 25.68 29.00
N GLU C 214 2.34 25.73 27.83
CA GLU C 214 0.93 26.10 27.77
C GLU C 214 0.02 25.02 28.35
N ILE C 215 0.41 23.74 28.21
CA ILE C 215 -0.34 22.65 28.80
C ILE C 215 -0.37 22.82 30.33
N ALA C 216 0.80 23.04 30.92
CA ALA C 216 0.93 23.25 32.36
C ALA C 216 0.20 24.52 32.83
N THR C 217 0.47 25.62 32.15
CA THR C 217 -0.08 26.93 32.51
C THR C 217 -1.62 27.01 32.43
N LYS C 218 -2.19 26.27 31.49
CA LYS C 218 -3.63 26.24 31.31
C LYS C 218 -4.28 25.06 32.01
N GLY C 219 -3.48 24.18 32.62
CA GLY C 219 -3.99 23.05 33.38
C GLY C 219 -4.73 22.04 32.51
N VAL C 220 -4.24 21.84 31.28
CA VAL C 220 -4.78 20.87 30.35
C VAL C 220 -4.38 19.47 30.85
N ILE C 221 -5.36 18.60 31.00
CA ILE C 221 -5.13 17.19 31.34
C ILE C 221 -4.70 16.48 30.05
N ILE C 222 -3.60 15.75 30.09
CA ILE C 222 -3.15 14.91 28.97
C ILE C 222 -3.07 13.46 29.47
N HIS C 223 -3.76 12.53 28.79
CA HIS C 223 -3.68 11.09 29.11
C HIS C 223 -3.39 10.29 27.85
N ARG C 224 -2.38 9.43 27.89
CA ARG C 224 -2.16 8.47 26.82
C ARG C 224 -2.94 7.21 27.13
N THR C 225 -3.62 6.67 26.13
CA THR C 225 -4.15 5.30 26.22
C THR C 225 -3.80 4.57 24.92
N HIS C 226 -3.98 3.25 24.93
CA HIS C 226 -3.92 2.46 23.71
C HIS C 226 -5.30 1.87 23.38
N ALA C 227 -6.37 2.45 23.89
CA ALA C 227 -7.70 1.89 23.72
C ALA C 227 -8.75 2.94 23.92
N LEU C 228 -9.85 2.79 23.18
CA LEU C 228 -11.05 3.57 23.41
C LEU C 228 -11.79 2.98 24.63
N THR C 229 -11.25 3.21 25.82
CA THR C 229 -11.88 2.70 27.04
C THR C 229 -13.17 3.43 27.28
N ASP C 230 -13.93 2.93 28.25
CA ASP C 230 -15.19 3.54 28.66
C ASP C 230 -15.04 5.00 29.07
N GLU C 231 -13.94 5.31 29.76
CA GLU C 231 -13.68 6.67 30.22
C GLU C 231 -13.57 7.62 29.03
N VAL C 232 -12.78 7.23 28.04
CA VAL C 232 -12.60 8.05 26.83
C VAL C 232 -13.93 8.26 26.10
N MET C 233 -14.71 7.19 25.97
CA MET C 233 -16.00 7.23 25.31
C MET C 233 -17.02 8.08 26.08
N GLN C 234 -17.00 8.00 27.40
CA GLN C 234 -17.95 8.74 28.23
C GLN C 234 -17.60 10.20 28.41
N LYS C 235 -16.31 10.56 28.37
CA LYS C 235 -15.90 11.94 28.67
C LYS C 235 -15.70 12.84 27.43
N SER C 236 -15.45 12.24 26.27
CA SER C 236 -15.07 13.03 25.10
C SER C 236 -16.25 13.76 24.43
N ASP C 237 -16.06 15.06 24.20
CA ASP C 237 -16.98 15.85 23.38
C ASP C 237 -16.66 15.65 21.90
N VAL C 238 -15.41 15.32 21.62
CA VAL C 238 -14.93 15.11 20.26
C VAL C 238 -14.04 13.86 20.24
N LEU C 239 -14.43 12.90 19.40
CA LEU C 239 -13.59 11.77 19.02
C LEU C 239 -13.06 12.05 17.61
N TYR C 240 -11.78 12.41 17.52
CA TYR C 240 -11.13 12.74 16.25
C TYR C 240 -10.21 11.60 15.87
N THR C 241 -10.60 10.80 14.88
CA THR C 241 -9.86 9.58 14.54
C THR C 241 -9.21 9.72 13.17
N THR C 242 -8.22 8.86 12.91
CA THR C 242 -7.35 9.00 11.76
C THR C 242 -6.97 7.66 11.12
N ARG C 243 -6.56 7.76 9.87
CA ARG C 243 -6.09 6.64 9.07
C ARG C 243 -4.64 6.33 9.37
N LEU C 244 -4.29 5.05 9.39
CA LEU C 244 -2.90 4.61 9.42
C LEU C 244 -2.16 5.09 8.16
N GLN C 245 -1.10 5.88 8.32
CA GLN C 245 -0.37 6.49 7.22
C GLN C 245 0.63 5.52 6.59
N LYS C 246 0.09 4.51 5.95
CA LYS C 246 0.91 3.40 5.40
C LYS C 246 2.01 3.89 4.46
N GLU C 247 1.66 4.89 3.64
CA GLU C 247 2.59 5.59 2.73
C GLU C 247 3.87 6.08 3.42
N ARG C 248 3.79 6.41 4.72
CA ARG C 248 4.95 6.80 5.53
C ARG C 248 5.84 5.64 6.01
N PHE C 249 5.40 4.40 5.80
CA PHE C 249 6.10 3.24 6.34
C PHE C 249 6.75 2.38 5.24
N MET C 250 8.04 2.12 5.43
CA MET C 250 8.79 1.18 4.63
C MET C 250 8.35 -0.25 4.99
N ALA C 251 7.33 -0.78 4.31
CA ALA C 251 6.77 -2.11 4.66
C ALA C 251 7.83 -3.20 4.92
N SER C 252 8.88 -3.20 4.09
CA SER C 252 9.99 -4.18 4.15
C SER C 252 10.80 -4.21 5.46
N THR C 253 11.03 -3.07 6.09
CA THR C 253 11.82 -3.01 7.34
C THR C 253 10.96 -3.45 8.56
N SER C 254 11.62 -4.03 9.56
CA SER C 254 10.95 -4.68 10.69
C SER C 254 10.38 -3.68 11.70
N ASP C 255 11.11 -2.58 11.92
CA ASP C 255 10.57 -1.43 12.66
C ASP C 255 9.23 -0.97 12.05
N ASP C 256 9.22 -0.73 10.75
CA ASP C 256 8.04 -0.15 10.09
C ASP C 256 6.89 -1.14 10.02
N ALA C 257 7.19 -2.43 9.80
CA ALA C 257 6.19 -3.48 9.90
C ALA C 257 5.56 -3.59 11.30
N ALA C 258 6.34 -3.36 12.35
CA ALA C 258 5.82 -3.36 13.74
C ALA C 258 4.90 -2.16 14.00
N ALA C 259 5.32 -0.98 13.57
CA ALA C 259 4.46 0.22 13.63
C ALA C 259 3.15 -0.01 12.86
N LEU C 260 3.27 -0.51 11.63
CA LEU C 260 2.10 -0.87 10.81
C LEU C 260 1.13 -1.79 11.56
N GLN C 261 1.63 -2.93 12.03
CA GLN C 261 0.81 -3.92 12.72
C GLN C 261 0.18 -3.39 14.02
N SER C 262 0.87 -2.47 14.71
CA SER C 262 0.43 -2.03 16.05
C SER C 262 -0.95 -1.35 16.08
N PHE C 263 -1.29 -0.69 14.97
CA PHE C 263 -2.58 -0.01 14.79
C PHE C 263 -3.78 -0.92 15.10
N ALA C 264 -3.72 -2.17 14.65
CA ALA C 264 -4.75 -3.17 15.00
C ALA C 264 -4.31 -4.10 16.15
N ALA C 265 -3.03 -4.47 16.16
CA ALA C 265 -2.48 -5.47 17.10
C ALA C 265 -2.28 -4.98 18.55
N LYS C 266 -1.91 -3.71 18.68
CA LYS C 266 -1.49 -3.12 19.96
C LYS C 266 -2.42 -2.02 20.45
N ALA C 267 -3.59 -1.88 19.81
CA ALA C 267 -4.58 -0.89 20.20
C ALA C 267 -5.99 -1.41 19.94
N ASP C 268 -6.94 -0.92 20.72
CA ASP C 268 -8.38 -1.21 20.55
C ASP C 268 -9.06 0.15 20.28
N ILE C 269 -9.06 0.55 19.01
CA ILE C 269 -9.43 1.92 18.62
C ILE C 269 -10.46 2.08 17.50
N THR C 270 -11.13 1.00 17.09
CA THR C 270 -12.16 1.10 16.06
C THR C 270 -13.43 1.73 16.65
N ILE C 271 -13.99 2.71 15.91
CA ILE C 271 -15.29 3.29 16.24
C ILE C 271 -16.32 2.67 15.31
N ASP C 272 -17.28 1.96 15.92
CA ASP C 272 -18.44 1.41 15.23
C ASP C 272 -19.67 1.73 16.05
N ALA C 273 -20.83 1.33 15.55
CA ALA C 273 -22.10 1.61 16.21
C ALA C 273 -22.11 1.07 17.65
N ALA C 274 -21.57 -0.12 17.86
CA ALA C 274 -21.48 -0.71 19.21
C ALA C 274 -20.72 0.19 20.20
N ARG C 275 -19.47 0.53 19.87
CA ARG C 275 -18.69 1.54 20.62
C ARG C 275 -19.45 2.84 20.89
N MET C 276 -20.19 3.34 19.88
CA MET C 276 -20.94 4.60 20.03
C MET C 276 -22.07 4.57 21.06
N ARG C 277 -22.50 3.37 21.46
CA ARG C 277 -23.47 3.22 22.56
C ARG C 277 -22.94 3.77 23.91
N LEU C 278 -21.62 3.89 24.02
CA LEU C 278 -20.97 4.49 25.17
C LEU C 278 -20.78 6.02 25.09
N ALA C 279 -20.90 6.63 23.91
CA ALA C 279 -20.67 8.07 23.75
C ALA C 279 -21.72 8.93 24.44
N LYS C 280 -21.35 10.16 24.75
CA LYS C 280 -22.31 11.19 25.17
C LYS C 280 -23.34 11.45 24.09
N GLU C 281 -24.46 12.02 24.48
CA GLU C 281 -25.47 12.46 23.54
C GLU C 281 -24.93 13.65 22.72
N LYS C 282 -24.35 14.61 23.42
CA LYS C 282 -23.82 15.82 22.79
C LYS C 282 -22.32 15.72 22.53
N MET C 283 -21.98 15.18 21.37
CA MET C 283 -20.59 15.07 20.95
C MET C 283 -20.55 14.87 19.45
N ILE C 284 -19.34 14.91 18.90
CA ILE C 284 -19.17 14.62 17.48
C ILE C 284 -18.00 13.67 17.26
N VAL C 285 -18.13 12.86 16.22
CA VAL C 285 -17.05 12.04 15.72
C VAL C 285 -16.51 12.77 14.48
N MET C 286 -15.18 12.90 14.42
CA MET C 286 -14.50 13.55 13.33
C MET C 286 -13.42 12.63 12.75
N HIS C 287 -13.09 12.89 11.48
CA HIS C 287 -12.03 12.17 10.75
C HIS C 287 -11.64 13.11 9.59
N PRO C 288 -10.34 13.44 9.45
CA PRO C 288 -9.93 14.29 8.30
C PRO C 288 -10.19 13.72 6.93
N LEU C 289 -10.10 12.39 6.84
CA LEU C 289 -10.43 11.55 5.70
C LEU C 289 -9.22 11.56 4.74
N PRO C 290 -9.04 10.53 3.93
CA PRO C 290 -9.89 9.36 3.85
C PRO C 290 -9.67 8.39 5.00
N ARG C 291 -10.63 7.50 5.16
CA ARG C 291 -10.62 6.49 6.22
C ARG C 291 -10.48 5.09 5.63
N ASN C 292 -10.02 4.17 6.46
CA ASN C 292 -10.17 2.73 6.23
C ASN C 292 -11.05 2.17 7.36
N ASP C 293 -10.69 1.01 7.91
CA ASP C 293 -11.58 0.29 8.83
C ASP C 293 -11.66 0.88 10.26
N GLU C 294 -10.78 1.83 10.60
CA GLU C 294 -10.84 2.51 11.90
C GLU C 294 -12.18 3.21 12.24
N LEU C 295 -12.94 3.60 11.21
CA LEU C 295 -14.21 4.25 11.38
C LEU C 295 -15.25 3.55 10.53
N SER C 296 -16.05 2.74 11.19
CA SER C 296 -17.03 1.90 10.50
C SER C 296 -18.15 2.71 9.82
N THR C 297 -18.57 2.22 8.65
CA THR C 297 -19.73 2.78 7.97
C THR C 297 -21.03 2.67 8.81
N THR C 298 -21.02 1.82 9.84
CA THR C 298 -22.18 1.69 10.74
C THR C 298 -22.44 2.96 11.54
N VAL C 299 -21.45 3.83 11.64
CA VAL C 299 -21.56 5.12 12.35
C VAL C 299 -22.14 6.25 11.47
N ASP C 300 -22.13 6.06 10.15
CA ASP C 300 -22.43 7.15 9.22
C ASP C 300 -23.82 7.75 9.41
N ALA C 301 -24.81 6.93 9.76
CA ALA C 301 -26.18 7.39 10.00
C ALA C 301 -26.34 8.17 11.31
N ASP C 302 -25.39 8.05 12.23
CA ASP C 302 -25.51 8.68 13.53
C ASP C 302 -25.51 10.22 13.37
N PRO C 303 -26.44 10.92 14.01
CA PRO C 303 -26.35 12.40 13.95
C PRO C 303 -25.02 13.00 14.49
N ARG C 304 -24.32 12.28 15.35
CA ARG C 304 -23.05 12.75 15.89
C ARG C 304 -21.86 12.55 14.91
N ALA C 305 -22.09 11.78 13.84
CA ALA C 305 -21.09 11.59 12.78
C ALA C 305 -20.93 12.90 11.98
N ALA C 306 -19.87 13.65 12.26
CA ALA C 306 -19.70 14.97 11.67
C ALA C 306 -18.67 15.00 10.54
N TYR C 307 -18.14 13.84 10.16
CA TYR C 307 -16.95 13.78 9.27
C TYR C 307 -17.26 14.06 7.80
N PHE C 308 -18.50 13.92 7.40
CA PHE C 308 -18.93 14.40 6.09
C PHE C 308 -19.21 15.89 6.11
N ARG C 309 -19.92 16.35 7.12
CA ARG C 309 -20.16 17.79 7.30
C ARG C 309 -18.84 18.57 7.43
N GLN C 310 -17.85 17.95 8.10
CA GLN C 310 -16.48 18.45 8.15
C GLN C 310 -15.89 18.87 6.80
N MET C 311 -16.12 18.09 5.75
CA MET C 311 -15.58 18.44 4.42
C MET C 311 -16.24 19.70 3.84
N ARG C 312 -17.53 19.86 4.10
CA ARG C 312 -18.29 21.06 3.67
C ARG C 312 -17.78 22.30 4.43
N TYR C 313 -17.65 22.20 5.75
CA TYR C 313 -17.02 23.29 6.52
C TYR C 313 -15.62 23.58 5.96
N GLY C 314 -14.93 22.53 5.52
CA GLY C 314 -13.62 22.66 4.89
C GLY C 314 -13.58 23.57 3.68
N MET C 315 -14.58 23.43 2.80
CA MET C 315 -14.71 24.32 1.65
C MET C 315 -14.80 25.80 2.08
N PHE C 316 -15.67 26.10 3.04
CA PHE C 316 -15.86 27.48 3.51
C PHE C 316 -14.66 28.04 4.25
N MET C 317 -13.98 27.21 5.03
CA MET C 317 -12.75 27.64 5.70
C MET C 317 -11.68 27.93 4.67
N ARG C 318 -11.56 27.04 3.68
CA ARG C 318 -10.61 27.33 2.58
C ARG C 318 -10.96 28.60 1.80
N MET C 319 -12.23 28.89 1.61
CA MET C 319 -12.65 30.14 0.97
C MET C 319 -12.25 31.33 1.84
N ALA C 320 -12.51 31.24 3.14
CA ALA C 320 -12.12 32.30 4.08
C ALA C 320 -10.62 32.56 4.05
N ILE C 321 -9.86 31.48 4.05
CA ILE C 321 -8.40 31.59 4.00
C ILE C 321 -7.93 32.21 2.68
N LEU C 322 -8.42 31.71 1.55
CA LEU C 322 -7.97 32.21 0.24
C LEU C 322 -8.25 33.72 0.06
N TRP C 323 -9.47 34.13 0.37
CA TRP C 323 -9.88 35.53 0.32
C TRP C 323 -9.05 36.38 1.26
N SER C 324 -8.78 35.90 2.47
CA SER C 324 -7.92 36.64 3.39
C SER C 324 -6.49 36.74 2.90
N VAL C 325 -5.97 35.67 2.29
CA VAL C 325 -4.59 35.70 1.80
C VAL C 325 -4.42 36.69 0.65
N LEU C 326 -5.39 36.69 -0.27
CA LEU C 326 -5.27 37.37 -1.56
C LEU C 326 -6.01 38.69 -1.70
N ALA C 327 -6.65 39.17 -0.64
CA ALA C 327 -7.46 40.39 -0.72
C ALA C 327 -6.57 41.62 -0.85
N SER D 1 6.48 -48.64 12.83
CA SER D 1 5.17 -48.27 13.46
C SER D 1 3.96 -48.33 12.51
N MET D 2 4.14 -48.72 11.24
CA MET D 2 3.07 -48.69 10.21
C MET D 2 2.07 -49.85 10.32
N LEU D 3 2.52 -51.05 10.71
CA LEU D 3 1.64 -52.24 10.75
C LEU D 3 0.44 -52.04 11.70
N GLU D 4 0.68 -51.31 12.78
CA GLU D 4 -0.36 -50.91 13.74
C GLU D 4 -1.07 -49.61 13.37
N LEU D 5 -0.40 -48.76 12.56
CA LEU D 5 -0.98 -47.53 12.04
C LEU D 5 -0.94 -47.47 10.49
N PRO D 6 -1.72 -48.33 9.81
CA PRO D 6 -1.63 -48.33 8.34
C PRO D 6 -2.24 -47.06 7.74
N PRO D 7 -1.53 -46.42 6.80
CA PRO D 7 -2.07 -45.20 6.22
C PRO D 7 -3.24 -45.51 5.30
N VAL D 8 -4.14 -44.56 5.13
CA VAL D 8 -5.29 -44.77 4.27
C VAL D 8 -4.78 -44.59 2.84
N ALA D 9 -4.66 -45.72 2.12
CA ALA D 9 -4.02 -45.78 0.80
C ALA D 9 -4.61 -44.85 -0.26
N SER D 10 -5.92 -44.68 -0.26
CA SER D 10 -6.56 -43.82 -1.26
C SER D 10 -6.15 -42.34 -1.18
N LEU D 11 -5.66 -41.88 -0.03
CA LEU D 11 -5.20 -40.49 0.15
C LEU D 11 -3.72 -40.23 -0.19
N LYS D 12 -2.94 -41.28 -0.48
CA LYS D 12 -1.50 -41.12 -0.72
C LYS D 12 -1.26 -40.07 -1.81
N GLY D 13 -0.56 -39.00 -1.43
CA GLY D 13 -0.11 -37.97 -2.36
C GLY D 13 -1.16 -37.05 -2.93
N LYS D 14 -2.38 -37.06 -2.37
CA LYS D 14 -3.50 -36.26 -2.85
C LYS D 14 -3.68 -34.97 -2.06
N SER D 15 -4.04 -33.91 -2.78
CA SER D 15 -4.55 -32.69 -2.19
C SER D 15 -5.94 -32.96 -1.60
N ILE D 16 -6.25 -32.28 -0.50
CA ILE D 16 -7.54 -32.42 0.15
C ILE D 16 -8.21 -31.08 0.08
N THR D 17 -9.17 -30.99 -0.82
CA THR D 17 -9.83 -29.76 -1.16
C THR D 17 -11.32 -29.73 -0.85
N SER D 18 -11.99 -30.89 -0.85
CA SER D 18 -13.45 -30.96 -0.76
C SER D 18 -13.88 -32.23 -0.02
N ALA D 19 -14.90 -32.07 0.82
CA ALA D 19 -15.65 -33.19 1.39
C ALA D 19 -16.12 -34.20 0.32
N GLU D 20 -16.43 -33.71 -0.89
CA GLU D 20 -16.86 -34.58 -2.00
C GLU D 20 -15.84 -35.65 -2.43
N GLN D 21 -14.56 -35.49 -2.12
CA GLN D 21 -13.54 -36.44 -2.60
C GLN D 21 -13.43 -37.74 -1.81
N PHE D 22 -14.14 -37.84 -0.69
CA PHE D 22 -14.04 -39.02 0.15
C PHE D 22 -15.23 -39.96 -0.01
N SER D 23 -14.95 -41.26 0.12
CA SER D 23 -15.97 -42.30 0.19
C SER D 23 -16.21 -42.66 1.64
N ARG D 24 -17.32 -43.34 1.89
CA ARG D 24 -17.64 -43.86 3.21
C ARG D 24 -16.48 -44.69 3.77
N ALA D 25 -15.92 -45.59 2.97
CA ALA D 25 -14.78 -46.40 3.43
C ALA D 25 -13.54 -45.55 3.75
N ASP D 26 -13.27 -44.48 2.97
CA ASP D 26 -12.17 -43.57 3.31
C ASP D 26 -12.40 -42.99 4.70
N ILE D 27 -13.62 -42.52 4.95
CA ILE D 27 -13.95 -41.84 6.21
C ILE D 27 -13.73 -42.78 7.40
N TYR D 28 -14.26 -44.00 7.32
CA TYR D 28 -14.07 -44.98 8.39
C TYR D 28 -12.63 -45.42 8.57
N ALA D 29 -11.89 -45.51 7.47
CA ALA D 29 -10.48 -45.86 7.59
C ALA D 29 -9.73 -44.72 8.33
N LEU D 30 -10.03 -43.46 7.99
CA LEU D 30 -9.49 -42.31 8.75
C LEU D 30 -9.89 -42.29 10.21
N ILE D 31 -11.16 -42.59 10.46
CA ILE D 31 -11.66 -42.66 11.83
C ILE D 31 -10.90 -43.70 12.66
N HIS D 32 -10.74 -44.91 12.13
CA HIS D 32 -10.04 -45.97 12.89
C HIS D 32 -8.56 -45.68 13.05
N LEU D 33 -7.94 -45.06 12.04
CA LEU D 33 -6.53 -44.64 12.15
C LEU D 33 -6.35 -43.53 13.20
N ALA D 34 -7.21 -42.52 13.14
CA ALA D 34 -7.19 -41.45 14.12
C ALA D 34 -7.35 -42.03 15.55
N SER D 35 -8.27 -42.97 15.74
CA SER D 35 -8.46 -43.61 17.04
C SER D 35 -7.25 -44.42 17.51
N ALA D 36 -6.58 -45.12 16.59
CA ALA D 36 -5.37 -45.86 16.91
C ALA D 36 -4.27 -44.88 17.37
N MET D 37 -4.12 -43.79 16.63
CA MET D 37 -3.17 -42.75 17.01
C MET D 37 -3.49 -42.11 18.36
N GLN D 38 -4.77 -41.82 18.62
CA GLN D 38 -5.21 -41.34 19.94
C GLN D 38 -4.75 -42.30 21.06
N ARG D 39 -4.97 -43.59 20.89
CA ARG D 39 -4.56 -44.58 21.91
C ARG D 39 -3.04 -44.53 22.18
N LYS D 40 -2.26 -44.45 21.12
CA LYS D 40 -0.80 -44.45 21.24
C LYS D 40 -0.31 -43.15 21.88
N ILE D 41 -0.80 -42.02 21.38
CA ILE D 41 -0.44 -40.71 21.94
C ILE D 41 -0.86 -40.60 23.40
N ASP D 42 -2.06 -41.05 23.77
CA ASP D 42 -2.49 -40.98 25.18
C ASP D 42 -1.74 -41.92 26.13
N ALA D 43 -1.19 -43.01 25.61
CA ALA D 43 -0.33 -43.90 26.41
C ALA D 43 1.07 -43.31 26.59
N GLY D 44 1.42 -42.33 25.76
CA GLY D 44 2.69 -41.62 25.83
C GLY D 44 3.72 -42.09 24.83
N GLU D 45 3.31 -42.89 23.85
CA GLU D 45 4.22 -43.31 22.77
C GLU D 45 4.54 -42.12 21.84
N VAL D 46 5.80 -42.09 21.40
CA VAL D 46 6.30 -41.14 20.44
C VAL D 46 6.25 -41.81 19.05
N LEU D 47 5.66 -41.12 18.08
CA LEU D 47 5.59 -41.59 16.70
C LEU D 47 6.66 -40.88 15.87
N ASN D 48 7.29 -41.62 14.96
CA ASN D 48 8.41 -41.10 14.15
C ASN D 48 8.12 -41.13 12.67
N LEU D 49 6.84 -41.29 12.35
CA LEU D 49 6.40 -41.62 11.00
C LEU D 49 6.80 -40.62 9.91
N LEU D 50 6.85 -39.33 10.24
CA LEU D 50 7.14 -38.29 9.22
C LEU D 50 8.42 -37.50 9.51
N GLN D 51 9.39 -38.16 10.12
CA GLN D 51 10.67 -37.53 10.39
C GLN D 51 11.26 -36.99 9.08
N GLY D 52 11.78 -35.76 9.11
CA GLY D 52 12.36 -35.12 7.95
C GLY D 52 11.38 -34.61 6.89
N ARG D 53 10.08 -34.64 7.16
CA ARG D 53 9.10 -34.08 6.26
C ARG D 53 8.65 -32.72 6.80
N ILE D 54 8.34 -31.80 5.88
CA ILE D 54 8.04 -30.43 6.22
C ILE D 54 6.62 -30.07 5.77
N MET D 55 5.84 -29.56 6.73
CA MET D 55 4.59 -28.84 6.48
C MET D 55 4.85 -27.35 6.57
N THR D 56 4.30 -26.61 5.61
CA THR D 56 4.38 -25.17 5.62
C THR D 56 2.97 -24.65 5.57
N PRO D 57 2.50 -24.07 6.68
CA PRO D 57 1.26 -23.32 6.70
C PRO D 57 1.32 -22.11 5.76
N LEU D 58 0.31 -21.92 4.93
CA LEU D 58 0.17 -20.75 4.03
C LEU D 58 -1.18 -20.08 4.29
N PHE D 59 -1.22 -19.27 5.35
CA PHE D 59 -2.45 -18.72 5.89
C PHE D 59 -2.60 -17.25 5.49
N PHE D 60 -3.50 -16.96 4.54
CA PHE D 60 -3.84 -15.58 4.15
C PHE D 60 -4.91 -14.95 5.05
N GLU D 61 -5.62 -15.75 5.84
CA GLU D 61 -6.40 -15.27 7.01
C GLU D 61 -5.76 -15.91 8.21
N ASP D 62 -5.84 -15.23 9.35
CA ASP D 62 -5.32 -15.77 10.61
C ASP D 62 -6.29 -16.81 11.18
N SER D 63 -5.74 -17.93 11.62
CA SER D 63 -6.48 -18.82 12.53
C SER D 63 -5.48 -19.61 13.36
N SER D 64 -5.14 -19.06 14.52
CA SER D 64 -4.28 -19.75 15.46
C SER D 64 -4.81 -21.13 15.86
N ARG D 65 -6.12 -21.29 16.06
CA ARG D 65 -6.67 -22.64 16.31
C ARG D 65 -6.40 -23.64 15.17
N THR D 66 -6.64 -23.25 13.92
CA THR D 66 -6.45 -24.17 12.78
C THR D 66 -4.99 -24.43 12.50
N PHE D 67 -4.22 -23.34 12.40
CA PHE D 67 -2.76 -23.40 12.27
C PHE D 67 -2.12 -24.34 13.31
N SER D 68 -2.50 -24.15 14.57
CA SER D 68 -1.88 -24.83 15.71
C SER D 68 -2.25 -26.29 15.76
N SER D 69 -3.50 -26.61 15.39
CA SER D 69 -3.97 -27.98 15.24
C SER D 69 -3.15 -28.75 14.18
N PHE D 70 -2.97 -28.15 13.01
CA PHE D 70 -2.17 -28.78 11.94
C PHE D 70 -0.71 -28.95 12.33
N CYS D 71 -0.10 -27.93 12.92
CA CYS D 71 1.28 -28.03 13.40
C CYS D 71 1.48 -29.11 14.44
N ALA D 72 0.56 -29.17 15.41
CA ALA D 72 0.62 -30.15 16.49
C ALA D 72 0.50 -31.58 15.93
N ALA D 73 -0.43 -31.76 14.99
CA ALA D 73 -0.59 -33.04 14.30
C ALA D 73 0.72 -33.44 13.61
N MET D 74 1.33 -32.50 12.90
CA MET D 74 2.56 -32.78 12.15
C MET D 74 3.68 -33.20 13.09
N ILE D 75 3.82 -32.45 14.17
CA ILE D 75 4.85 -32.68 15.18
C ILE D 75 4.67 -34.03 15.87
N ARG D 76 3.42 -34.35 16.24
CA ARG D 76 3.13 -35.63 16.89
C ARG D 76 3.32 -36.86 15.97
N LEU D 77 3.52 -36.65 14.66
CA LEU D 77 3.92 -37.72 13.73
C LEU D 77 5.44 -37.77 13.49
N GLY D 78 6.18 -36.92 14.21
CA GLY D 78 7.63 -36.75 14.03
C GLY D 78 8.04 -35.76 12.97
N GLY D 79 7.07 -35.13 12.32
CA GLY D 79 7.32 -34.14 11.26
C GLY D 79 7.76 -32.79 11.76
N SER D 80 8.03 -31.89 10.83
CA SER D 80 8.55 -30.57 11.12
C SER D 80 7.69 -29.52 10.43
N VAL D 81 7.77 -28.30 10.95
CA VAL D 81 7.04 -27.16 10.41
C VAL D 81 8.00 -26.03 10.05
N VAL D 82 7.81 -25.45 8.86
CA VAL D 82 8.43 -24.17 8.51
C VAL D 82 7.39 -23.06 8.59
N ASN D 83 7.56 -22.18 9.59
CA ASN D 83 6.62 -21.09 9.93
C ASN D 83 6.62 -19.91 8.94
N PHE D 84 6.16 -20.13 7.71
CA PHE D 84 5.98 -19.06 6.72
C PHE D 84 4.83 -18.11 7.13
N LYS D 85 5.05 -16.80 6.95
CA LYS D 85 4.08 -15.76 7.35
C LYS D 85 3.83 -14.84 6.17
N VAL D 86 2.58 -14.73 5.72
CA VAL D 86 2.20 -13.80 4.65
C VAL D 86 2.11 -12.39 5.23
N GLU D 95 4.65 -9.94 -5.09
CA GLU D 95 4.73 -11.36 -5.42
C GLU D 95 3.35 -12.00 -5.53
N THR D 96 3.12 -12.77 -6.59
CA THR D 96 1.81 -13.36 -6.87
C THR D 96 1.54 -14.60 -6.00
N LEU D 97 0.28 -15.04 -5.98
CA LEU D 97 -0.09 -16.26 -5.29
C LEU D 97 0.66 -17.45 -5.88
N ALA D 98 0.73 -17.53 -7.20
CA ALA D 98 1.41 -18.62 -7.88
C ALA D 98 2.90 -18.71 -7.53
N ASP D 99 3.59 -17.57 -7.52
CA ASP D 99 5.02 -17.55 -7.17
C ASP D 99 5.23 -17.93 -5.71
N THR D 100 4.34 -17.50 -4.82
CA THR D 100 4.38 -17.92 -3.42
C THR D 100 4.27 -19.44 -3.33
N ILE D 101 3.29 -20.03 -4.02
CA ILE D 101 3.14 -21.49 -4.01
C ILE D 101 4.42 -22.18 -4.51
N ARG D 102 4.97 -21.69 -5.61
CA ARG D 102 6.20 -22.28 -6.15
C ARG D 102 7.33 -22.17 -5.13
N THR D 103 7.37 -21.06 -4.39
CA THR D 103 8.40 -20.83 -3.38
C THR D 103 8.30 -21.87 -2.26
N LEU D 104 7.09 -22.02 -1.71
CA LEU D 104 6.85 -23.00 -0.65
C LEU D 104 7.12 -24.43 -1.15
N ASP D 105 6.75 -24.71 -2.41
CA ASP D 105 7.06 -26.00 -3.09
C ASP D 105 8.54 -26.38 -3.24
N SER D 106 9.41 -25.38 -3.26
CA SER D 106 10.85 -25.60 -3.35
C SER D 106 11.40 -26.45 -2.21
N TYR D 107 10.80 -26.33 -1.03
CA TYR D 107 11.34 -27.01 0.15
C TYR D 107 10.38 -27.80 1.04
N SER D 108 9.08 -27.77 0.75
CA SER D 108 8.06 -28.40 1.59
C SER D 108 7.62 -29.76 1.04
N ASP D 109 7.04 -30.57 1.92
CA ASP D 109 6.37 -31.82 1.56
C ASP D 109 4.87 -31.68 1.49
N VAL D 110 4.28 -30.80 2.29
CA VAL D 110 2.86 -30.52 2.27
C VAL D 110 2.58 -29.06 2.60
N LEU D 111 1.62 -28.48 1.87
CA LEU D 111 1.16 -27.12 2.09
C LEU D 111 -0.21 -27.13 2.74
N VAL D 112 -0.44 -26.26 3.72
CA VAL D 112 -1.74 -26.11 4.37
C VAL D 112 -2.22 -24.69 4.08
N MET D 113 -3.23 -24.55 3.23
CA MET D 113 -3.63 -23.28 2.72
C MET D 113 -4.96 -22.84 3.28
N ARG D 114 -5.01 -21.62 3.79
CA ARG D 114 -6.26 -20.96 4.16
C ARG D 114 -6.31 -19.63 3.42
N HIS D 115 -7.43 -19.34 2.74
CA HIS D 115 -7.53 -18.13 1.91
C HIS D 115 -8.95 -17.55 1.94
N PRO D 116 -9.10 -16.20 2.01
CA PRO D 116 -10.45 -15.62 1.99
C PRO D 116 -11.22 -15.72 0.66
N ARG D 117 -10.55 -16.07 -0.44
CA ARG D 117 -11.15 -16.13 -1.75
C ARG D 117 -11.42 -17.60 -1.98
N GLN D 118 -12.63 -17.90 -2.44
CA GLN D 118 -13.06 -19.27 -2.65
C GLN D 118 -12.28 -19.97 -3.75
N ASP D 119 -11.91 -19.26 -4.81
CA ASP D 119 -11.17 -19.90 -5.93
C ASP D 119 -9.62 -19.94 -5.80
N ALA D 120 -9.05 -19.43 -4.71
CA ALA D 120 -7.58 -19.43 -4.53
C ALA D 120 -6.97 -20.85 -4.49
N ILE D 121 -7.75 -21.82 -4.02
CA ILE D 121 -7.28 -23.20 -3.86
C ILE D 121 -7.04 -23.83 -5.22
N GLU D 122 -7.98 -23.66 -6.15
CA GLU D 122 -7.82 -24.20 -7.51
C GLU D 122 -6.63 -23.59 -8.25
N GLU D 123 -6.39 -22.29 -8.05
CA GLU D 123 -5.21 -21.61 -8.62
C GLU D 123 -3.92 -22.15 -8.02
N ALA D 124 -3.90 -22.37 -6.71
CA ALA D 124 -2.76 -23.03 -6.05
C ALA D 124 -2.51 -24.44 -6.58
N LEU D 125 -3.56 -25.23 -6.77
CA LEU D 125 -3.46 -26.59 -7.33
C LEU D 125 -2.86 -26.61 -8.74
N SER D 126 -3.14 -25.59 -9.54
CA SER D 126 -2.60 -25.53 -10.90
C SER D 126 -1.07 -25.40 -10.95
N VAL D 127 -0.45 -24.80 -9.93
CA VAL D 127 1.02 -24.70 -9.87
C VAL D 127 1.68 -25.66 -8.89
N ALA D 128 1.01 -26.04 -7.80
CA ALA D 128 1.66 -26.85 -6.76
C ALA D 128 2.10 -28.22 -7.24
N GLN D 129 3.27 -28.65 -6.78
CA GLN D 129 3.80 -29.99 -7.04
C GLN D 129 3.58 -30.93 -5.85
N HIS D 130 3.47 -30.39 -4.64
CA HIS D 130 3.21 -31.18 -3.45
C HIS D 130 1.73 -31.05 -3.06
N PRO D 131 1.20 -32.01 -2.25
CA PRO D 131 -0.19 -31.91 -1.78
C PRO D 131 -0.53 -30.61 -1.05
N ILE D 132 -1.72 -30.07 -1.33
CA ILE D 132 -2.28 -28.95 -0.59
C ILE D 132 -3.47 -29.43 0.23
N LEU D 133 -3.45 -29.12 1.53
CA LEU D 133 -4.60 -29.36 2.40
C LEU D 133 -5.35 -28.04 2.55
N ASN D 134 -6.60 -28.03 2.09
CA ASN D 134 -7.44 -26.86 2.15
C ASN D 134 -7.92 -26.68 3.57
N ALA D 135 -7.35 -25.71 4.28
CA ALA D 135 -7.78 -25.37 5.64
C ALA D 135 -8.83 -24.26 5.67
N GLY D 136 -9.48 -23.99 4.53
CA GLY D 136 -10.58 -23.04 4.46
C GLY D 136 -10.39 -22.09 3.29
N ASN D 137 -11.34 -22.13 2.34
CA ASN D 137 -11.33 -21.25 1.15
C ASN D 137 -12.58 -20.37 1.08
N GLY D 138 -12.49 -19.17 1.66
CA GLY D 138 -13.60 -18.21 1.65
C GLY D 138 -14.84 -18.84 2.27
N ALA D 139 -15.98 -18.73 1.59
CA ALA D 139 -17.23 -19.38 1.98
C ALA D 139 -17.46 -20.75 1.33
N GLY D 140 -16.43 -21.32 0.72
CA GLY D 140 -16.49 -22.66 0.11
C GLY D 140 -16.51 -23.78 1.13
N GLU D 141 -15.35 -24.38 1.39
CA GLU D 141 -15.27 -25.61 2.19
C GLU D 141 -14.18 -25.62 3.25
N HIS D 142 -14.29 -26.59 4.14
CA HIS D 142 -13.31 -26.82 5.18
C HIS D 142 -13.29 -28.35 5.40
N PRO D 143 -12.67 -29.09 4.45
CA PRO D 143 -12.81 -30.56 4.41
C PRO D 143 -12.32 -31.33 5.63
N THR D 144 -11.17 -30.93 6.20
CA THR D 144 -10.65 -31.65 7.36
C THR D 144 -11.52 -31.37 8.60
N GLN D 145 -12.18 -30.21 8.65
CA GLN D 145 -13.16 -29.94 9.71
C GLN D 145 -14.34 -30.92 9.62
N ALA D 146 -14.87 -31.14 8.41
CA ALA D 146 -15.96 -32.10 8.24
C ALA D 146 -15.54 -33.50 8.72
N LEU D 147 -14.30 -33.89 8.42
CA LEU D 147 -13.80 -35.21 8.82
C LEU D 147 -13.68 -35.36 10.32
N LEU D 148 -13.08 -34.36 10.96
CA LEU D 148 -12.93 -34.40 12.41
C LEU D 148 -14.29 -34.27 13.14
N ASP D 149 -15.19 -33.48 12.57
CA ASP D 149 -16.58 -33.36 13.06
C ASP D 149 -17.28 -34.75 13.05
N THR D 150 -17.08 -35.50 11.97
CA THR D 150 -17.64 -36.84 11.82
C THR D 150 -16.98 -37.83 12.79
N LEU D 151 -15.66 -37.75 12.97
CA LEU D 151 -14.96 -38.53 14.01
C LEU D 151 -15.59 -38.22 15.37
N THR D 152 -15.84 -36.94 15.63
CA THR D 152 -16.46 -36.50 16.90
C THR D 152 -17.83 -37.21 17.11
N ILE D 153 -18.67 -37.22 16.09
CA ILE D 153 -19.99 -37.84 16.16
C ILE D 153 -19.86 -39.34 16.41
N HIS D 154 -19.07 -40.01 15.60
CA HIS D 154 -18.80 -41.45 15.73
C HIS D 154 -18.31 -41.81 17.15
N SER D 155 -17.31 -41.09 17.63
CA SER D 155 -16.71 -41.39 18.93
C SER D 155 -17.64 -41.08 20.09
N GLU D 156 -18.47 -40.04 19.95
CA GLU D 156 -19.33 -39.60 21.05
C GLU D 156 -20.66 -40.38 21.10
N LEU D 157 -21.31 -40.54 19.95
CA LEU D 157 -22.60 -41.19 19.85
C LEU D 157 -22.55 -42.65 19.41
N GLY D 158 -21.46 -43.08 18.77
CA GLY D 158 -21.28 -44.47 18.39
C GLY D 158 -21.70 -44.83 16.96
N SER D 159 -22.61 -44.05 16.39
CA SER D 159 -23.14 -44.29 15.04
C SER D 159 -23.39 -42.95 14.33
N VAL D 160 -23.15 -42.92 13.01
CA VAL D 160 -23.41 -41.71 12.23
C VAL D 160 -24.70 -41.86 11.40
N ASP D 161 -24.89 -43.03 10.79
CA ASP D 161 -26.17 -43.35 10.17
C ASP D 161 -27.30 -43.22 11.19
N GLY D 162 -28.44 -42.74 10.73
CA GLY D 162 -29.63 -42.68 11.56
C GLY D 162 -29.78 -41.42 12.40
N ILE D 163 -28.76 -40.57 12.44
CA ILE D 163 -28.83 -39.39 13.29
C ILE D 163 -29.73 -38.28 12.74
N THR D 164 -30.24 -37.48 13.67
CA THR D 164 -30.88 -36.19 13.38
C THR D 164 -29.90 -35.12 13.80
N ILE D 165 -29.50 -34.27 12.85
CA ILE D 165 -28.50 -33.25 13.11
C ILE D 165 -29.09 -31.87 12.79
N ALA D 166 -28.89 -30.90 13.70
CA ALA D 166 -29.24 -29.51 13.45
C ALA D 166 -27.96 -28.74 13.05
N LEU D 167 -28.01 -28.09 11.90
CA LEU D 167 -26.95 -27.20 11.46
C LEU D 167 -27.46 -25.77 11.69
N ILE D 168 -26.78 -25.05 12.58
CA ILE D 168 -27.26 -23.79 13.14
C ILE D 168 -26.29 -22.62 12.94
N GLY D 169 -26.85 -21.47 12.57
CA GLY D 169 -26.14 -20.20 12.50
C GLY D 169 -26.12 -19.63 11.10
N ASP D 170 -24.94 -19.18 10.67
CA ASP D 170 -24.76 -18.58 9.38
C ASP D 170 -24.40 -19.71 8.45
N LEU D 171 -25.43 -20.31 7.89
CA LEU D 171 -25.25 -21.42 6.94
C LEU D 171 -24.85 -20.91 5.55
N LYS D 172 -25.19 -19.67 5.23
CA LYS D 172 -24.80 -19.10 3.93
C LYS D 172 -23.27 -19.02 3.77
N MET D 173 -22.60 -18.42 4.75
CA MET D 173 -21.16 -18.18 4.68
C MET D 173 -20.32 -19.22 5.42
N GLY D 174 -20.97 -20.12 6.16
CA GLY D 174 -20.23 -21.10 6.98
C GLY D 174 -19.63 -22.25 6.19
N ARG D 175 -18.33 -22.18 5.93
CA ARG D 175 -17.66 -23.23 5.16
C ARG D 175 -17.62 -24.58 5.89
N THR D 176 -17.72 -24.58 7.23
CA THR D 176 -17.72 -25.83 8.00
C THR D 176 -19.01 -26.60 7.76
N VAL D 177 -20.14 -25.93 7.88
CA VAL D 177 -21.44 -26.59 7.63
C VAL D 177 -21.64 -27.02 6.17
N HIS D 178 -20.98 -26.33 5.23
CA HIS D 178 -21.03 -26.75 3.82
C HIS D 178 -20.38 -28.12 3.63
N SER D 179 -19.17 -28.28 4.16
CA SER D 179 -18.43 -29.54 4.05
C SER D 179 -19.06 -30.64 4.88
N LEU D 180 -19.54 -30.31 6.07
CA LEU D 180 -20.17 -31.32 6.90
C LEU D 180 -21.46 -31.86 6.30
N LEU D 181 -22.31 -30.98 5.77
CA LEU D 181 -23.54 -31.46 5.12
C LEU D 181 -23.23 -32.38 3.92
N LYS D 182 -22.27 -31.97 3.09
CA LYS D 182 -21.82 -32.78 1.94
C LYS D 182 -21.29 -34.13 2.40
N LEU D 183 -20.43 -34.13 3.42
CA LEU D 183 -19.83 -35.37 3.88
C LEU D 183 -20.85 -36.34 4.49
N LEU D 184 -21.74 -35.83 5.33
CA LEU D 184 -22.77 -36.67 5.96
C LEU D 184 -23.74 -37.28 4.94
N VAL D 185 -24.29 -36.42 4.08
CA VAL D 185 -25.35 -36.85 3.15
C VAL D 185 -24.83 -37.77 2.04
N ARG D 186 -23.62 -37.49 1.55
CA ARG D 186 -23.06 -38.33 0.47
C ARG D 186 -22.73 -39.71 0.96
N ASN D 187 -22.32 -39.85 2.22
CA ASN D 187 -21.67 -41.08 2.67
C ASN D 187 -22.37 -41.84 3.78
N PHE D 188 -23.45 -41.29 4.29
CA PHE D 188 -24.20 -41.91 5.38
C PHE D 188 -25.68 -41.79 5.10
N SER D 189 -26.46 -42.52 5.89
CA SER D 189 -27.90 -42.45 5.85
C SER D 189 -28.38 -41.62 7.03
N ILE D 190 -28.50 -40.32 6.80
CA ILE D 190 -28.94 -39.37 7.83
C ILE D 190 -30.47 -39.35 7.91
N LYS D 191 -31.05 -39.49 9.10
CA LYS D 191 -32.51 -39.46 9.26
C LYS D 191 -33.09 -38.10 8.94
N CYS D 192 -32.53 -37.05 9.54
CA CYS D 192 -33.10 -35.72 9.37
C CYS D 192 -32.04 -34.64 9.54
N VAL D 193 -32.10 -33.59 8.73
CA VAL D 193 -31.29 -32.38 8.94
C VAL D 193 -32.19 -31.18 9.20
N PHE D 194 -31.99 -30.51 10.34
CA PHE D 194 -32.61 -29.22 10.60
C PHE D 194 -31.62 -28.14 10.19
N LEU D 195 -32.04 -27.25 9.28
CA LEU D 195 -31.25 -26.12 8.86
C LEU D 195 -31.83 -24.89 9.57
N VAL D 196 -31.15 -24.48 10.63
CA VAL D 196 -31.62 -23.45 11.55
C VAL D 196 -30.85 -22.17 11.31
N ALA D 197 -31.51 -21.19 10.72
CA ALA D 197 -30.86 -19.97 10.28
C ALA D 197 -31.90 -18.91 9.93
N PRO D 198 -31.55 -17.62 10.06
CA PRO D 198 -32.41 -16.58 9.45
C PRO D 198 -32.46 -16.79 7.93
N ASP D 199 -33.54 -16.38 7.30
CA ASP D 199 -33.73 -16.66 5.87
C ASP D 199 -32.58 -16.12 5.02
N ALA D 200 -32.08 -14.93 5.34
CA ALA D 200 -30.96 -14.35 4.61
C ALA D 200 -29.63 -15.12 4.78
N LEU D 201 -29.53 -15.98 5.81
CA LEU D 201 -28.32 -16.76 6.08
C LEU D 201 -28.46 -18.29 5.89
N GLN D 202 -29.43 -18.71 5.07
CA GLN D 202 -29.78 -20.11 4.95
C GLN D 202 -28.77 -20.86 4.08
N MET D 203 -28.74 -22.18 4.25
CA MET D 203 -27.88 -23.06 3.47
C MET D 203 -28.06 -22.78 1.96
N PRO D 204 -26.98 -22.45 1.24
CA PRO D 204 -27.15 -22.05 -0.17
C PRO D 204 -27.61 -23.18 -1.11
N GLN D 205 -28.25 -22.79 -2.21
CA GLN D 205 -28.70 -23.76 -3.23
C GLN D 205 -27.56 -24.51 -3.88
N ASP D 206 -26.41 -23.87 -4.06
CA ASP D 206 -25.27 -24.56 -4.67
C ASP D 206 -24.65 -25.66 -3.79
N VAL D 207 -25.09 -25.78 -2.53
CA VAL D 207 -24.76 -26.92 -1.67
C VAL D 207 -25.89 -27.95 -1.70
N LEU D 208 -27.13 -27.48 -1.53
CA LEU D 208 -28.29 -28.37 -1.46
C LEU D 208 -28.60 -29.08 -2.78
N GLU D 209 -28.51 -28.39 -3.92
CA GLU D 209 -28.93 -28.98 -5.21
C GLU D 209 -28.07 -30.16 -5.67
N PRO D 210 -26.74 -30.06 -5.53
CA PRO D 210 -25.91 -31.25 -5.84
C PRO D 210 -26.17 -32.46 -4.92
N LEU D 211 -26.73 -32.23 -3.74
CA LEU D 211 -27.11 -33.30 -2.82
C LEU D 211 -28.57 -33.81 -3.00
N GLN D 212 -29.35 -33.22 -3.89
CA GLN D 212 -30.79 -33.53 -3.91
C GLN D 212 -31.05 -35.00 -4.28
N HIS D 213 -30.26 -35.55 -5.19
CA HIS D 213 -30.39 -36.95 -5.57
C HIS D 213 -30.18 -37.91 -4.40
N GLU D 214 -29.12 -37.68 -3.61
CA GLU D 214 -28.80 -38.51 -2.46
C GLU D 214 -29.84 -38.31 -1.35
N ILE D 215 -30.22 -37.04 -1.12
CA ILE D 215 -31.31 -36.70 -0.16
C ILE D 215 -32.59 -37.50 -0.46
N ALA D 216 -33.00 -37.49 -1.73
CA ALA D 216 -34.20 -38.19 -2.19
C ALA D 216 -34.07 -39.70 -2.08
N THR D 217 -32.97 -40.25 -2.57
CA THR D 217 -32.76 -41.70 -2.66
C THR D 217 -32.56 -42.37 -1.30
N LYS D 218 -31.96 -41.67 -0.36
CA LYS D 218 -31.83 -42.17 1.02
C LYS D 218 -32.98 -41.73 1.92
N GLY D 219 -33.88 -40.89 1.40
CA GLY D 219 -35.02 -40.42 2.17
C GLY D 219 -34.71 -39.52 3.34
N VAL D 220 -33.68 -38.69 3.21
CA VAL D 220 -33.28 -37.79 4.30
C VAL D 220 -34.34 -36.71 4.41
N ILE D 221 -34.85 -36.46 5.62
CA ILE D 221 -35.78 -35.35 5.87
C ILE D 221 -34.98 -34.06 5.99
N ILE D 222 -35.44 -32.98 5.36
CA ILE D 222 -34.78 -31.67 5.42
C ILE D 222 -35.84 -30.66 5.88
N HIS D 223 -35.61 -29.98 7.01
CA HIS D 223 -36.52 -28.92 7.49
C HIS D 223 -35.74 -27.67 7.81
N ARG D 224 -36.16 -26.56 7.23
CA ARG D 224 -35.56 -25.27 7.49
C ARG D 224 -36.38 -24.67 8.62
N THR D 225 -35.70 -24.10 9.62
CA THR D 225 -36.36 -23.26 10.63
C THR D 225 -35.57 -21.96 10.75
N HIS D 226 -36.20 -20.96 11.36
CA HIS D 226 -35.50 -19.73 11.73
C HIS D 226 -35.20 -19.67 13.24
N ALA D 227 -35.49 -20.76 13.96
CA ALA D 227 -35.34 -20.78 15.42
C ALA D 227 -35.04 -22.17 15.93
N LEU D 228 -34.38 -22.25 17.08
CA LEU D 228 -34.22 -23.51 17.81
C LEU D 228 -35.53 -23.92 18.48
N THR D 229 -36.45 -24.45 17.69
CA THR D 229 -37.76 -24.82 18.20
C THR D 229 -37.63 -25.99 19.14
N ASP D 230 -38.72 -26.26 19.86
CA ASP D 230 -38.78 -27.38 20.79
C ASP D 230 -38.57 -28.71 20.07
N GLU D 231 -39.08 -28.79 18.84
CA GLU D 231 -38.98 -29.99 18.03
C GLU D 231 -37.51 -30.27 17.70
N VAL D 232 -36.77 -29.24 17.29
CA VAL D 232 -35.34 -29.37 16.97
C VAL D 232 -34.56 -29.81 18.20
N MET D 233 -34.88 -29.18 19.34
CA MET D 233 -34.23 -29.51 20.62
C MET D 233 -34.49 -30.93 21.08
N GLN D 234 -35.72 -31.40 20.87
CA GLN D 234 -36.12 -32.72 21.37
C GLN D 234 -35.66 -33.86 20.49
N LYS D 235 -35.59 -33.64 19.17
CA LYS D 235 -35.26 -34.70 18.21
C LYS D 235 -33.79 -34.78 17.78
N SER D 236 -33.00 -33.72 17.97
CA SER D 236 -31.62 -33.71 17.44
C SER D 236 -30.65 -34.55 18.27
N ASP D 237 -29.92 -35.43 17.60
CA ASP D 237 -28.83 -36.16 18.23
C ASP D 237 -27.57 -35.28 18.28
N VAL D 238 -27.47 -34.31 17.37
CA VAL D 238 -26.34 -33.39 17.30
C VAL D 238 -26.88 -32.01 17.03
N LEU D 239 -26.49 -31.06 17.86
CA LEU D 239 -26.72 -29.65 17.60
C LEU D 239 -25.35 -29.11 17.25
N TYR D 240 -25.17 -28.75 15.98
CA TYR D 240 -23.91 -28.21 15.46
C TYR D 240 -24.13 -26.75 15.20
N THR D 241 -23.58 -25.90 16.07
CA THR D 241 -23.81 -24.48 15.92
C THR D 241 -22.53 -23.73 15.51
N THR D 242 -22.76 -22.55 14.94
CA THR D 242 -21.73 -21.69 14.43
C THR D 242 -22.09 -20.24 14.75
N ARG D 243 -21.12 -19.36 14.52
CA ARG D 243 -21.25 -17.95 14.81
C ARG D 243 -22.13 -17.34 13.72
N LEU D 244 -23.27 -16.74 14.07
CA LEU D 244 -24.15 -16.15 13.05
C LEU D 244 -23.59 -14.85 12.45
N GLN D 245 -22.64 -14.23 13.15
CA GLN D 245 -21.73 -13.27 12.54
C GLN D 245 -20.60 -14.06 11.84
N LYS D 246 -20.88 -14.49 10.61
CA LYS D 246 -19.86 -15.03 9.68
C LYS D 246 -19.18 -16.30 10.18
N ALA D 264 -33.10 -9.27 15.88
CA ALA D 264 -33.70 -9.30 17.21
C ALA D 264 -33.77 -10.73 17.78
N ALA D 265 -34.11 -11.71 16.93
CA ALA D 265 -34.18 -13.13 17.33
C ALA D 265 -32.83 -13.86 17.26
N LYS D 266 -31.76 -13.19 17.72
CA LYS D 266 -30.47 -13.83 18.00
C LYS D 266 -30.61 -14.77 19.19
N ALA D 267 -31.40 -14.35 20.18
CA ALA D 267 -31.80 -15.19 21.31
C ALA D 267 -32.43 -16.55 20.90
N ASP D 268 -33.20 -16.56 19.79
CA ASP D 268 -33.92 -17.76 19.35
C ASP D 268 -33.12 -18.80 18.55
N ILE D 269 -31.82 -18.57 18.32
CA ILE D 269 -30.90 -19.66 17.94
C ILE D 269 -29.83 -19.94 19.00
N THR D 270 -29.91 -19.30 20.18
CA THR D 270 -28.88 -19.43 21.22
C THR D 270 -29.06 -20.71 22.04
N ILE D 271 -27.98 -21.46 22.26
CA ILE D 271 -27.98 -22.66 23.12
C ILE D 271 -27.41 -22.30 24.49
N ASP D 272 -28.25 -22.36 25.52
CA ASP D 272 -27.85 -22.15 26.90
C ASP D 272 -28.39 -23.30 27.77
N ALA D 273 -28.03 -23.31 29.05
CA ALA D 273 -28.43 -24.39 29.94
C ALA D 273 -29.96 -24.56 30.03
N ALA D 274 -30.68 -23.44 29.96
CA ALA D 274 -32.15 -23.47 30.00
C ALA D 274 -32.69 -24.20 28.78
N ARG D 275 -32.25 -23.78 27.59
CA ARG D 275 -32.57 -24.49 26.34
C ARG D 275 -32.20 -25.97 26.40
N MET D 276 -31.03 -26.28 26.98
CA MET D 276 -30.57 -27.67 27.06
C MET D 276 -31.44 -28.61 27.91
N ARG D 277 -32.34 -28.06 28.75
CA ARG D 277 -33.32 -28.90 29.44
C ARG D 277 -34.29 -29.61 28.49
N LEU D 278 -34.46 -29.12 27.27
CA LEU D 278 -35.26 -29.81 26.25
C LEU D 278 -34.51 -30.89 25.44
N ALA D 279 -33.19 -30.97 25.58
CA ALA D 279 -32.38 -31.91 24.78
C ALA D 279 -32.54 -33.33 25.28
N LYS D 280 -32.36 -34.28 24.36
CA LYS D 280 -32.30 -35.69 24.70
C LYS D 280 -31.20 -35.95 25.70
N GLU D 281 -31.25 -37.12 26.32
CA GLU D 281 -30.20 -37.55 27.21
C GLU D 281 -28.94 -37.83 26.39
N LYS D 282 -29.08 -38.65 25.36
CA LYS D 282 -27.95 -39.03 24.50
C LYS D 282 -27.89 -38.15 23.24
N MET D 283 -27.14 -37.06 23.34
CA MET D 283 -26.85 -36.18 22.21
C MET D 283 -25.58 -35.39 22.51
N ILE D 284 -25.11 -34.62 21.54
CA ILE D 284 -23.98 -33.73 21.75
C ILE D 284 -24.21 -32.39 21.10
N VAL D 285 -23.60 -31.37 21.70
CA VAL D 285 -23.54 -30.04 21.16
C VAL D 285 -22.13 -29.89 20.57
N MET D 286 -22.03 -29.42 19.34
CA MET D 286 -20.73 -29.20 18.68
C MET D 286 -20.65 -27.78 18.20
N HIS D 287 -19.42 -27.30 18.00
CA HIS D 287 -19.15 -25.95 17.53
C HIS D 287 -17.72 -25.93 17.03
N PRO D 288 -17.48 -25.56 15.75
CA PRO D 288 -16.09 -25.59 15.27
C PRO D 288 -15.18 -24.55 15.93
N LEU D 289 -15.77 -23.43 16.37
CA LEU D 289 -15.15 -22.37 17.20
C LEU D 289 -14.42 -21.41 16.25
N PRO D 290 -14.19 -20.14 16.65
CA PRO D 290 -14.66 -19.55 17.90
C PRO D 290 -16.15 -19.25 17.94
N ARG D 291 -16.66 -19.02 19.14
CA ARG D 291 -18.07 -18.75 19.40
C ARG D 291 -18.27 -17.33 19.89
N ASN D 292 -19.48 -16.80 19.68
CA ASN D 292 -19.99 -15.61 20.36
C ASN D 292 -21.13 -16.10 21.27
N ASP D 293 -22.19 -15.29 21.41
CA ASP D 293 -23.25 -15.56 22.39
C ASP D 293 -24.22 -16.68 21.98
N GLU D 294 -24.16 -17.18 20.74
CA GLU D 294 -24.98 -18.34 20.31
C GLU D 294 -24.77 -19.64 21.08
N LEU D 295 -23.63 -19.77 21.78
CA LEU D 295 -23.35 -20.92 22.63
C LEU D 295 -22.86 -20.43 24.00
N SER D 296 -23.75 -20.45 24.98
CA SER D 296 -23.48 -19.84 26.28
C SER D 296 -22.45 -20.66 27.05
N THR D 297 -21.69 -19.97 27.91
CA THR D 297 -20.77 -20.64 28.81
C THR D 297 -21.49 -21.54 29.80
N THR D 298 -22.79 -21.29 30.02
CA THR D 298 -23.60 -22.12 30.91
C THR D 298 -23.70 -23.58 30.47
N VAL D 299 -23.45 -23.86 29.20
CA VAL D 299 -23.49 -25.22 28.66
C VAL D 299 -22.16 -25.95 28.87
N ASP D 300 -21.09 -25.22 29.11
CA ASP D 300 -19.73 -25.79 29.11
C ASP D 300 -19.53 -27.01 30.03
N ALA D 301 -20.24 -27.05 31.15
CA ALA D 301 -20.09 -28.15 32.13
C ALA D 301 -20.95 -29.38 31.83
N ASP D 302 -21.95 -29.23 30.97
CA ASP D 302 -22.78 -30.35 30.55
C ASP D 302 -21.90 -31.45 29.91
N PRO D 303 -22.07 -32.73 30.31
CA PRO D 303 -21.33 -33.79 29.60
C PRO D 303 -21.64 -33.92 28.09
N ARG D 304 -22.79 -33.39 27.65
CA ARG D 304 -23.15 -33.36 26.23
C ARG D 304 -22.40 -32.28 25.41
N ALA D 305 -21.71 -31.36 26.08
CA ALA D 305 -20.95 -30.29 25.42
C ALA D 305 -19.66 -30.91 24.90
N ALA D 306 -19.63 -31.16 23.59
CA ALA D 306 -18.54 -31.93 22.96
C ALA D 306 -17.57 -31.04 22.20
N TYR D 307 -17.79 -29.73 22.25
CA TYR D 307 -17.05 -28.78 21.42
C TYR D 307 -15.60 -28.52 21.84
N PHE D 308 -15.22 -28.88 23.06
CA PHE D 308 -13.79 -28.85 23.41
C PHE D 308 -13.13 -30.19 23.05
N ARG D 309 -13.77 -31.29 23.38
CA ARG D 309 -13.28 -32.62 22.94
C ARG D 309 -13.14 -32.69 21.39
N GLN D 310 -14.03 -32.01 20.68
CA GLN D 310 -13.94 -31.85 19.21
C GLN D 310 -12.56 -31.43 18.69
N MET D 311 -11.93 -30.48 19.38
CA MET D 311 -10.62 -29.98 18.95
C MET D 311 -9.55 -31.05 19.13
N ARG D 312 -9.64 -31.85 20.20
CA ARG D 312 -8.67 -32.94 20.38
C ARG D 312 -8.88 -34.01 19.30
N TYR D 313 -10.13 -34.38 19.03
CA TYR D 313 -10.41 -35.29 17.92
C TYR D 313 -9.83 -34.71 16.63
N GLY D 314 -9.92 -33.39 16.48
CA GLY D 314 -9.32 -32.67 15.37
C GLY D 314 -7.83 -32.93 15.16
N MET D 315 -7.08 -32.90 16.25
CA MET D 315 -5.65 -33.15 16.20
C MET D 315 -5.42 -34.56 15.68
N PHE D 316 -6.15 -35.54 16.21
CA PHE D 316 -5.95 -36.93 15.80
C PHE D 316 -6.44 -37.18 14.38
N MET D 317 -7.55 -36.59 13.97
CA MET D 317 -7.97 -36.72 12.58
C MET D 317 -6.91 -36.10 11.64
N ARG D 318 -6.38 -34.93 12.02
CA ARG D 318 -5.37 -34.29 11.18
C ARG D 318 -4.06 -35.10 11.12
N MET D 319 -3.73 -35.83 12.18
CA MET D 319 -2.62 -36.78 12.14
C MET D 319 -2.88 -37.92 11.14
N ALA D 320 -4.07 -38.52 11.21
CA ALA D 320 -4.48 -39.59 10.29
C ALA D 320 -4.38 -39.11 8.84
N ILE D 321 -4.85 -37.89 8.60
CA ILE D 321 -4.83 -37.32 7.27
C ILE D 321 -3.41 -37.08 6.80
N LEU D 322 -2.59 -36.40 7.60
CA LEU D 322 -1.21 -36.09 7.17
C LEU D 322 -0.40 -37.35 6.86
N TRP D 323 -0.48 -38.32 7.77
CA TRP D 323 0.18 -39.62 7.59
C TRP D 323 -0.27 -40.30 6.32
N SER D 324 -1.58 -40.34 6.11
CA SER D 324 -2.11 -40.96 4.91
C SER D 324 -1.68 -40.21 3.65
N VAL D 325 -1.66 -38.88 3.69
CA VAL D 325 -1.22 -38.11 2.53
C VAL D 325 0.28 -38.35 2.22
N LEU D 326 1.11 -38.36 3.25
CA LEU D 326 2.56 -38.37 3.10
C LEU D 326 3.25 -39.74 3.22
N ALA D 327 2.51 -40.81 3.54
CA ALA D 327 3.12 -42.15 3.71
C ALA D 327 3.76 -42.65 2.42
N SER E 1 19.00 -39.78 32.09
CA SER E 1 19.59 -40.54 33.24
C SER E 1 19.14 -39.95 34.58
N MET E 2 18.73 -40.83 35.48
CA MET E 2 18.38 -40.45 36.86
C MET E 2 19.59 -40.14 37.73
N LEU E 3 20.80 -40.48 37.26
CA LEU E 3 22.03 -40.08 37.96
C LEU E 3 22.36 -38.64 37.62
N GLU E 4 22.40 -38.32 36.34
CA GLU E 4 22.96 -37.06 35.85
C GLU E 4 21.93 -35.92 35.85
N LEU E 5 20.69 -36.27 35.50
CA LEU E 5 19.63 -35.30 35.23
C LEU E 5 18.34 -35.72 35.93
N PRO E 6 18.40 -35.92 37.25
CA PRO E 6 17.19 -36.34 37.94
C PRO E 6 16.19 -35.18 37.95
N PRO E 7 14.94 -35.40 37.50
CA PRO E 7 13.97 -34.29 37.55
C PRO E 7 13.66 -33.89 38.99
N VAL E 8 13.26 -32.65 39.22
CA VAL E 8 12.90 -32.20 40.57
C VAL E 8 11.46 -32.69 40.83
N ALA E 9 11.35 -33.77 41.60
CA ALA E 9 10.08 -34.51 41.77
C ALA E 9 8.91 -33.62 42.18
N SER E 10 9.16 -32.70 43.12
CA SER E 10 8.11 -31.79 43.61
C SER E 10 7.43 -30.96 42.50
N LEU E 11 8.10 -30.77 41.37
CA LEU E 11 7.53 -29.98 40.25
C LEU E 11 6.70 -30.78 39.24
N LYS E 12 6.63 -32.12 39.39
CA LYS E 12 5.98 -32.99 38.39
C LYS E 12 4.51 -32.61 38.22
N GLY E 13 4.14 -32.27 36.98
CA GLY E 13 2.77 -31.92 36.63
C GLY E 13 2.25 -30.59 37.17
N LYS E 14 3.13 -29.77 37.75
CA LYS E 14 2.72 -28.55 38.46
C LYS E 14 2.86 -27.27 37.60
N SER E 15 1.86 -26.40 37.71
CA SER E 15 1.91 -25.07 37.16
C SER E 15 2.88 -24.22 37.98
N ILE E 16 3.52 -23.26 37.33
CA ILE E 16 4.50 -22.38 37.96
C ILE E 16 3.99 -20.96 37.83
N THR E 17 3.50 -20.44 38.93
CA THR E 17 2.77 -19.17 38.96
C THR E 17 3.46 -18.10 39.80
N SER E 18 4.03 -18.48 40.95
CA SER E 18 4.64 -17.53 41.89
C SER E 18 5.92 -18.09 42.46
N ALA E 19 6.84 -17.20 42.81
CA ALA E 19 8.04 -17.53 43.59
C ALA E 19 7.71 -18.16 44.96
N GLU E 20 6.52 -17.85 45.48
CA GLU E 20 6.08 -18.36 46.78
C GLU E 20 5.90 -19.87 46.83
N GLN E 21 5.69 -20.52 45.68
CA GLN E 21 5.43 -21.95 45.66
C GLN E 21 6.68 -22.85 45.87
N PHE E 22 7.89 -22.29 45.81
CA PHE E 22 9.12 -23.08 45.95
C PHE E 22 9.71 -23.15 47.35
N SER E 23 10.28 -24.29 47.69
CA SER E 23 11.10 -24.43 48.91
C SER E 23 12.57 -24.18 48.58
N ARG E 24 13.35 -24.01 49.64
CA ARG E 24 14.79 -23.89 49.53
C ARG E 24 15.34 -25.12 48.80
N ALA E 25 14.85 -26.31 49.19
CA ALA E 25 15.27 -27.57 48.57
C ALA E 25 14.92 -27.64 47.08
N ASP E 26 13.74 -27.18 46.69
CA ASP E 26 13.32 -27.11 45.26
C ASP E 26 14.30 -26.26 44.47
N ILE E 27 14.63 -25.10 45.01
CA ILE E 27 15.52 -24.15 44.34
C ILE E 27 16.91 -24.77 44.14
N TYR E 28 17.50 -25.32 45.20
CA TYR E 28 18.81 -25.99 45.09
C TYR E 28 18.77 -27.19 44.15
N ALA E 29 17.71 -27.98 44.19
CA ALA E 29 17.55 -29.08 43.22
C ALA E 29 17.48 -28.54 41.78
N LEU E 30 16.74 -27.45 41.56
CA LEU E 30 16.70 -26.84 40.22
C LEU E 30 18.07 -26.29 39.80
N ILE E 31 18.73 -25.60 40.74
CA ILE E 31 20.09 -25.11 40.50
C ILE E 31 21.04 -26.22 40.03
N HIS E 32 21.09 -27.33 40.76
CA HIS E 32 22.01 -28.44 40.40
C HIS E 32 21.60 -29.16 39.12
N LEU E 33 20.30 -29.32 38.90
CA LEU E 33 19.82 -29.84 37.61
C LEU E 33 20.27 -28.95 36.42
N ALA E 34 20.11 -27.64 36.57
CA ALA E 34 20.49 -26.68 35.50
C ALA E 34 22.00 -26.65 35.21
N SER E 35 22.81 -26.76 36.27
CA SER E 35 24.27 -26.86 36.11
C SER E 35 24.63 -28.11 35.33
N ALA E 36 23.94 -29.22 35.63
CA ALA E 36 24.15 -30.47 34.91
C ALA E 36 23.70 -30.38 33.46
N MET E 37 22.57 -29.74 33.19
CA MET E 37 22.12 -29.46 31.80
C MET E 37 23.20 -28.68 31.05
N GLN E 38 23.72 -27.63 31.70
CA GLN E 38 24.75 -26.79 31.12
C GLN E 38 26.00 -27.58 30.74
N ARG E 39 26.50 -28.43 31.64
CA ARG E 39 27.69 -29.25 31.34
C ARG E 39 27.47 -30.18 30.15
N LYS E 40 26.30 -30.79 30.06
CA LYS E 40 26.02 -31.70 28.95
C LYS E 40 25.89 -30.94 27.63
N ILE E 41 25.14 -29.84 27.64
CA ILE E 41 24.94 -29.02 26.43
C ILE E 41 26.26 -28.41 25.96
N ASP E 42 27.04 -27.84 26.87
CA ASP E 42 28.35 -27.27 26.52
C ASP E 42 29.37 -28.30 26.04
N ALA E 43 29.21 -29.54 26.47
CA ALA E 43 30.03 -30.62 25.90
C ALA E 43 29.55 -31.09 24.53
N GLY E 44 28.40 -30.59 24.07
CA GLY E 44 27.84 -30.98 22.77
C GLY E 44 26.93 -32.18 22.78
N GLU E 45 26.49 -32.64 23.96
CA GLU E 45 25.58 -33.79 24.01
C GLU E 45 24.14 -33.36 23.69
N VAL E 46 23.42 -34.26 23.04
CA VAL E 46 22.08 -34.03 22.55
C VAL E 46 21.13 -34.75 23.50
N LEU E 47 20.14 -34.02 24.03
CA LEU E 47 19.19 -34.60 24.95
C LEU E 47 17.88 -34.90 24.22
N ASN E 48 17.31 -36.07 24.51
CA ASN E 48 16.08 -36.51 23.90
C ASN E 48 14.97 -36.73 24.94
N LEU E 49 15.06 -36.02 26.05
CA LEU E 49 14.19 -36.26 27.19
C LEU E 49 12.71 -36.00 26.95
N LEU E 50 12.38 -35.05 26.07
CA LEU E 50 11.00 -34.58 25.90
C LEU E 50 10.48 -34.76 24.48
N GLN E 51 11.03 -35.74 23.78
CA GLN E 51 10.63 -36.02 22.40
C GLN E 51 9.15 -36.31 22.36
N GLY E 52 8.47 -35.67 21.40
CA GLY E 52 7.02 -35.80 21.26
C GLY E 52 6.15 -34.97 22.19
N ARG E 53 6.75 -34.15 23.05
CA ARG E 53 6.01 -33.24 23.90
C ARG E 53 6.04 -31.85 23.28
N ILE E 54 4.95 -31.10 23.51
CA ILE E 54 4.71 -29.82 22.86
C ILE E 54 4.56 -28.73 23.90
N MET E 55 5.39 -27.71 23.80
CA MET E 55 5.20 -26.44 24.50
C MET E 55 4.49 -25.48 23.55
N THR E 56 3.46 -24.82 24.05
CA THR E 56 2.84 -23.73 23.35
C THR E 56 3.01 -22.45 24.14
N PRO E 57 3.87 -21.55 23.64
CA PRO E 57 3.85 -20.17 24.12
C PRO E 57 2.53 -19.45 23.80
N LEU E 58 1.99 -18.73 24.78
CA LEU E 58 0.79 -17.89 24.65
C LEU E 58 1.15 -16.48 25.16
N PHE E 59 1.71 -15.68 24.28
CA PHE E 59 2.25 -14.36 24.66
C PHE E 59 1.33 -13.25 24.17
N PHE E 60 0.55 -12.70 25.10
CA PHE E 60 -0.31 -11.52 24.84
C PHE E 60 0.43 -10.17 24.91
N GLU E 61 1.68 -10.17 25.35
CA GLU E 61 2.61 -9.07 25.09
C GLU E 61 3.95 -9.65 24.66
N ASP E 62 4.76 -8.86 23.97
CA ASP E 62 5.97 -9.37 23.34
C ASP E 62 7.11 -9.63 24.31
N SER E 63 8.11 -10.36 23.81
CA SER E 63 9.28 -10.75 24.55
C SER E 63 10.40 -11.19 23.61
N SER E 64 11.64 -10.89 23.99
CA SER E 64 12.78 -11.31 23.21
C SER E 64 13.34 -12.52 23.90
N ARG E 65 13.86 -12.29 25.11
CA ARG E 65 14.50 -13.31 25.92
C ARG E 65 13.59 -14.43 26.28
N THR E 66 12.45 -14.09 26.91
CA THR E 66 11.66 -15.08 27.60
C THR E 66 11.09 -16.08 26.60
N PHE E 67 10.51 -15.58 25.50
CA PHE E 67 9.94 -16.45 24.48
C PHE E 67 11.00 -17.37 23.90
N SER E 68 12.04 -16.74 23.36
CA SER E 68 13.20 -17.42 22.79
C SER E 68 13.84 -18.42 23.74
N SER E 69 14.05 -18.01 24.98
CA SER E 69 14.75 -18.86 25.93
C SER E 69 13.91 -20.08 26.32
N PHE E 70 12.61 -19.91 26.53
CA PHE E 70 11.73 -21.06 26.74
C PHE E 70 11.70 -22.00 25.53
N CYS E 71 11.63 -21.44 24.31
CA CYS E 71 11.63 -22.28 23.10
C CYS E 71 12.93 -23.07 22.98
N ALA E 72 14.05 -22.39 23.16
CA ALA E 72 15.37 -23.04 23.09
C ALA E 72 15.51 -24.12 24.18
N ALA E 73 14.97 -23.86 25.37
CA ALA E 73 15.06 -24.82 26.46
C ALA E 73 14.32 -26.07 26.08
N MET E 74 13.11 -25.92 25.54
CA MET E 74 12.33 -27.07 25.10
C MET E 74 13.02 -27.86 24.00
N ILE E 75 13.52 -27.16 23.01
CA ILE E 75 14.22 -27.77 21.88
C ILE E 75 15.44 -28.54 22.34
N ARG E 76 16.19 -27.96 23.25
CA ARG E 76 17.40 -28.59 23.74
C ARG E 76 17.15 -29.84 24.63
N LEU E 77 15.91 -29.99 25.09
CA LEU E 77 15.44 -31.20 25.78
C LEU E 77 14.85 -32.25 24.83
N GLY E 78 14.86 -31.95 23.51
CA GLY E 78 14.26 -32.78 22.47
C GLY E 78 12.76 -32.54 22.27
N GLY E 79 12.21 -31.54 22.95
CA GLY E 79 10.80 -31.23 22.87
C GLY E 79 10.49 -30.39 21.66
N SER E 80 9.20 -30.10 21.48
CA SER E 80 8.72 -29.38 20.30
C SER E 80 7.92 -28.16 20.71
N VAL E 81 7.86 -27.20 19.79
CA VAL E 81 7.20 -25.90 20.00
C VAL E 81 6.10 -25.71 18.96
N VAL E 82 4.91 -25.35 19.41
CA VAL E 82 3.87 -24.82 18.52
C VAL E 82 3.46 -23.45 19.04
N ASN E 83 3.75 -22.38 18.30
CA ASN E 83 3.24 -21.06 18.73
C ASN E 83 1.74 -20.91 18.47
N PHE E 84 1.06 -20.31 19.44
CA PHE E 84 -0.34 -19.87 19.31
C PHE E 84 -0.36 -18.33 19.37
N LYS E 85 -0.27 -17.73 18.18
CA LYS E 85 -0.24 -16.27 18.01
C LYS E 85 -1.51 -15.61 18.57
N VAL E 86 -1.32 -14.67 19.50
CA VAL E 86 -2.38 -13.81 20.01
C VAL E 86 -1.86 -12.39 19.98
N GLU E 87 -2.78 -11.44 20.04
CA GLU E 87 -2.44 -10.01 20.01
C GLU E 87 -2.94 -9.32 21.26
N ALA E 88 -2.23 -8.27 21.68
CA ALA E 88 -2.58 -7.55 22.91
C ALA E 88 -4.04 -7.07 22.90
N SER E 89 -4.47 -6.54 21.75
CA SER E 89 -5.85 -6.06 21.55
C SER E 89 -6.92 -7.17 21.55
N SER E 90 -6.52 -8.44 21.38
CA SER E 90 -7.47 -9.58 21.47
C SER E 90 -8.09 -9.78 22.86
N ILE E 91 -7.45 -9.21 23.89
CA ILE E 91 -7.95 -9.26 25.27
C ILE E 91 -9.30 -8.53 25.40
N ASN E 92 -9.45 -7.41 24.71
CA ASN E 92 -10.69 -6.61 24.77
C ASN E 92 -11.89 -7.25 24.06
N LYS E 93 -11.76 -7.51 22.76
CA LYS E 93 -12.83 -8.18 22.00
C LYS E 93 -12.27 -9.23 21.02
N GLY E 94 -11.95 -10.38 21.58
CA GLY E 94 -11.74 -11.63 20.85
C GLY E 94 -12.31 -12.77 21.69
N GLU E 95 -11.80 -13.97 21.46
CA GLU E 95 -12.11 -15.14 22.28
C GLU E 95 -11.90 -14.85 23.75
N THR E 96 -12.71 -15.43 24.62
CA THR E 96 -12.39 -15.41 26.05
C THR E 96 -11.05 -16.11 26.26
N LEU E 97 -10.34 -15.73 27.30
CA LEU E 97 -9.14 -16.40 27.72
C LEU E 97 -9.45 -17.88 28.01
N ALA E 98 -10.57 -18.15 28.66
CA ALA E 98 -10.93 -19.53 28.96
C ALA E 98 -10.93 -20.41 27.68
N ASP E 99 -11.57 -19.92 26.60
CA ASP E 99 -11.66 -20.68 25.33
C ASP E 99 -10.30 -20.85 24.68
N THR E 100 -9.44 -19.83 24.79
CA THR E 100 -8.07 -19.91 24.29
C THR E 100 -7.27 -20.97 25.04
N ILE E 101 -7.41 -21.03 26.36
CA ILE E 101 -6.67 -22.02 27.16
C ILE E 101 -7.13 -23.44 26.80
N ARG E 102 -8.43 -23.62 26.69
CA ARG E 102 -9.00 -24.92 26.29
C ARG E 102 -8.52 -25.36 24.92
N THR E 103 -8.38 -24.42 24.00
CA THR E 103 -7.81 -24.67 22.68
C THR E 103 -6.34 -25.15 22.76
N LEU E 104 -5.53 -24.49 23.57
CA LEU E 104 -4.15 -24.91 23.78
C LEU E 104 -4.06 -26.28 24.43
N ASP E 105 -4.94 -26.55 25.40
CA ASP E 105 -5.02 -27.86 26.05
C ASP E 105 -5.41 -28.99 25.13
N SER E 106 -6.11 -28.71 24.04
CA SER E 106 -6.50 -29.77 23.12
C SER E 106 -5.30 -30.47 22.48
N TYR E 107 -4.17 -29.76 22.33
CA TYR E 107 -3.02 -30.33 21.63
C TYR E 107 -1.66 -30.29 22.35
N SER E 108 -1.53 -29.53 23.43
CA SER E 108 -0.24 -29.27 24.11
C SER E 108 0.02 -30.13 25.33
N ASP E 109 1.28 -30.11 25.76
CA ASP E 109 1.72 -30.68 27.04
C ASP E 109 2.04 -29.63 28.13
N VAL E 110 2.42 -28.43 27.71
CA VAL E 110 2.69 -27.33 28.64
C VAL E 110 2.45 -25.98 27.94
N LEU E 111 1.87 -25.04 28.68
CA LEU E 111 1.58 -23.71 28.19
C LEU E 111 2.55 -22.72 28.87
N VAL E 112 3.02 -21.75 28.11
CA VAL E 112 3.84 -20.68 28.67
C VAL E 112 3.16 -19.36 28.38
N MET E 113 2.60 -18.73 29.41
CA MET E 113 1.72 -17.57 29.24
C MET E 113 2.36 -16.30 29.77
N ARG E 114 2.40 -15.28 28.92
CA ARG E 114 2.70 -13.92 29.32
C ARG E 114 1.47 -13.05 29.00
N HIS E 115 1.09 -12.19 29.95
CA HIS E 115 -0.16 -11.45 29.87
C HIS E 115 -0.08 -10.12 30.66
N PRO E 116 -0.60 -9.00 30.10
CA PRO E 116 -0.45 -7.71 30.80
C PRO E 116 -1.27 -7.55 32.08
N ARG E 117 -2.36 -8.29 32.21
CA ARG E 117 -3.20 -8.36 33.42
C ARG E 117 -2.71 -9.36 34.45
N GLN E 118 -2.58 -8.86 35.67
CA GLN E 118 -2.11 -9.65 36.79
C GLN E 118 -3.06 -10.83 37.12
N ASP E 119 -4.37 -10.62 36.99
CA ASP E 119 -5.35 -11.69 37.30
C ASP E 119 -5.51 -12.77 36.20
N ALA E 120 -4.87 -12.57 35.04
CA ALA E 120 -5.06 -13.50 33.91
C ALA E 120 -4.59 -14.93 34.18
N ILE E 121 -3.57 -15.09 35.03
CA ILE E 121 -3.01 -16.42 35.34
C ILE E 121 -4.01 -17.27 36.14
N GLU E 122 -4.65 -16.67 37.13
CA GLU E 122 -5.70 -17.34 37.89
C GLU E 122 -6.88 -17.80 37.00
N GLU E 123 -7.33 -16.93 36.09
CA GLU E 123 -8.36 -17.30 35.09
C GLU E 123 -7.91 -18.55 34.33
N ALA E 124 -6.69 -18.51 33.80
CA ALA E 124 -6.19 -19.60 32.95
C ALA E 124 -6.15 -20.94 33.71
N LEU E 125 -5.67 -20.89 34.94
CA LEU E 125 -5.57 -22.08 35.80
C LEU E 125 -6.90 -22.71 36.12
N SER E 126 -7.96 -21.91 36.23
CA SER E 126 -9.27 -22.44 36.58
C SER E 126 -9.88 -23.30 35.48
N VAL E 127 -9.36 -23.21 34.24
CA VAL E 127 -9.76 -24.13 33.17
C VAL E 127 -8.65 -25.06 32.66
N ALA E 128 -7.39 -24.80 33.00
CA ALA E 128 -6.26 -25.51 32.38
C ALA E 128 -6.20 -26.97 32.81
N GLN E 129 -6.00 -27.86 31.86
CA GLN E 129 -5.75 -29.27 32.15
C GLN E 129 -4.27 -29.62 32.15
N HIS E 130 -3.42 -28.85 31.45
CA HIS E 130 -1.98 -29.05 31.49
C HIS E 130 -1.28 -27.94 32.30
N PRO E 131 0.00 -28.13 32.67
CA PRO E 131 0.65 -27.09 33.48
C PRO E 131 0.83 -25.78 32.72
N ILE E 132 0.63 -24.67 33.43
CA ILE E 132 0.92 -23.34 32.91
C ILE E 132 2.13 -22.79 33.66
N LEU E 133 3.06 -22.25 32.89
CA LEU E 133 4.25 -21.56 33.42
C LEU E 133 4.00 -20.09 33.17
N ASN E 134 3.97 -19.32 34.25
CA ASN E 134 3.75 -17.88 34.21
C ASN E 134 5.05 -17.26 33.71
N ALA E 135 5.04 -16.75 32.49
CA ALA E 135 6.14 -15.98 31.94
C ALA E 135 5.99 -14.45 32.16
N GLY E 136 5.07 -14.04 33.02
CA GLY E 136 4.90 -12.63 33.37
C GLY E 136 3.43 -12.22 33.36
N ASN E 137 2.93 -11.80 34.51
CA ASN E 137 1.52 -11.44 34.63
C ASN E 137 1.41 -10.03 35.17
N GLY E 138 1.33 -9.09 34.24
CA GLY E 138 1.20 -7.67 34.57
C GLY E 138 2.38 -7.22 35.37
N ALA E 139 2.12 -6.45 36.42
CA ALA E 139 3.15 -6.06 37.36
C ALA E 139 3.15 -6.99 38.57
N GLY E 140 2.76 -8.25 38.39
CA GLY E 140 2.71 -9.24 39.46
C GLY E 140 4.07 -9.92 39.59
N GLU E 141 4.26 -10.99 38.83
CA GLU E 141 5.43 -11.84 39.03
C GLU E 141 6.02 -12.38 37.75
N HIS E 142 7.25 -12.86 37.87
CA HIS E 142 8.01 -13.50 36.80
C HIS E 142 8.82 -14.62 37.48
N PRO E 143 8.14 -15.69 37.92
CA PRO E 143 8.77 -16.67 38.81
C PRO E 143 10.01 -17.39 38.24
N THR E 144 10.03 -17.73 36.95
CA THR E 144 11.20 -18.40 36.37
C THR E 144 12.38 -17.45 36.21
N GLN E 145 12.12 -16.15 36.07
CA GLN E 145 13.19 -15.16 36.12
C GLN E 145 13.82 -15.11 37.50
N ALA E 146 13.01 -15.15 38.55
CA ALA E 146 13.56 -15.19 39.91
C ALA E 146 14.44 -16.42 40.08
N LEU E 147 14.00 -17.57 39.58
CA LEU E 147 14.79 -18.81 39.66
C LEU E 147 16.11 -18.71 38.88
N LEU E 148 16.07 -18.20 37.64
CA LEU E 148 17.32 -18.05 36.87
C LEU E 148 18.26 -16.99 37.47
N ASP E 149 17.70 -15.90 37.99
CA ASP E 149 18.47 -14.89 38.70
C ASP E 149 19.22 -15.53 39.89
N THR E 150 18.51 -16.36 40.65
CA THR E 150 19.11 -17.05 41.80
C THR E 150 20.22 -18.01 41.40
N LEU E 151 20.02 -18.77 40.33
CA LEU E 151 21.08 -19.57 39.73
C LEU E 151 22.30 -18.73 39.34
N THR E 152 22.05 -17.53 38.82
CA THR E 152 23.14 -16.66 38.40
C THR E 152 23.99 -16.28 39.62
N ILE E 153 23.32 -15.84 40.69
CA ILE E 153 23.98 -15.42 41.92
C ILE E 153 24.77 -16.59 42.49
N HIS E 154 24.10 -17.73 42.66
CA HIS E 154 24.74 -18.97 43.11
C HIS E 154 26.00 -19.30 42.29
N SER E 155 25.86 -19.31 40.97
CA SER E 155 26.97 -19.72 40.11
C SER E 155 28.06 -18.67 40.06
N GLU E 156 27.72 -17.39 40.07
CA GLU E 156 28.77 -16.36 39.95
C GLU E 156 29.52 -16.11 41.26
N LEU E 157 28.82 -16.11 42.39
CA LEU E 157 29.43 -15.76 43.69
C LEU E 157 29.65 -16.95 44.60
N GLY E 158 29.04 -18.10 44.29
CA GLY E 158 29.21 -19.29 45.11
C GLY E 158 28.26 -19.42 46.28
N SER E 159 27.49 -18.38 46.60
CA SER E 159 26.60 -18.43 47.77
C SER E 159 25.49 -17.41 47.64
N VAL E 160 24.30 -17.77 48.08
CA VAL E 160 23.18 -16.87 48.12
C VAL E 160 22.95 -16.34 49.54
N ASP E 161 22.97 -17.26 50.51
CA ASP E 161 22.98 -16.90 51.92
C ASP E 161 24.06 -15.87 52.22
N GLY E 162 23.72 -14.84 52.98
CA GLY E 162 24.69 -13.87 53.47
C GLY E 162 24.98 -12.70 52.55
N ILE E 163 24.36 -12.64 51.37
CA ILE E 163 24.70 -11.60 50.40
C ILE E 163 23.98 -10.34 50.77
N THR E 164 24.52 -9.24 50.28
CA THR E 164 23.84 -7.96 50.28
C THR E 164 23.50 -7.68 48.82
N ILE E 165 22.22 -7.36 48.57
CA ILE E 165 21.71 -7.17 47.21
C ILE E 165 20.95 -5.87 47.11
N ALA E 166 21.26 -5.09 46.08
CA ALA E 166 20.47 -3.90 45.76
C ALA E 166 19.51 -4.26 44.63
N LEU E 167 18.24 -3.94 44.82
CA LEU E 167 17.25 -4.01 43.76
C LEU E 167 16.97 -2.58 43.31
N ILE E 168 17.19 -2.29 42.03
CA ILE E 168 17.26 -0.91 41.54
C ILE E 168 16.31 -0.67 40.36
N GLY E 169 15.62 0.46 40.41
CA GLY E 169 14.84 0.95 39.26
C GLY E 169 13.38 1.10 39.61
N ASP E 170 12.51 0.58 38.75
CA ASP E 170 11.07 0.67 38.93
C ASP E 170 10.62 -0.59 39.67
N LEU E 171 10.72 -0.50 40.99
CA LEU E 171 10.40 -1.62 41.85
C LEU E 171 8.87 -1.78 42.00
N LYS E 172 8.12 -0.71 41.80
CA LYS E 172 6.66 -0.76 41.88
C LYS E 172 6.09 -1.64 40.78
N MET E 173 6.43 -1.33 39.54
CA MET E 173 5.92 -2.06 38.36
C MET E 173 6.77 -3.26 37.91
N GLY E 174 7.91 -3.50 38.57
CA GLY E 174 8.88 -4.50 38.11
C GLY E 174 8.56 -5.90 38.62
N ARG E 175 8.01 -6.74 37.76
CA ARG E 175 7.65 -8.10 38.16
C ARG E 175 8.85 -8.99 38.48
N THR E 176 10.01 -8.68 37.91
CA THR E 176 11.18 -9.49 38.16
C THR E 176 11.65 -9.25 39.61
N VAL E 177 11.64 -8.01 40.06
CA VAL E 177 12.07 -7.71 41.44
C VAL E 177 11.04 -8.18 42.50
N HIS E 178 9.76 -8.23 42.15
CA HIS E 178 8.75 -8.77 43.07
C HIS E 178 9.05 -10.23 43.34
N SER E 179 9.21 -11.00 42.25
CA SER E 179 9.50 -12.42 42.36
C SER E 179 10.86 -12.69 43.04
N LEU E 180 11.90 -11.96 42.64
CA LEU E 180 13.22 -12.17 43.23
C LEU E 180 13.25 -11.88 44.73
N LEU E 181 12.64 -10.77 45.14
CA LEU E 181 12.65 -10.45 46.57
C LEU E 181 11.96 -11.57 47.37
N LYS E 182 10.80 -12.03 46.89
CA LYS E 182 10.05 -13.11 47.56
C LYS E 182 10.90 -14.36 47.64
N LEU E 183 11.45 -14.79 46.49
CA LEU E 183 12.27 -16.01 46.43
C LEU E 183 13.49 -16.00 47.37
N LEU E 184 14.20 -14.88 47.39
CA LEU E 184 15.41 -14.73 48.23
C LEU E 184 15.09 -14.65 49.72
N VAL E 185 14.13 -13.80 50.08
CA VAL E 185 13.82 -13.58 51.49
C VAL E 185 13.17 -14.84 52.08
N ARG E 186 12.30 -15.50 51.32
CA ARG E 186 11.62 -16.70 51.82
C ARG E 186 12.55 -17.88 52.04
N ASN E 187 13.57 -18.04 51.20
CA ASN E 187 14.33 -19.31 51.14
C ASN E 187 15.82 -19.28 51.50
N PHE E 188 16.35 -18.08 51.77
CA PHE E 188 17.77 -17.87 52.03
C PHE E 188 17.92 -16.87 53.16
N SER E 189 19.11 -16.84 53.75
CA SER E 189 19.39 -15.86 54.78
C SER E 189 20.12 -14.68 54.19
N ILE E 190 19.35 -13.72 53.69
CA ILE E 190 19.89 -12.51 53.05
C ILE E 190 20.36 -11.54 54.15
N LYS E 191 21.58 -11.03 54.02
CA LYS E 191 22.13 -10.09 55.00
C LYS E 191 21.37 -8.78 54.91
N CYS E 192 21.33 -8.19 53.70
CA CYS E 192 20.80 -6.86 53.52
C CYS E 192 20.20 -6.66 52.13
N VAL E 193 19.02 -6.02 52.06
CA VAL E 193 18.43 -5.57 50.80
C VAL E 193 18.36 -4.05 50.76
N PHE E 194 18.98 -3.48 49.74
CA PHE E 194 18.80 -2.05 49.39
C PHE E 194 17.71 -1.93 48.33
N LEU E 195 16.69 -1.13 48.60
CA LEU E 195 15.60 -0.91 47.66
C LEU E 195 15.85 0.48 47.09
N VAL E 196 16.44 0.53 45.90
CA VAL E 196 16.95 1.77 45.30
C VAL E 196 15.99 2.24 44.19
N ALA E 197 15.22 3.28 44.50
CA ALA E 197 14.19 3.78 43.61
C ALA E 197 13.71 5.15 44.04
N PRO E 198 13.14 5.92 43.10
CA PRO E 198 12.39 7.09 43.56
C PRO E 198 11.17 6.65 44.34
N ASP E 199 10.78 7.44 45.33
CA ASP E 199 9.64 7.15 46.21
C ASP E 199 8.41 6.61 45.49
N ALA E 200 8.04 7.23 44.37
CA ALA E 200 6.83 6.83 43.65
C ALA E 200 6.92 5.44 43.00
N LEU E 201 8.15 4.95 42.81
CA LEU E 201 8.36 3.63 42.20
C LEU E 201 9.00 2.65 43.18
N GLN E 202 8.74 2.85 44.47
CA GLN E 202 9.32 1.99 45.51
C GLN E 202 8.67 0.61 45.50
N MET E 203 9.35 -0.36 46.14
CA MET E 203 8.83 -1.73 46.23
C MET E 203 7.44 -1.69 46.89
N PRO E 204 6.42 -2.36 46.31
CA PRO E 204 5.09 -2.27 46.93
C PRO E 204 4.96 -2.95 48.31
N GLN E 205 4.03 -2.43 49.12
CA GLN E 205 3.72 -3.03 50.42
C GLN E 205 3.05 -4.41 50.32
N ASP E 206 2.32 -4.67 49.22
CA ASP E 206 1.75 -6.00 49.00
C ASP E 206 2.82 -7.08 48.74
N VAL E 207 4.05 -6.66 48.42
CA VAL E 207 5.21 -7.53 48.41
C VAL E 207 5.93 -7.56 49.76
N LEU E 208 6.15 -6.41 50.40
CA LEU E 208 6.96 -6.34 51.63
C LEU E 208 6.24 -6.84 52.89
N GLU E 209 4.95 -6.58 53.01
CA GLU E 209 4.20 -6.92 54.22
C GLU E 209 4.15 -8.44 54.45
N PRO E 210 3.78 -9.25 53.41
CA PRO E 210 3.84 -10.70 53.58
C PRO E 210 5.19 -11.28 53.96
N LEU E 211 6.28 -10.57 53.66
CA LEU E 211 7.63 -11.05 53.98
C LEU E 211 8.14 -10.60 55.35
N GLN E 212 7.38 -9.77 56.06
CA GLN E 212 7.88 -9.16 57.30
C GLN E 212 8.24 -10.20 58.36
N HIS E 213 7.51 -11.32 58.42
CA HIS E 213 7.90 -12.38 59.35
C HIS E 213 9.22 -13.08 58.96
N GLU E 214 9.44 -13.35 57.67
CA GLU E 214 10.73 -13.90 57.22
C GLU E 214 11.87 -12.90 57.45
N ILE E 215 11.61 -11.62 57.18
CA ILE E 215 12.57 -10.54 57.44
C ILE E 215 12.96 -10.49 58.94
N ALA E 216 11.99 -10.46 59.84
CA ALA E 216 12.29 -10.47 61.29
C ALA E 216 13.00 -11.75 61.76
N THR E 217 12.52 -12.90 61.30
CA THR E 217 13.02 -14.23 61.70
C THR E 217 14.47 -14.46 61.28
N LYS E 218 14.84 -13.92 60.13
CA LYS E 218 16.19 -14.08 59.62
C LYS E 218 17.05 -12.85 59.89
N GLY E 219 16.47 -11.80 60.44
CA GLY E 219 17.20 -10.59 60.73
C GLY E 219 17.68 -9.86 59.50
N VAL E 220 16.90 -9.87 58.42
CA VAL E 220 17.31 -9.25 57.17
C VAL E 220 17.24 -7.72 57.33
N ILE E 221 18.29 -7.01 56.95
CA ILE E 221 18.27 -5.54 56.92
C ILE E 221 17.63 -5.08 55.61
N ILE E 222 16.67 -4.15 55.71
CA ILE E 222 16.02 -3.54 54.54
C ILE E 222 16.25 -2.04 54.62
N HIS E 223 16.89 -1.45 53.60
CA HIS E 223 17.06 0.01 53.52
C HIS E 223 16.57 0.52 52.18
N ARG E 224 15.73 1.54 52.24
CA ARG E 224 15.30 2.27 51.05
C ARG E 224 16.31 3.38 50.74
N THR E 225 16.64 3.56 49.47
CA THR E 225 17.40 4.73 49.00
C THR E 225 16.82 5.27 47.72
N HIS E 226 17.22 6.49 47.37
CA HIS E 226 16.87 7.08 46.08
C HIS E 226 18.15 7.24 45.22
N ALA E 227 19.22 6.54 45.58
CA ALA E 227 20.50 6.68 44.89
C ALA E 227 21.39 5.48 45.14
N LEU E 228 22.28 5.23 44.19
CA LEU E 228 23.39 4.33 44.41
C LEU E 228 24.44 5.11 45.18
N THR E 229 24.24 5.21 46.50
CA THR E 229 25.16 5.92 47.38
C THR E 229 26.45 5.11 47.50
N ASP E 230 27.52 5.72 48.04
CA ASP E 230 28.79 5.02 48.22
C ASP E 230 28.61 3.75 49.05
N GLU E 231 27.75 3.82 50.04
CA GLU E 231 27.44 2.70 50.91
C GLU E 231 26.81 1.54 50.13
N VAL E 232 25.81 1.82 49.27
CA VAL E 232 25.20 0.76 48.43
C VAL E 232 26.27 0.14 47.54
N MET E 233 27.11 0.97 46.93
CA MET E 233 28.19 0.45 46.05
C MET E 233 29.23 -0.35 46.80
N GLN E 234 29.60 0.09 48.00
CA GLN E 234 30.65 -0.58 48.79
C GLN E 234 30.20 -1.89 49.43
N LYS E 235 28.92 -2.00 49.81
CA LYS E 235 28.41 -3.17 50.54
C LYS E 235 27.74 -4.26 49.69
N SER E 236 27.26 -3.92 48.50
CA SER E 236 26.48 -4.87 47.69
C SER E 236 27.35 -5.94 47.01
N ASP E 237 26.96 -7.19 47.20
CA ASP E 237 27.49 -8.32 46.43
C ASP E 237 26.79 -8.43 45.09
N VAL E 238 25.54 -7.94 45.03
CA VAL E 238 24.75 -7.95 43.79
C VAL E 238 24.06 -6.60 43.56
N LEU E 239 24.27 -6.02 42.39
CA LEU E 239 23.51 -4.87 41.93
C LEU E 239 22.56 -5.36 40.82
N TYR E 240 21.28 -5.46 41.16
CA TYR E 240 20.25 -5.96 40.27
C TYR E 240 19.43 -4.77 39.84
N THR E 241 19.65 -4.33 38.62
CA THR E 241 19.02 -3.13 38.11
C THR E 241 18.02 -3.43 36.99
N THR E 242 17.09 -2.50 36.82
CA THR E 242 15.97 -2.67 35.91
C THR E 242 15.67 -1.35 35.23
N ARG E 243 14.87 -1.43 34.18
CA ARG E 243 14.50 -0.28 33.37
C ARG E 243 13.45 0.56 34.13
N LEU E 244 13.17 1.76 33.61
CA LEU E 244 12.07 2.61 34.13
C LEU E 244 10.89 2.66 33.16
N ASP E 255 0.09 12.07 39.23
CA ASP E 255 0.27 11.38 37.97
C ASP E 255 1.71 11.53 37.50
N ASP E 256 2.16 12.78 37.38
CA ASP E 256 3.47 13.12 36.83
C ASP E 256 4.60 13.09 37.88
N ALA E 257 4.25 12.76 39.13
CA ALA E 257 5.23 12.63 40.21
C ALA E 257 6.25 11.54 39.88
N ALA E 258 5.77 10.36 39.49
CA ALA E 258 6.64 9.26 39.06
C ALA E 258 7.63 9.70 37.98
N ALA E 259 7.15 10.44 36.98
CA ALA E 259 7.99 10.87 35.87
C ALA E 259 9.07 11.86 36.32
N LEU E 260 8.70 12.81 37.15
CA LEU E 260 9.64 13.83 37.59
C LEU E 260 10.63 13.28 38.61
N GLN E 261 10.17 12.43 39.52
CA GLN E 261 11.08 11.79 40.48
C GLN E 261 12.08 10.87 39.77
N SER E 262 11.63 10.19 38.72
CA SER E 262 12.51 9.29 37.97
C SER E 262 13.61 10.09 37.29
N PHE E 263 13.20 11.17 36.63
CA PHE E 263 14.16 12.08 36.01
C PHE E 263 15.13 12.59 37.07
N ALA E 264 14.60 13.10 38.18
CA ALA E 264 15.43 13.67 39.24
C ALA E 264 16.50 12.67 39.73
N ALA E 265 16.09 11.40 39.86
CA ALA E 265 16.97 10.36 40.36
C ALA E 265 17.82 9.64 39.30
N LYS E 266 17.57 9.88 38.02
CA LYS E 266 18.12 9.03 36.95
C LYS E 266 19.65 8.91 36.98
N ALA E 267 20.35 10.04 37.09
CA ALA E 267 21.81 10.01 37.13
C ALA E 267 22.33 9.24 38.34
N ASP E 268 21.70 9.44 39.51
CA ASP E 268 22.08 8.77 40.78
C ASP E 268 21.86 7.25 40.82
N ILE E 269 20.99 6.73 39.97
CA ILE E 269 20.74 5.29 39.96
C ILE E 269 21.36 4.60 38.75
N THR E 270 22.09 5.33 37.91
CA THR E 270 22.80 4.77 36.75
C THR E 270 24.05 4.04 37.15
N ILE E 271 24.30 2.89 36.53
CA ILE E 271 25.53 2.15 36.74
C ILE E 271 26.35 2.34 35.49
N ASP E 272 27.50 2.99 35.63
CA ASP E 272 28.50 3.14 34.54
C ASP E 272 29.89 2.85 35.08
N ALA E 273 30.92 2.88 34.24
CA ALA E 273 32.28 2.58 34.68
C ALA E 273 32.70 3.45 35.86
N ALA E 274 32.30 4.72 35.87
CA ALA E 274 32.69 5.63 36.94
C ALA E 274 32.07 5.18 38.28
N ARG E 275 30.78 4.85 38.28
CA ARG E 275 30.16 4.31 39.49
C ARG E 275 30.84 3.00 39.93
N MET E 276 31.20 2.16 38.97
CA MET E 276 31.82 0.87 39.28
C MET E 276 33.19 0.98 39.97
N ARG E 277 33.84 2.15 39.92
CA ARG E 277 35.06 2.37 40.71
C ARG E 277 34.84 2.21 42.22
N LEU E 278 33.59 2.37 42.69
CA LEU E 278 33.26 2.19 44.11
C LEU E 278 32.79 0.77 44.49
N ALA E 279 32.58 -0.11 43.50
CA ALA E 279 32.03 -1.46 43.75
C ALA E 279 33.10 -2.37 44.33
N LYS E 280 32.68 -3.42 45.01
CA LYS E 280 33.61 -4.46 45.47
C LYS E 280 34.33 -5.12 44.32
N GLU E 281 35.52 -5.65 44.62
CA GLU E 281 36.28 -6.41 43.64
C GLU E 281 35.51 -7.65 43.19
N LYS E 282 34.92 -8.38 44.15
CA LYS E 282 34.10 -9.58 43.87
C LYS E 282 32.65 -9.21 44.12
N MET E 283 31.88 -9.12 43.05
CA MET E 283 30.43 -8.81 43.07
C MET E 283 29.93 -8.95 41.63
N ILE E 284 28.61 -8.87 41.40
CA ILE E 284 28.09 -8.92 40.02
C ILE E 284 27.02 -7.86 39.81
N VAL E 285 26.95 -7.37 38.56
CA VAL E 285 25.87 -6.53 38.08
C VAL E 285 24.97 -7.41 37.25
N MET E 286 23.66 -7.31 37.56
CA MET E 286 22.64 -8.10 36.94
C MET E 286 21.56 -7.17 36.40
N HIS E 287 20.89 -7.62 35.35
CA HIS E 287 19.78 -6.88 34.75
C HIS E 287 18.97 -7.95 33.99
N PRO E 288 17.63 -8.05 34.23
CA PRO E 288 16.85 -9.04 33.50
C PRO E 288 16.67 -8.74 32.01
N LEU E 289 16.75 -7.46 31.67
CA LEU E 289 16.85 -6.92 30.30
C LEU E 289 15.42 -6.91 29.74
N PRO E 290 15.12 -6.09 28.74
CA PRO E 290 16.05 -5.17 28.10
C PRO E 290 16.42 -3.96 28.98
N ARG E 291 17.56 -3.36 28.67
CA ARG E 291 18.05 -2.19 29.38
C ARG E 291 17.88 -0.95 28.53
N ASN E 292 17.76 0.20 29.19
CA ASN E 292 18.02 1.49 28.55
C ASN E 292 19.31 2.06 29.17
N ASP E 293 19.44 3.36 29.42
CA ASP E 293 20.76 3.89 29.87
C ASP E 293 21.02 3.89 31.39
N GLU E 294 20.12 3.29 32.17
CA GLU E 294 20.39 2.97 33.58
C GLU E 294 21.60 2.04 33.75
N LEU E 295 21.95 1.29 32.71
CA LEU E 295 23.11 0.43 32.72
C LEU E 295 23.95 0.69 31.47
N SER E 296 24.99 1.48 31.67
CA SER E 296 25.84 1.96 30.57
C SER E 296 26.60 0.83 29.89
N THR E 297 26.78 0.95 28.58
CA THR E 297 27.65 0.01 27.85
C THR E 297 29.12 0.06 28.29
N THR E 298 29.56 1.12 28.98
CA THR E 298 30.91 1.17 29.59
C THR E 298 31.18 0.07 30.65
N VAL E 299 30.13 -0.58 31.16
CA VAL E 299 30.25 -1.65 32.15
C VAL E 299 30.39 -3.03 31.51
N ASP E 300 30.04 -3.14 30.22
CA ASP E 300 29.87 -4.46 29.56
C ASP E 300 31.13 -5.30 29.54
N ALA E 301 32.29 -4.66 29.46
CA ALA E 301 33.54 -5.40 29.39
C ALA E 301 34.10 -5.75 30.79
N ASP E 302 33.45 -5.27 31.84
CA ASP E 302 33.86 -5.55 33.21
C ASP E 302 33.54 -7.01 33.54
N PRO E 303 34.48 -7.75 34.16
CA PRO E 303 34.18 -9.14 34.57
C PRO E 303 32.97 -9.27 35.53
N ARG E 304 32.63 -8.21 36.23
CA ARG E 304 31.48 -8.19 37.15
C ARG E 304 30.11 -8.06 36.45
N ALA E 305 30.13 -7.66 35.19
CA ALA E 305 28.91 -7.58 34.36
C ALA E 305 28.44 -8.99 34.03
N ALA E 306 27.41 -9.43 34.74
CA ALA E 306 26.88 -10.80 34.64
C ALA E 306 25.60 -10.91 33.82
N TYR E 307 25.16 -9.79 33.26
CA TYR E 307 23.80 -9.68 32.68
C TYR E 307 23.68 -10.36 31.30
N PHE E 308 24.78 -10.64 30.65
CA PHE E 308 24.73 -11.48 29.44
C PHE E 308 24.78 -12.95 29.85
N ARG E 309 25.68 -13.31 30.75
CA ARG E 309 25.75 -14.68 31.28
C ARG E 309 24.40 -15.13 31.90
N GLN E 310 23.72 -14.20 32.55
CA GLN E 310 22.39 -14.39 33.17
C GLN E 310 21.37 -14.95 32.18
N MET E 311 21.41 -14.49 30.92
CA MET E 311 20.50 -15.03 29.90
C MET E 311 20.81 -16.49 29.61
N ARG E 312 22.08 -16.85 29.58
CA ARG E 312 22.46 -18.22 29.30
C ARG E 312 22.08 -19.16 30.46
N TYR E 313 22.36 -18.73 31.70
CA TYR E 313 21.80 -19.40 32.91
C TYR E 313 20.26 -19.56 32.84
N GLY E 314 19.59 -18.54 32.31
CA GLY E 314 18.16 -18.60 32.04
C GLY E 314 17.71 -19.77 31.22
N MET E 315 18.41 -20.01 30.11
CA MET E 315 18.10 -21.18 29.26
C MET E 315 18.19 -22.48 30.07
N PHE E 316 19.29 -22.64 30.81
CA PHE E 316 19.54 -23.89 31.51
C PHE E 316 18.59 -24.09 32.69
N MET E 317 18.22 -23.00 33.38
CA MET E 317 17.20 -23.06 34.42
C MET E 317 15.86 -23.46 33.82
N ARG E 318 15.56 -22.93 32.63
CA ARG E 318 14.30 -23.28 31.95
C ARG E 318 14.25 -24.72 31.47
N MET E 319 15.39 -25.25 31.05
CA MET E 319 15.53 -26.69 30.81
C MET E 319 15.27 -27.53 32.09
N ALA E 320 15.80 -27.10 33.22
CA ALA E 320 15.60 -27.81 34.48
C ALA E 320 14.12 -27.81 34.86
N ILE E 321 13.49 -26.64 34.69
CA ILE E 321 12.07 -26.46 35.01
C ILE E 321 11.19 -27.32 34.07
N LEU E 322 11.39 -27.21 32.75
CA LEU E 322 10.56 -27.94 31.79
C LEU E 322 10.66 -29.44 31.97
N TRP E 323 11.88 -29.93 32.14
CA TRP E 323 12.15 -31.35 32.37
C TRP E 323 11.48 -31.80 33.66
N SER E 324 11.58 -31.00 34.70
CA SER E 324 10.95 -31.35 35.99
C SER E 324 9.41 -31.38 35.92
N VAL E 325 8.81 -30.40 35.23
CA VAL E 325 7.36 -30.32 35.11
C VAL E 325 6.82 -31.50 34.31
N LEU E 326 7.55 -31.95 33.29
CA LEU E 326 7.04 -32.92 32.32
C LEU E 326 7.63 -34.33 32.43
N ALA E 327 8.58 -34.58 33.33
CA ALA E 327 9.16 -35.93 33.47
C ALA E 327 8.11 -36.96 33.88
N SER F 1 23.43 -42.43 -0.88
CA SER F 1 23.30 -43.57 0.08
C SER F 1 24.65 -44.16 0.53
N MET F 2 25.48 -44.55 -0.43
CA MET F 2 26.91 -44.78 -0.19
C MET F 2 27.73 -43.50 -0.32
N LEU F 3 27.07 -42.38 -0.60
CA LEU F 3 27.72 -41.06 -0.65
C LEU F 3 28.02 -40.54 0.74
N GLU F 4 29.22 -40.00 0.91
CA GLU F 4 29.62 -39.31 2.13
C GLU F 4 29.08 -37.88 2.06
N LEU F 5 29.01 -37.23 3.22
CA LEU F 5 28.70 -35.82 3.31
C LEU F 5 29.82 -35.15 4.08
N PRO F 6 31.01 -35.07 3.45
CA PRO F 6 32.12 -34.44 4.17
C PRO F 6 31.83 -32.95 4.27
N PRO F 7 31.91 -32.37 5.47
CA PRO F 7 31.70 -30.93 5.56
C PRO F 7 32.90 -30.19 4.96
N VAL F 8 32.67 -29.00 4.41
CA VAL F 8 33.77 -28.18 3.84
C VAL F 8 34.51 -27.55 5.01
N ALA F 9 35.74 -28.02 5.26
CA ALA F 9 36.46 -27.76 6.52
C ALA F 9 36.84 -26.31 6.70
N SER F 10 37.17 -25.63 5.60
CA SER F 10 37.51 -24.20 5.65
C SER F 10 36.40 -23.28 6.21
N LEU F 11 35.14 -23.72 6.13
CA LEU F 11 33.98 -22.98 6.65
C LEU F 11 33.67 -23.22 8.12
N LYS F 12 34.33 -24.20 8.74
CA LYS F 12 34.00 -24.60 10.11
C LYS F 12 34.09 -23.46 11.10
N GLY F 13 32.99 -23.19 11.80
CA GLY F 13 32.95 -22.14 12.80
C GLY F 13 33.03 -20.70 12.28
N LYS F 14 32.97 -20.48 10.97
CA LYS F 14 33.15 -19.14 10.44
C LYS F 14 31.84 -18.47 9.96
N SER F 15 31.80 -17.16 10.15
CA SER F 15 30.72 -16.33 9.68
C SER F 15 30.83 -16.18 8.16
N ILE F 16 29.70 -16.04 7.50
CA ILE F 16 29.65 -15.87 6.05
C ILE F 16 29.07 -14.50 5.81
N THR F 17 29.95 -13.56 5.43
CA THR F 17 29.55 -12.19 5.14
C THR F 17 29.75 -11.72 3.70
N SER F 18 30.67 -12.33 2.95
CA SER F 18 31.03 -11.84 1.62
C SER F 18 31.40 -12.99 0.68
N ALA F 19 31.07 -12.82 -0.59
CA ALA F 19 31.54 -13.73 -1.64
C ALA F 19 33.07 -13.78 -1.73
N GLU F 20 33.74 -12.71 -1.27
CA GLU F 20 35.21 -12.62 -1.25
C GLU F 20 35.91 -13.65 -0.35
N GLN F 21 35.22 -14.23 0.62
CA GLN F 21 35.87 -15.16 1.55
C GLN F 21 36.04 -16.62 1.04
N PHE F 22 35.46 -16.95 -0.11
CA PHE F 22 35.52 -18.30 -0.65
C PHE F 22 36.57 -18.42 -1.76
N SER F 23 37.21 -19.58 -1.81
CA SER F 23 38.06 -19.97 -2.92
C SER F 23 37.26 -20.78 -3.92
N ARG F 24 37.85 -21.00 -5.07
CA ARG F 24 37.31 -21.87 -6.08
C ARG F 24 37.09 -23.26 -5.49
N ALA F 25 38.08 -23.78 -4.78
CA ALA F 25 37.99 -25.09 -4.13
C ALA F 25 36.84 -25.17 -3.11
N ASP F 26 36.62 -24.09 -2.36
CA ASP F 26 35.51 -24.04 -1.39
C ASP F 26 34.19 -24.19 -2.13
N ILE F 27 34.06 -23.46 -3.24
CA ILE F 27 32.83 -23.41 -4.03
C ILE F 27 32.48 -24.78 -4.64
N TYR F 28 33.48 -25.45 -5.23
CA TYR F 28 33.27 -26.80 -5.74
C TYR F 28 32.97 -27.80 -4.65
N ALA F 29 33.64 -27.69 -3.51
CA ALA F 29 33.36 -28.54 -2.38
C ALA F 29 31.90 -28.38 -1.90
N LEU F 30 31.40 -27.15 -1.85
CA LEU F 30 29.97 -26.90 -1.50
C LEU F 30 29.02 -27.41 -2.56
N ILE F 31 29.40 -27.23 -3.82
CA ILE F 31 28.59 -27.72 -4.94
C ILE F 31 28.44 -29.24 -4.83
N HIS F 32 29.54 -29.96 -4.65
CA HIS F 32 29.48 -31.41 -4.62
C HIS F 32 28.74 -31.87 -3.35
N LEU F 33 28.96 -31.18 -2.22
CA LEU F 33 28.24 -31.50 -0.98
C LEU F 33 26.71 -31.32 -1.17
N ALA F 34 26.32 -30.20 -1.79
CA ALA F 34 24.91 -29.90 -2.04
C ALA F 34 24.22 -30.92 -2.95
N SER F 35 24.94 -31.40 -3.97
CA SER F 35 24.41 -32.43 -4.89
C SER F 35 24.22 -33.76 -4.20
N ALA F 36 25.17 -34.13 -3.34
CA ALA F 36 25.05 -35.35 -2.54
C ALA F 36 23.90 -35.23 -1.52
N MET F 37 23.75 -34.06 -0.91
CA MET F 37 22.56 -33.78 -0.11
C MET F 37 21.26 -33.88 -0.90
N GLN F 38 21.24 -33.31 -2.11
CA GLN F 38 20.08 -33.43 -2.99
C GLN F 38 19.74 -34.90 -3.26
N ARG F 39 20.73 -35.71 -3.61
CA ARG F 39 20.48 -37.14 -3.90
C ARG F 39 19.88 -37.87 -2.69
N LYS F 40 20.41 -37.63 -1.49
CA LYS F 40 19.92 -38.34 -0.30
C LYS F 40 18.51 -37.88 0.11
N ILE F 41 18.28 -36.56 0.10
CA ILE F 41 16.97 -35.99 0.43
C ILE F 41 15.91 -36.42 -0.60
N ASP F 42 16.21 -36.31 -1.89
CA ASP F 42 15.26 -36.78 -2.91
C ASP F 42 14.99 -38.31 -2.81
N ALA F 43 15.96 -39.08 -2.33
CA ALA F 43 15.75 -40.51 -2.05
C ALA F 43 14.89 -40.79 -0.78
N GLY F 44 14.66 -39.77 0.05
CA GLY F 44 13.83 -39.88 1.22
C GLY F 44 14.63 -40.21 2.46
N GLU F 45 15.96 -40.09 2.39
CA GLU F 45 16.79 -40.28 3.57
C GLU F 45 16.60 -39.13 4.54
N VAL F 46 16.72 -39.45 5.82
CA VAL F 46 16.54 -38.51 6.90
C VAL F 46 17.91 -38.27 7.50
N LEU F 47 18.37 -37.02 7.46
CA LEU F 47 19.68 -36.65 8.01
C LEU F 47 19.53 -36.15 9.45
N ASN F 48 20.47 -36.51 10.32
CA ASN F 48 20.47 -36.08 11.71
C ASN F 48 21.80 -35.46 12.10
N LEU F 49 22.41 -34.79 11.13
CA LEU F 49 23.73 -34.19 11.33
C LEU F 49 23.71 -33.06 12.36
N LEU F 50 22.63 -32.28 12.41
CA LEU F 50 22.57 -31.13 13.33
C LEU F 50 21.53 -31.26 14.42
N GLN F 51 21.23 -32.49 14.86
CA GLN F 51 20.33 -32.68 16.00
C GLN F 51 20.83 -31.91 17.20
N GLY F 52 19.93 -31.16 17.83
CA GLY F 52 20.25 -30.40 19.02
C GLY F 52 20.88 -29.05 18.77
N ARG F 53 21.04 -28.67 17.51
CA ARG F 53 21.58 -27.37 17.17
C ARG F 53 20.43 -26.42 16.72
N ILE F 54 20.55 -25.15 17.13
CA ILE F 54 19.54 -24.11 16.91
C ILE F 54 20.04 -23.00 15.95
N MET F 55 19.23 -22.73 14.92
CA MET F 55 19.32 -21.54 14.11
C MET F 55 18.28 -20.54 14.57
N THR F 56 18.69 -19.28 14.70
CA THR F 56 17.75 -18.23 14.96
C THR F 56 17.87 -17.15 13.87
N PRO F 57 16.75 -16.90 13.16
CA PRO F 57 16.68 -15.77 12.23
C PRO F 57 16.67 -14.45 12.95
N LEU F 58 17.43 -13.49 12.43
CA LEU F 58 17.52 -12.13 12.94
C LEU F 58 17.30 -11.16 11.77
N PHE F 59 16.02 -11.03 11.39
CA PHE F 59 15.57 -10.31 10.18
C PHE F 59 15.02 -8.91 10.49
N PHE F 60 15.89 -7.90 10.38
CA PHE F 60 15.53 -6.48 10.55
C PHE F 60 14.82 -5.89 9.31
N GLU F 61 14.72 -6.68 8.24
CA GLU F 61 13.77 -6.44 7.18
C GLU F 61 13.27 -7.78 6.65
N ASP F 62 12.03 -7.80 6.18
CA ASP F 62 11.31 -9.04 6.00
C ASP F 62 11.71 -9.81 4.75
N SER F 63 11.50 -11.12 4.83
CA SER F 63 11.46 -11.99 3.66
C SER F 63 10.61 -13.23 3.93
N SER F 64 10.27 -13.88 2.83
CA SER F 64 9.48 -15.09 2.82
C SER F 64 10.45 -16.19 2.45
N ARG F 65 10.87 -16.14 1.20
CA ARG F 65 11.80 -17.10 0.60
C ARG F 65 13.08 -17.30 1.38
N THR F 66 13.70 -16.20 1.81
CA THR F 66 15.01 -16.25 2.45
C THR F 66 14.98 -16.96 3.80
N PHE F 67 14.18 -16.45 4.72
CA PHE F 67 14.03 -17.02 6.06
C PHE F 67 13.57 -18.48 5.98
N SER F 68 12.66 -18.77 5.05
CA SER F 68 12.06 -20.07 4.92
C SER F 68 13.02 -21.06 4.33
N SER F 69 13.75 -20.63 3.29
CA SER F 69 14.81 -21.45 2.70
C SER F 69 15.80 -21.87 3.77
N PHE F 70 16.21 -20.94 4.61
CA PHE F 70 17.17 -21.25 5.69
C PHE F 70 16.62 -22.20 6.75
N CYS F 71 15.37 -21.96 7.16
CA CYS F 71 14.73 -22.81 8.15
C CYS F 71 14.59 -24.24 7.63
N ALA F 72 14.11 -24.38 6.39
CA ALA F 72 13.96 -25.68 5.77
C ALA F 72 15.30 -26.41 5.70
N ALA F 73 16.37 -25.71 5.29
CA ALA F 73 17.71 -26.30 5.23
C ALA F 73 18.14 -26.86 6.58
N MET F 74 17.96 -26.06 7.62
CA MET F 74 18.38 -26.44 8.95
C MET F 74 17.60 -27.67 9.40
N ILE F 75 16.28 -27.67 9.17
CA ILE F 75 15.39 -28.77 9.53
C ILE F 75 15.76 -30.08 8.81
N ARG F 76 16.03 -30.01 7.51
CA ARG F 76 16.44 -31.19 6.76
C ARG F 76 17.81 -31.78 7.16
N LEU F 77 18.58 -31.02 7.93
CA LEU F 77 19.81 -31.51 8.56
C LEU F 77 19.57 -32.08 9.97
N GLY F 78 18.32 -32.07 10.43
CA GLY F 78 17.95 -32.52 11.78
C GLY F 78 18.05 -31.40 12.80
N GLY F 79 18.28 -30.19 12.31
CA GLY F 79 18.46 -29.02 13.16
C GLY F 79 17.14 -28.40 13.57
N SER F 80 17.21 -27.44 14.48
CA SER F 80 16.03 -26.78 14.99
C SER F 80 16.11 -25.27 14.79
N VAL F 81 14.94 -24.65 14.90
CA VAL F 81 14.81 -23.21 14.70
C VAL F 81 14.04 -22.59 15.86
N VAL F 82 14.57 -21.50 16.41
CA VAL F 82 13.81 -20.67 17.34
C VAL F 82 13.35 -19.41 16.60
N ASN F 83 12.03 -19.28 16.49
CA ASN F 83 11.37 -18.29 15.60
C ASN F 83 11.31 -16.90 16.19
N PHE F 84 12.48 -16.29 16.40
CA PHE F 84 12.57 -14.93 16.92
C PHE F 84 12.12 -13.89 15.88
N LYS F 85 11.13 -13.06 16.24
CA LYS F 85 10.68 -11.96 15.39
C LYS F 85 11.11 -10.61 15.99
N VAL F 86 11.74 -9.76 15.17
CA VAL F 86 12.20 -8.43 15.63
C VAL F 86 11.00 -7.53 15.92
N GLU F 87 9.96 -7.66 15.08
CA GLU F 87 8.65 -7.05 15.31
C GLU F 87 7.86 -7.87 16.33
N GLY F 94 13.39 -0.09 23.93
CA GLY F 94 14.29 0.30 22.84
C GLY F 94 15.66 -0.38 22.87
N GLU F 95 15.68 -1.67 22.55
CA GLU F 95 16.90 -2.49 22.65
C GLU F 95 17.85 -2.27 21.46
N THR F 96 19.15 -2.13 21.75
CA THR F 96 20.15 -1.96 20.69
C THR F 96 20.37 -3.24 19.88
N LEU F 97 21.03 -3.07 18.75
CA LEU F 97 21.37 -4.18 17.87
C LEU F 97 22.30 -5.14 18.59
N ALA F 98 23.37 -4.57 19.17
CA ALA F 98 24.36 -5.35 19.91
C ALA F 98 23.74 -6.21 21.03
N ASP F 99 22.75 -5.65 21.75
CA ASP F 99 22.09 -6.39 22.86
C ASP F 99 21.20 -7.51 22.30
N THR F 100 20.56 -7.25 21.16
CA THR F 100 19.73 -8.27 20.52
C THR F 100 20.62 -9.44 20.08
N ILE F 101 21.79 -9.14 19.50
CA ILE F 101 22.76 -10.17 19.10
C ILE F 101 23.18 -11.02 20.28
N ARG F 102 23.66 -10.36 21.34
CA ARG F 102 24.04 -11.07 22.56
C ARG F 102 22.92 -11.94 23.10
N THR F 103 21.66 -11.48 22.97
CA THR F 103 20.50 -12.22 23.46
C THR F 103 20.31 -13.54 22.70
N LEU F 104 20.27 -13.40 21.38
CA LEU F 104 20.21 -14.53 20.48
C LEU F 104 21.39 -15.50 20.63
N ASP F 105 22.60 -14.96 20.83
CA ASP F 105 23.84 -15.75 21.11
C ASP F 105 23.76 -16.63 22.35
N SER F 106 22.98 -16.21 23.34
CA SER F 106 22.87 -16.91 24.59
C SER F 106 22.24 -18.31 24.42
N TYR F 107 21.47 -18.54 23.35
CA TYR F 107 20.78 -19.82 23.19
C TYR F 107 20.93 -20.52 21.82
N SER F 108 21.53 -19.84 20.84
CA SER F 108 21.62 -20.34 19.46
C SER F 108 23.01 -20.89 19.11
N ASP F 109 23.04 -21.65 18.03
CA ASP F 109 24.29 -22.15 17.42
C ASP F 109 24.67 -21.37 16.16
N VAL F 110 23.68 -20.84 15.45
CA VAL F 110 23.95 -20.00 14.28
C VAL F 110 22.87 -18.92 14.16
N LEU F 111 23.29 -17.72 13.76
CA LEU F 111 22.40 -16.61 13.48
C LEU F 111 22.36 -16.33 11.99
N VAL F 112 21.16 -16.16 11.47
CA VAL F 112 20.97 -15.77 10.07
C VAL F 112 20.49 -14.34 10.10
N MET F 113 21.32 -13.42 9.63
CA MET F 113 21.01 -11.99 9.72
C MET F 113 20.70 -11.32 8.38
N ARG F 114 19.62 -10.55 8.38
CA ARG F 114 19.29 -9.63 7.28
C ARG F 114 18.99 -8.26 7.88
N HIS F 115 19.51 -7.21 7.25
CA HIS F 115 19.43 -5.87 7.81
C HIS F 115 19.47 -4.83 6.68
N PRO F 116 18.66 -3.76 6.78
CA PRO F 116 18.68 -2.71 5.75
C PRO F 116 19.94 -1.83 5.72
N ARG F 117 20.85 -1.97 6.68
CA ARG F 117 22.03 -1.15 6.82
C ARG F 117 23.23 -2.02 6.44
N GLN F 118 23.96 -1.57 5.45
CA GLN F 118 25.15 -2.27 4.97
C GLN F 118 26.19 -2.59 6.06
N ASP F 119 26.41 -1.64 6.96
CA ASP F 119 27.37 -1.79 8.07
C ASP F 119 26.88 -2.59 9.30
N ALA F 120 25.63 -3.03 9.32
CA ALA F 120 25.08 -3.76 10.48
C ALA F 120 25.70 -5.14 10.74
N ILE F 121 26.13 -5.82 9.67
CA ILE F 121 26.84 -7.09 9.79
C ILE F 121 28.16 -6.93 10.55
N GLU F 122 28.91 -5.88 10.24
CA GLU F 122 30.18 -5.58 10.93
C GLU F 122 30.02 -5.33 12.44
N GLU F 123 28.98 -4.59 12.81
CA GLU F 123 28.57 -4.45 14.22
C GLU F 123 28.25 -5.79 14.84
N ALA F 124 27.45 -6.59 14.15
CA ALA F 124 27.05 -7.89 14.68
C ALA F 124 28.27 -8.78 14.97
N LEU F 125 29.21 -8.84 14.03
CA LEU F 125 30.42 -9.68 14.19
C LEU F 125 31.30 -9.33 15.39
N SER F 126 31.44 -8.05 15.70
CA SER F 126 32.23 -7.62 16.86
C SER F 126 31.64 -8.03 18.23
N VAL F 127 30.37 -8.41 18.30
CA VAL F 127 29.80 -8.91 19.56
C VAL F 127 29.37 -10.38 19.54
N ALA F 128 29.12 -10.95 18.38
CA ALA F 128 28.61 -12.33 18.31
C ALA F 128 29.69 -13.38 18.65
N GLN F 129 29.32 -14.34 19.49
CA GLN F 129 30.16 -15.53 19.79
C GLN F 129 30.01 -16.61 18.73
N HIS F 130 28.80 -16.77 18.21
CA HIS F 130 28.51 -17.84 17.26
C HIS F 130 28.52 -17.27 15.83
N PRO F 131 28.66 -18.14 14.82
CA PRO F 131 28.67 -17.67 13.42
C PRO F 131 27.40 -16.96 13.00
N ILE F 132 27.56 -15.89 12.23
CA ILE F 132 26.48 -15.19 11.59
C ILE F 132 26.54 -15.48 10.09
N LEU F 133 25.38 -15.75 9.50
CA LEU F 133 25.24 -15.90 8.05
C LEU F 133 24.53 -14.66 7.52
N ASN F 134 25.21 -13.94 6.64
CA ASN F 134 24.69 -12.71 6.05
C ASN F 134 23.66 -13.07 5.00
N ALA F 135 22.37 -12.91 5.33
CA ALA F 135 21.30 -13.10 4.36
C ALA F 135 20.85 -11.79 3.66
N GLY F 136 21.71 -10.77 3.72
CA GLY F 136 21.49 -9.50 3.00
C GLY F 136 21.76 -8.31 3.91
N ASN F 137 22.70 -7.46 3.52
CA ASN F 137 23.03 -6.27 4.30
C ASN F 137 22.88 -5.02 3.41
N GLY F 138 21.72 -4.35 3.54
CA GLY F 138 21.38 -3.16 2.70
C GLY F 138 21.64 -3.47 1.24
N ALA F 139 22.40 -2.59 0.58
CA ALA F 139 22.80 -2.74 -0.81
C ALA F 139 24.16 -3.39 -0.94
N GLY F 140 24.65 -4.04 0.12
CA GLY F 140 25.96 -4.67 0.12
C GLY F 140 25.98 -5.98 -0.65
N GLU F 141 25.84 -7.08 0.09
CA GLU F 141 26.01 -8.44 -0.44
C GLU F 141 24.94 -9.43 0.04
N HIS F 142 24.89 -10.55 -0.66
CA HIS F 142 24.01 -11.68 -0.34
C HIS F 142 24.81 -12.92 -0.71
N PRO F 143 25.77 -13.31 0.14
CA PRO F 143 26.79 -14.31 -0.24
C PRO F 143 26.30 -15.72 -0.50
N THR F 144 25.32 -16.18 0.28
CA THR F 144 24.76 -17.52 0.07
C THR F 144 23.91 -17.56 -1.20
N GLN F 145 23.28 -16.43 -1.57
CA GLN F 145 22.62 -16.37 -2.88
C GLN F 145 23.63 -16.61 -4.01
N ALA F 146 24.76 -15.90 -3.99
CA ALA F 146 25.81 -16.10 -5.00
C ALA F 146 26.25 -17.57 -5.10
N LEU F 147 26.43 -18.23 -3.96
CA LEU F 147 26.78 -19.64 -3.94
C LEU F 147 25.69 -20.52 -4.57
N LEU F 148 24.42 -20.29 -4.20
CA LEU F 148 23.34 -21.10 -4.78
C LEU F 148 23.15 -20.79 -6.26
N ASP F 149 23.27 -19.52 -6.63
CA ASP F 149 23.25 -19.13 -8.04
C ASP F 149 24.32 -19.88 -8.84
N THR F 150 25.51 -20.01 -8.29
CA THR F 150 26.62 -20.68 -8.96
C THR F 150 26.37 -22.18 -9.01
N LEU F 151 25.77 -22.73 -7.95
CA LEU F 151 25.31 -24.11 -7.97
C LEU F 151 24.36 -24.33 -9.12
N THR F 152 23.40 -23.41 -9.30
CA THR F 152 22.40 -23.48 -10.36
C THR F 152 23.01 -23.48 -11.76
N ILE F 153 23.99 -22.59 -11.99
CA ILE F 153 24.67 -22.50 -13.28
C ILE F 153 25.37 -23.84 -13.59
N HIS F 154 26.15 -24.33 -12.62
CA HIS F 154 26.87 -25.58 -12.74
C HIS F 154 25.94 -26.78 -13.08
N SER F 155 24.86 -26.92 -12.33
CA SER F 155 23.96 -28.07 -12.47
C SER F 155 23.15 -28.02 -13.76
N GLU F 156 22.82 -26.83 -14.22
CA GLU F 156 22.01 -26.65 -15.42
C GLU F 156 22.84 -26.70 -16.70
N LEU F 157 24.00 -26.03 -16.70
CA LEU F 157 24.79 -25.88 -17.92
C LEU F 157 26.00 -26.79 -17.98
N GLY F 158 26.45 -27.30 -16.82
CA GLY F 158 27.56 -28.25 -16.75
C GLY F 158 28.94 -27.63 -16.50
N SER F 159 29.05 -26.31 -16.59
CA SER F 159 30.32 -25.62 -16.37
C SER F 159 30.09 -24.15 -16.11
N VAL F 160 30.96 -23.55 -15.30
CA VAL F 160 30.90 -22.12 -14.99
C VAL F 160 31.99 -21.32 -15.71
N ASP F 161 33.19 -21.89 -15.80
CA ASP F 161 34.24 -21.35 -16.69
C ASP F 161 33.71 -21.22 -18.10
N GLY F 162 34.05 -20.12 -18.76
CA GLY F 162 33.76 -19.97 -20.18
C GLY F 162 32.39 -19.43 -20.50
N ILE F 163 31.53 -19.25 -19.50
CA ILE F 163 30.20 -18.67 -19.75
C ILE F 163 30.24 -17.18 -20.06
N THR F 164 29.22 -16.75 -20.81
CA THR F 164 28.83 -15.37 -20.94
C THR F 164 27.53 -15.11 -20.13
N ILE F 165 27.59 -14.15 -19.21
CA ILE F 165 26.47 -13.91 -18.30
C ILE F 165 26.08 -12.45 -18.32
N ALA F 166 24.77 -12.24 -18.34
CA ALA F 166 24.19 -10.93 -18.29
C ALA F 166 23.61 -10.74 -16.91
N LEU F 167 24.02 -9.65 -16.24
CA LEU F 167 23.44 -9.19 -15.00
C LEU F 167 22.53 -8.03 -15.38
N ILE F 168 21.24 -8.17 -15.08
CA ILE F 168 20.21 -7.26 -15.59
C ILE F 168 19.38 -6.64 -14.46
N GLY F 169 19.13 -5.33 -14.54
CA GLY F 169 18.14 -4.64 -13.73
C GLY F 169 18.77 -3.60 -12.84
N ASP F 170 18.40 -3.60 -11.57
CA ASP F 170 18.94 -2.65 -10.60
C ASP F 170 20.26 -3.16 -10.06
N LEU F 171 21.32 -2.88 -10.81
CA LEU F 171 22.65 -3.35 -10.45
C LEU F 171 23.26 -2.50 -9.33
N LYS F 172 22.83 -1.25 -9.23
CA LYS F 172 23.33 -0.37 -8.18
C LYS F 172 22.97 -0.91 -6.78
N MET F 173 21.70 -1.20 -6.57
CA MET F 173 21.21 -1.59 -5.25
C MET F 173 21.07 -3.11 -5.07
N GLY F 174 21.36 -3.89 -6.11
CA GLY F 174 21.14 -5.34 -6.08
C GLY F 174 22.27 -6.07 -5.39
N ARG F 175 22.08 -6.38 -4.12
CA ARG F 175 23.08 -7.11 -3.36
C ARG F 175 23.40 -8.48 -3.95
N THR F 176 22.46 -9.10 -4.67
CA THR F 176 22.72 -10.44 -5.20
C THR F 176 23.65 -10.35 -6.40
N VAL F 177 23.47 -9.36 -7.27
CA VAL F 177 24.42 -9.18 -8.39
C VAL F 177 25.83 -8.75 -7.92
N HIS F 178 25.89 -8.04 -6.81
CA HIS F 178 27.18 -7.68 -6.20
C HIS F 178 27.95 -8.90 -5.81
N SER F 179 27.30 -9.78 -5.05
CA SER F 179 27.96 -10.99 -4.59
C SER F 179 28.31 -11.92 -5.72
N LEU F 180 27.40 -12.06 -6.68
CA LEU F 180 27.60 -12.96 -7.81
C LEU F 180 28.73 -12.51 -8.73
N LEU F 181 28.77 -11.22 -9.07
CA LEU F 181 29.89 -10.71 -9.89
C LEU F 181 31.23 -11.01 -9.22
N LYS F 182 31.32 -10.70 -7.94
CA LYS F 182 32.53 -10.96 -7.14
C LYS F 182 32.92 -12.42 -7.15
N LEU F 183 31.93 -13.29 -6.91
CA LEU F 183 32.21 -14.72 -6.77
C LEU F 183 32.69 -15.33 -8.10
N LEU F 184 32.11 -14.87 -9.20
CA LEU F 184 32.40 -15.44 -10.51
C LEU F 184 33.74 -14.94 -11.07
N VAL F 185 33.96 -13.62 -11.00
CA VAL F 185 35.22 -13.05 -11.47
C VAL F 185 36.44 -13.52 -10.66
N ARG F 186 36.31 -13.57 -9.32
CA ARG F 186 37.43 -14.01 -8.47
C ARG F 186 37.84 -15.49 -8.67
N ASN F 187 36.89 -16.36 -8.99
CA ASN F 187 37.11 -17.80 -8.87
C ASN F 187 36.97 -18.65 -10.13
N PHE F 188 36.48 -18.06 -11.23
CA PHE F 188 36.28 -18.77 -12.49
C PHE F 188 36.86 -17.93 -13.66
N SER F 189 36.95 -18.55 -14.83
CA SER F 189 37.38 -17.85 -16.05
C SER F 189 36.16 -17.52 -16.90
N ILE F 190 35.47 -16.47 -16.48
CA ILE F 190 34.25 -16.01 -17.14
C ILE F 190 34.67 -15.43 -18.49
N LYS F 191 33.94 -15.74 -19.56
CA LYS F 191 34.26 -15.19 -20.88
C LYS F 191 33.83 -13.72 -20.93
N CYS F 192 32.60 -13.44 -20.53
CA CYS F 192 32.03 -12.12 -20.72
C CYS F 192 30.90 -11.87 -19.72
N VAL F 193 30.77 -10.62 -19.29
CA VAL F 193 29.67 -10.18 -18.42
C VAL F 193 29.00 -8.99 -19.08
N PHE F 194 27.73 -9.13 -19.43
CA PHE F 194 26.95 -7.97 -19.82
C PHE F 194 26.33 -7.34 -18.57
N LEU F 195 26.54 -6.04 -18.39
CA LEU F 195 25.91 -5.29 -17.29
C LEU F 195 24.80 -4.46 -17.91
N VAL F 196 23.56 -4.93 -17.70
CA VAL F 196 22.40 -4.39 -18.40
C VAL F 196 21.56 -3.58 -17.42
N ALA F 197 21.64 -2.25 -17.56
CA ALA F 197 20.92 -1.34 -16.66
C ALA F 197 20.91 0.08 -17.20
N PRO F 198 19.92 0.90 -16.80
CA PRO F 198 20.08 2.33 -17.07
C PRO F 198 21.30 2.86 -16.32
N ASP F 199 21.94 3.89 -16.86
CA ASP F 199 23.15 4.51 -16.26
C ASP F 199 23.04 4.70 -14.75
N ALA F 200 21.91 5.25 -14.31
CA ALA F 200 21.65 5.55 -12.90
C ALA F 200 21.63 4.35 -11.96
N LEU F 201 21.42 3.15 -12.51
CA LEU F 201 21.38 1.93 -11.73
C LEU F 201 22.46 0.93 -12.16
N GLN F 202 23.59 1.42 -12.67
CA GLN F 202 24.66 0.54 -13.14
C GLN F 202 25.45 -0.09 -12.00
N MET F 203 26.27 -1.07 -12.33
CA MET F 203 27.10 -1.75 -11.34
C MET F 203 28.06 -0.73 -10.67
N PRO F 204 28.08 -0.66 -9.32
CA PRO F 204 28.88 0.39 -8.68
C PRO F 204 30.38 0.23 -8.86
N GLN F 205 31.10 1.34 -8.78
CA GLN F 205 32.56 1.29 -8.85
C GLN F 205 33.20 0.60 -7.64
N ASP F 206 32.58 0.67 -6.47
CA ASP F 206 33.11 -0.06 -5.30
C ASP F 206 33.01 -1.58 -5.46
N VAL F 207 32.21 -2.06 -6.42
CA VAL F 207 32.25 -3.47 -6.81
C VAL F 207 33.27 -3.70 -7.94
N LEU F 208 33.21 -2.87 -8.98
CA LEU F 208 34.08 -3.08 -10.15
C LEU F 208 35.58 -2.83 -9.88
N GLU F 209 35.92 -1.77 -9.14
CA GLU F 209 37.35 -1.44 -8.90
C GLU F 209 38.20 -2.53 -8.23
N PRO F 210 37.72 -3.15 -7.11
CA PRO F 210 38.51 -4.26 -6.56
C PRO F 210 38.71 -5.45 -7.50
N LEU F 211 37.83 -5.59 -8.48
CA LEU F 211 37.93 -6.63 -9.51
C LEU F 211 38.78 -6.28 -10.73
N GLN F 212 39.19 -5.02 -10.84
CA GLN F 212 39.81 -4.52 -12.09
C GLN F 212 41.06 -5.29 -12.45
N HIS F 213 41.86 -5.62 -11.44
CA HIS F 213 43.07 -6.41 -11.65
C HIS F 213 42.76 -7.80 -12.21
N GLU F 214 41.83 -8.51 -11.58
CA GLU F 214 41.47 -9.88 -12.01
C GLU F 214 40.79 -9.90 -13.38
N ILE F 215 39.96 -8.90 -13.65
CA ILE F 215 39.30 -8.75 -14.94
C ILE F 215 40.35 -8.67 -16.07
N ALA F 216 41.36 -7.80 -15.89
CA ALA F 216 42.38 -7.56 -16.91
C ALA F 216 43.30 -8.78 -17.05
N THR F 217 43.69 -9.36 -15.91
CA THR F 217 44.53 -10.57 -15.84
C THR F 217 43.90 -11.80 -16.50
N LYS F 218 42.65 -12.08 -16.21
CA LYS F 218 41.95 -13.24 -16.81
C LYS F 218 41.35 -12.94 -18.17
N GLY F 219 41.34 -11.67 -18.57
CA GLY F 219 40.77 -11.28 -19.86
C GLY F 219 39.25 -11.33 -19.91
N VAL F 220 38.59 -11.11 -18.77
CA VAL F 220 37.13 -11.10 -18.72
C VAL F 220 36.65 -9.84 -19.44
N ILE F 221 35.73 -10.02 -20.40
CA ILE F 221 35.16 -8.89 -21.11
C ILE F 221 33.94 -8.39 -20.34
N ILE F 222 33.90 -7.08 -20.06
CA ILE F 222 32.80 -6.41 -19.39
C ILE F 222 32.19 -5.46 -20.40
N HIS F 223 30.90 -5.63 -20.70
CA HIS F 223 30.20 -4.75 -21.63
C HIS F 223 28.94 -4.24 -20.98
N ARG F 224 28.87 -2.92 -20.79
CA ARG F 224 27.67 -2.26 -20.28
C ARG F 224 26.66 -1.97 -21.40
N THR F 225 25.39 -2.24 -21.17
CA THR F 225 24.31 -1.77 -22.06
C THR F 225 23.23 -1.14 -21.20
N HIS F 226 22.31 -0.46 -21.86
CA HIS F 226 21.11 0.01 -21.18
C HIS F 226 19.85 -0.73 -21.65
N ALA F 227 20.02 -1.72 -22.52
CA ALA F 227 18.90 -2.52 -23.00
C ALA F 227 19.35 -3.96 -23.21
N LEU F 228 18.37 -4.88 -23.17
CA LEU F 228 18.60 -6.27 -23.61
C LEU F 228 18.70 -6.34 -25.13
N THR F 229 19.86 -6.00 -25.65
CA THR F 229 20.07 -5.99 -27.09
C THR F 229 20.05 -7.42 -27.64
N ASP F 230 19.93 -7.52 -28.97
CA ASP F 230 19.95 -8.80 -29.65
C ASP F 230 21.28 -9.49 -29.36
N GLU F 231 22.35 -8.71 -29.30
CA GLU F 231 23.68 -9.23 -28.97
C GLU F 231 23.71 -9.93 -27.60
N VAL F 232 23.11 -9.27 -26.60
CA VAL F 232 23.04 -9.82 -25.25
C VAL F 232 22.23 -11.13 -25.30
N MET F 233 21.06 -11.09 -25.95
CA MET F 233 20.20 -12.28 -26.09
C MET F 233 20.88 -13.43 -26.84
N GLN F 234 21.59 -13.11 -27.92
CA GLN F 234 22.22 -14.14 -28.74
C GLN F 234 23.43 -14.78 -28.11
N LYS F 235 24.21 -14.02 -27.34
CA LYS F 235 25.49 -14.50 -26.80
C LYS F 235 25.46 -15.02 -25.36
N SER F 236 24.43 -14.66 -24.58
CA SER F 236 24.44 -14.99 -23.15
C SER F 236 24.07 -16.46 -22.89
N ASP F 237 24.89 -17.16 -22.12
CA ASP F 237 24.56 -18.48 -21.58
C ASP F 237 23.63 -18.37 -20.37
N VAL F 238 23.74 -17.26 -19.63
CA VAL F 238 22.91 -16.99 -18.47
C VAL F 238 22.37 -15.57 -18.57
N LEU F 239 21.05 -15.44 -18.49
CA LEU F 239 20.41 -14.16 -18.28
C LEU F 239 19.94 -14.13 -16.83
N TYR F 240 20.63 -13.34 -16.00
CA TYR F 240 20.33 -13.21 -14.58
C TYR F 240 19.68 -11.85 -14.35
N THR F 241 18.38 -11.84 -14.13
CA THR F 241 17.65 -10.59 -13.99
C THR F 241 17.15 -10.35 -12.56
N THR F 242 16.82 -9.09 -12.27
CA THR F 242 16.51 -8.64 -10.91
C THR F 242 15.37 -7.65 -10.90
N ARG F 243 14.78 -7.55 -9.73
CA ARG F 243 13.69 -6.65 -9.45
C ARG F 243 14.26 -5.31 -9.05
N LEU F 244 13.61 -4.25 -9.51
CA LEU F 244 13.93 -2.90 -9.08
C LEU F 244 13.72 -2.80 -7.56
N GLN F 245 14.74 -2.33 -6.84
CA GLN F 245 14.67 -2.22 -5.39
C GLN F 245 13.76 -1.01 -5.13
N LYS F 246 12.47 -1.31 -5.00
CA LYS F 246 11.41 -0.37 -5.37
C LYS F 246 11.08 0.67 -4.31
N GLU F 247 11.88 0.75 -3.24
CA GLU F 247 11.55 1.55 -2.08
C GLU F 247 12.57 2.68 -1.76
N ARG F 248 13.52 2.94 -2.66
CA ARG F 248 14.39 4.13 -2.58
C ARG F 248 13.52 5.37 -2.86
N PHE F 249 12.52 5.18 -3.73
CA PHE F 249 11.75 6.24 -4.34
C PHE F 249 10.52 6.54 -3.47
N ALA F 257 5.58 6.07 -9.85
CA ALA F 257 4.80 4.93 -9.38
C ALA F 257 4.45 3.99 -10.53
N ALA F 258 3.82 4.55 -11.56
CA ALA F 258 3.60 3.85 -12.83
C ALA F 258 4.91 3.63 -13.60
N ALA F 259 5.84 4.59 -13.52
CA ALA F 259 7.16 4.47 -14.15
C ALA F 259 8.12 3.47 -13.46
N LEU F 260 7.80 3.07 -12.22
CA LEU F 260 8.59 2.07 -11.47
C LEU F 260 8.18 0.63 -11.81
N GLN F 261 6.88 0.40 -12.03
CA GLN F 261 6.40 -0.86 -12.63
C GLN F 261 6.91 -0.99 -14.06
N SER F 262 6.62 0.04 -14.86
CA SER F 262 7.05 0.13 -16.26
C SER F 262 8.57 0.08 -16.47
N PHE F 263 9.34 0.56 -15.49
CA PHE F 263 10.82 0.59 -15.53
C PHE F 263 11.49 -0.45 -16.45
N ALA F 264 11.08 -1.72 -16.34
CA ALA F 264 11.64 -2.80 -17.18
C ALA F 264 11.25 -2.67 -18.67
N ALA F 265 9.95 -2.50 -18.90
CA ALA F 265 9.42 -2.21 -20.25
C ALA F 265 9.89 -0.85 -20.77
N LYS F 266 10.04 0.11 -19.85
CA LYS F 266 10.52 1.46 -20.13
C LYS F 266 12.02 1.43 -20.50
N ALA F 267 12.82 0.71 -19.71
CA ALA F 267 14.26 0.57 -19.94
C ALA F 267 14.62 -0.44 -21.02
N ASP F 268 13.63 -1.16 -21.57
CA ASP F 268 13.83 -2.17 -22.60
C ASP F 268 14.69 -3.36 -22.10
N ILE F 269 14.39 -3.81 -20.87
CA ILE F 269 15.07 -4.97 -20.26
C ILE F 269 14.11 -6.11 -19.88
N THR F 270 12.85 -6.06 -20.31
CA THR F 270 11.90 -7.14 -20.03
C THR F 270 12.28 -8.43 -20.75
N ILE F 271 12.25 -9.54 -20.01
CA ILE F 271 12.35 -10.86 -20.59
C ILE F 271 10.93 -11.40 -20.62
N ASP F 272 10.41 -11.59 -21.83
CA ASP F 272 9.15 -12.28 -22.07
C ASP F 272 9.37 -13.32 -23.19
N ALA F 273 8.34 -14.08 -23.57
CA ALA F 273 8.47 -15.14 -24.56
C ALA F 273 8.91 -14.58 -25.93
N ALA F 274 8.43 -13.39 -26.26
CA ALA F 274 8.86 -12.66 -27.48
C ALA F 274 10.37 -12.44 -27.49
N ARG F 275 10.93 -11.89 -26.41
CA ARG F 275 12.38 -11.71 -26.29
C ARG F 275 13.14 -13.04 -26.34
N MET F 276 12.61 -14.08 -25.70
CA MET F 276 13.29 -15.40 -25.63
C MET F 276 13.41 -16.10 -26.99
N ARG F 277 12.66 -15.67 -27.99
CA ARG F 277 12.90 -16.16 -29.37
C ARG F 277 14.32 -15.91 -29.88
N LEU F 278 14.96 -14.84 -29.41
CA LEU F 278 16.35 -14.52 -29.75
C LEU F 278 17.41 -15.30 -28.95
N ALA F 279 17.01 -16.02 -27.90
CA ALA F 279 17.97 -16.66 -27.00
C ALA F 279 18.56 -17.89 -27.63
N LYS F 280 19.69 -18.33 -27.10
CA LYS F 280 20.25 -19.63 -27.47
C LYS F 280 19.36 -20.78 -27.01
N GLU F 281 19.57 -21.94 -27.60
CA GLU F 281 18.91 -23.19 -27.17
C GLU F 281 19.40 -23.59 -25.79
N LYS F 282 20.73 -23.67 -25.67
CA LYS F 282 21.37 -24.00 -24.41
C LYS F 282 21.71 -22.73 -23.60
N MET F 283 20.78 -22.34 -22.74
CA MET F 283 21.01 -21.25 -21.78
C MET F 283 19.95 -21.31 -20.67
N ILE F 284 20.17 -20.54 -19.60
CA ILE F 284 19.14 -20.43 -18.57
C ILE F 284 18.83 -19.00 -18.20
N VAL F 285 17.55 -18.78 -17.85
CA VAL F 285 17.08 -17.54 -17.26
C VAL F 285 17.03 -17.74 -15.75
N MET F 286 17.65 -16.83 -15.00
CA MET F 286 17.69 -16.87 -13.54
C MET F 286 17.15 -15.56 -12.97
N HIS F 287 16.70 -15.61 -11.72
CA HIS F 287 16.17 -14.46 -10.99
C HIS F 287 16.14 -14.86 -9.52
N PRO F 288 16.80 -14.10 -8.62
CA PRO F 288 16.82 -14.50 -7.19
C PRO F 288 15.42 -14.49 -6.55
N LEU F 289 14.56 -13.64 -7.07
CA LEU F 289 13.15 -13.50 -6.70
C LEU F 289 13.05 -12.70 -5.36
N PRO F 290 11.89 -12.12 -5.03
CA PRO F 290 10.70 -12.02 -5.89
C PRO F 290 10.89 -11.19 -7.15
N ARG F 291 10.03 -11.47 -8.14
CA ARG F 291 10.03 -10.74 -9.41
C ARG F 291 8.85 -9.77 -9.51
N ASN F 292 9.04 -8.69 -10.27
CA ASN F 292 7.89 -7.93 -10.81
C ASN F 292 7.80 -8.17 -12.33
N ASP F 293 7.49 -7.14 -13.11
CA ASP F 293 7.16 -7.33 -14.52
C ASP F 293 8.40 -7.44 -15.44
N GLU F 294 9.61 -7.27 -14.87
CA GLU F 294 10.86 -7.53 -15.63
C GLU F 294 10.98 -8.97 -16.19
N LEU F 295 10.30 -9.93 -15.55
CA LEU F 295 10.35 -11.34 -15.95
C LEU F 295 8.91 -11.85 -16.07
N SER F 296 8.45 -11.96 -17.33
CA SER F 296 7.06 -12.27 -17.63
C SER F 296 6.73 -13.73 -17.29
N THR F 297 5.48 -13.93 -16.88
CA THR F 297 4.97 -15.29 -16.67
C THR F 297 4.91 -16.08 -17.96
N THR F 298 4.92 -15.41 -19.12
CA THR F 298 5.03 -16.09 -20.43
C THR F 298 6.31 -16.94 -20.60
N VAL F 299 7.34 -16.68 -19.80
CA VAL F 299 8.60 -17.44 -19.82
C VAL F 299 8.57 -18.70 -18.94
N ASP F 300 7.59 -18.80 -18.03
CA ASP F 300 7.65 -19.82 -16.97
C ASP F 300 7.60 -21.27 -17.47
N ALA F 301 6.87 -21.52 -18.55
CA ALA F 301 6.82 -22.85 -19.18
C ALA F 301 8.09 -23.24 -19.92
N ASP F 302 8.92 -22.26 -20.30
CA ASP F 302 10.12 -22.54 -21.10
C ASP F 302 11.09 -23.40 -20.30
N PRO F 303 11.66 -24.47 -20.90
CA PRO F 303 12.66 -25.29 -20.21
C PRO F 303 13.85 -24.49 -19.66
N ARG F 304 14.19 -23.41 -20.36
CA ARG F 304 15.31 -22.53 -20.00
C ARG F 304 15.04 -21.67 -18.73
N ALA F 305 13.76 -21.49 -18.38
CA ALA F 305 13.38 -20.87 -17.11
C ALA F 305 13.87 -21.68 -15.90
N ALA F 306 15.00 -21.26 -15.34
CA ALA F 306 15.66 -21.96 -14.24
C ALA F 306 15.35 -21.36 -12.84
N TYR F 307 14.56 -20.31 -12.79
CA TYR F 307 14.38 -19.50 -11.56
C TYR F 307 13.55 -20.14 -10.46
N PHE F 308 12.69 -21.11 -10.80
CA PHE F 308 12.05 -21.88 -9.74
C PHE F 308 12.97 -22.98 -9.23
N ARG F 309 13.64 -23.70 -10.14
CA ARG F 309 14.62 -24.73 -9.77
C ARG F 309 15.77 -24.14 -8.92
N GLN F 310 16.14 -22.91 -9.27
CA GLN F 310 17.09 -22.10 -8.52
C GLN F 310 16.81 -22.09 -7.01
N MET F 311 15.53 -21.91 -6.63
CA MET F 311 15.16 -21.94 -5.22
C MET F 311 15.42 -23.31 -4.57
N ARG F 312 15.24 -24.40 -5.31
CA ARG F 312 15.52 -25.76 -4.76
C ARG F 312 17.01 -26.03 -4.62
N TYR F 313 17.80 -25.63 -5.61
CA TYR F 313 19.26 -25.66 -5.47
C TYR F 313 19.69 -24.85 -4.24
N GLY F 314 19.03 -23.71 -4.01
CA GLY F 314 19.21 -22.90 -2.80
C GLY F 314 19.04 -23.65 -1.49
N MET F 315 18.01 -24.49 -1.41
CA MET F 315 17.85 -25.28 -0.18
C MET F 315 19.06 -26.18 0.04
N PHE F 316 19.54 -26.83 -1.01
CA PHE F 316 20.65 -27.78 -0.86
C PHE F 316 21.97 -27.09 -0.60
N MET F 317 22.20 -25.95 -1.26
CA MET F 317 23.38 -25.13 -0.97
C MET F 317 23.41 -24.63 0.48
N ARG F 318 22.28 -24.18 0.98
CA ARG F 318 22.17 -23.78 2.39
C ARG F 318 22.39 -24.92 3.36
N MET F 319 21.89 -26.09 3.02
CA MET F 319 22.21 -27.28 3.81
C MET F 319 23.72 -27.53 3.84
N ALA F 320 24.37 -27.40 2.68
CA ALA F 320 25.82 -27.61 2.59
C ALA F 320 26.59 -26.57 3.41
N ILE F 321 26.12 -25.31 3.35
CA ILE F 321 26.71 -24.26 4.13
C ILE F 321 26.55 -24.49 5.65
N LEU F 322 25.33 -24.74 6.09
CA LEU F 322 25.05 -24.90 7.54
C LEU F 322 25.82 -26.07 8.14
N TRP F 323 25.83 -27.20 7.44
CA TRP F 323 26.58 -28.37 7.87
C TRP F 323 28.07 -28.06 7.96
N SER F 324 28.61 -27.40 6.94
CA SER F 324 30.01 -27.01 6.90
C SER F 324 30.33 -26.04 8.02
N VAL F 325 29.49 -25.03 8.24
CA VAL F 325 29.73 -24.07 9.32
C VAL F 325 29.68 -24.75 10.70
N LEU F 326 28.66 -25.57 10.92
CA LEU F 326 28.37 -26.11 12.25
C LEU F 326 28.96 -27.51 12.54
N ALA F 327 29.63 -28.13 11.57
CA ALA F 327 30.20 -29.49 11.78
C ALA F 327 31.24 -29.52 12.88
#